data_6PHE
#
_entry.id   6PHE
#
_cell.length_a   167.590
_cell.length_b   167.590
_cell.length_c   159.900
_cell.angle_alpha   90.000
_cell.angle_beta   90.000
_cell.angle_gamma   90.000
#
_symmetry.space_group_name_H-M   'P 43 21 2'
#
loop_
_entity.id
_entity.type
_entity.pdbx_description
1 polymer 'Methylglyoxal synthase'
2 non-polymer 'PHOSPHATE ION'
3 non-polymer (4S)-2-METHYL-2,4-PENTANEDIOL
4 water water
#
_entity_poly.entity_id   1
_entity_poly.type   'polypeptide(L)'
_entity_poly.pdbx_seq_one_letter_code
;MAHHHHHHMKSIRTLPERKTIALVAHDHKKDDLVRWVQKHAGKLTKHNLIATGTTGKLIEEDLGVEVKRVMSGPLGGDQQ
LGSMIAQRQIDIVIFFWDPMEAQPHDSDVKAFIRLCVVWNTPMACDSATADFILSSPFMETEYQAEIPDYDGYLKRNIPE
A
;
_entity_poly.pdbx_strand_id   A,B,C,D,E,F,G,H,I,J,K,L
#
# COMPACT_ATOMS: atom_id res chain seq x y z
N SER A 11 -2.44 23.99 33.19
CA SER A 11 -1.81 22.67 33.17
C SER A 11 -1.34 22.29 31.75
N ILE A 12 -0.36 21.38 31.68
CA ILE A 12 0.34 21.05 30.45
C ILE A 12 0.31 19.54 30.24
N ARG A 13 0.10 19.12 28.99
CA ARG A 13 0.27 17.74 28.58
C ARG A 13 1.35 17.67 27.50
N THR A 14 2.06 16.55 27.45
CA THR A 14 3.13 16.35 26.48
C THR A 14 2.79 15.17 25.60
N LEU A 15 2.64 15.43 24.31
CA LEU A 15 2.48 14.34 23.34
C LEU A 15 3.84 13.70 23.10
N PRO A 16 3.94 12.38 23.14
CA PRO A 16 5.24 11.74 22.96
C PRO A 16 5.72 11.79 21.52
N GLU A 17 7.03 11.52 21.38
CA GLU A 17 7.68 11.44 20.07
C GLU A 17 6.93 10.53 19.11
N ARG A 18 6.68 9.30 19.53
CA ARG A 18 5.91 8.36 18.71
C ARG A 18 4.46 8.47 19.12
N LYS A 19 3.60 8.83 18.18
CA LYS A 19 2.20 9.11 18.47
C LYS A 19 1.36 7.83 18.42
N THR A 20 0.29 7.83 19.20
CA THR A 20 -0.80 6.87 19.03
C THR A 20 -1.94 7.60 18.32
N ILE A 21 -2.29 7.11 17.14
CA ILE A 21 -3.21 7.80 16.22
C ILE A 21 -4.45 6.94 16.06
N ALA A 22 -5.61 7.50 16.41
CA ALA A 22 -6.88 6.83 16.19
C ALA A 22 -7.37 7.11 14.77
N LEU A 23 -7.87 6.07 14.11
CA LEU A 23 -8.39 6.16 12.75
C LEU A 23 -9.83 5.65 12.76
N VAL A 24 -10.77 6.53 12.42
CA VAL A 24 -12.20 6.23 12.46
C VAL A 24 -12.84 6.86 11.23
N ALA A 25 -13.77 6.14 10.60
CA ALA A 25 -14.51 6.70 9.46
C ALA A 25 -15.96 6.26 9.49
N HIS A 26 -16.87 7.20 9.20
CA HIS A 26 -18.25 6.86 8.87
C HIS A 26 -18.27 5.97 7.62
N ASP A 27 -19.37 5.22 7.43
CA ASP A 27 -19.39 4.19 6.39
C ASP A 27 -19.08 4.77 5.01
N HIS A 28 -19.70 5.90 4.66
CA HIS A 28 -19.47 6.47 3.33
C HIS A 28 -18.12 7.18 3.20
N LYS A 29 -17.32 7.24 4.26
CA LYS A 29 -15.99 7.81 4.21
C LYS A 29 -14.90 6.77 4.43
N LYS A 30 -15.27 5.50 4.58
CA LYS A 30 -14.27 4.47 4.89
C LYS A 30 -13.27 4.31 3.76
N ASP A 31 -13.73 4.26 2.50
CA ASP A 31 -12.79 4.14 1.39
C ASP A 31 -11.86 5.35 1.30
N ASP A 32 -12.40 6.57 1.53
CA ASP A 32 -11.54 7.76 1.59
C ASP A 32 -10.48 7.62 2.67
N LEU A 33 -10.86 7.13 3.85
CA LEU A 33 -9.86 6.99 4.91
C LEU A 33 -8.80 5.96 4.52
N VAL A 34 -9.22 4.84 3.92
CA VAL A 34 -8.25 3.84 3.49
C VAL A 34 -7.27 4.44 2.48
N ARG A 35 -7.79 5.20 1.50
CA ARG A 35 -6.93 5.86 0.52
CA ARG A 35 -6.92 5.84 0.53
C ARG A 35 -5.97 6.84 1.19
N TRP A 36 -6.45 7.55 2.21
CA TRP A 36 -5.60 8.49 2.92
C TRP A 36 -4.48 7.77 3.66
N VAL A 37 -4.81 6.68 4.35
CA VAL A 37 -3.78 5.87 5.01
C VAL A 37 -2.78 5.33 3.98
N GLN A 38 -3.29 4.87 2.83
CA GLN A 38 -2.40 4.36 1.78
C GLN A 38 -1.46 5.44 1.29
N LYS A 39 -1.97 6.65 1.07
CA LYS A 39 -1.13 7.71 0.54
C LYS A 39 -0.07 8.17 1.56
N HIS A 40 -0.36 8.02 2.85
CA HIS A 40 0.55 8.48 3.90
C HIS A 40 1.14 7.32 4.69
N ALA A 41 1.19 6.12 4.10
CA ALA A 41 1.57 4.92 4.85
C ALA A 41 2.98 5.04 5.43
N GLY A 42 3.92 5.57 4.67
CA GLY A 42 5.30 5.67 5.16
C GLY A 42 5.38 6.49 6.44
N LYS A 43 4.69 7.64 6.46
CA LYS A 43 4.70 8.50 7.64
C LYS A 43 3.92 7.86 8.79
N LEU A 44 2.80 7.20 8.50
CA LEU A 44 1.90 6.73 9.53
C LEU A 44 2.42 5.50 10.27
N THR A 45 3.08 4.58 9.56
CA THR A 45 3.49 3.35 10.22
C THR A 45 4.66 3.55 11.18
N LYS A 46 5.24 4.75 11.23
CA LYS A 46 6.15 5.10 12.30
C LYS A 46 5.43 5.29 13.64
N HIS A 47 4.11 5.31 13.64
CA HIS A 47 3.32 5.57 14.84
C HIS A 47 2.49 4.35 15.20
N ASN A 48 1.84 4.41 16.36
CA ASN A 48 0.92 3.36 16.80
CA ASN A 48 0.92 3.36 16.80
C ASN A 48 -0.46 3.69 16.28
N LEU A 49 -1.04 2.79 15.49
CA LEU A 49 -2.35 3.01 14.89
C LEU A 49 -3.40 2.18 15.60
N ILE A 50 -4.54 2.78 15.87
CA ILE A 50 -5.66 2.10 16.50
C ILE A 50 -6.93 2.58 15.82
N ALA A 51 -7.93 1.71 15.74
CA ALA A 51 -9.14 2.04 15.00
C ALA A 51 -10.34 1.32 15.59
N THR A 52 -11.53 1.85 15.30
CA THR A 52 -12.74 1.08 15.54
C THR A 52 -12.73 -0.18 14.67
N GLY A 53 -13.56 -1.12 15.06
CA GLY A 53 -13.54 -2.47 14.51
C GLY A 53 -13.60 -2.58 12.99
N THR A 54 -14.62 -1.98 12.36
CA THR A 54 -14.78 -2.17 10.92
C THR A 54 -13.72 -1.38 10.15
N THR A 55 -13.50 -0.13 10.53
CA THR A 55 -12.45 0.69 9.91
C THR A 55 -11.08 0.01 9.98
N GLY A 56 -10.70 -0.46 11.17
CA GLY A 56 -9.41 -1.12 11.31
C GLY A 56 -9.31 -2.40 10.50
N LYS A 57 -10.38 -3.19 10.49
CA LYS A 57 -10.40 -4.40 9.67
C LYS A 57 -10.19 -4.07 8.20
N LEU A 58 -10.82 -3.01 7.73
CA LEU A 58 -10.70 -2.63 6.33
C LEU A 58 -9.28 -2.16 6.00
N ILE A 59 -8.66 -1.40 6.90
CA ILE A 59 -7.29 -0.94 6.65
C ILE A 59 -6.35 -2.13 6.58
N GLU A 60 -6.47 -3.06 7.53
CA GLU A 60 -5.58 -4.21 7.57
C GLU A 60 -5.79 -5.11 6.36
N GLU A 61 -7.04 -5.32 5.96
CA GLU A 61 -7.28 -6.22 4.84
C GLU A 61 -6.91 -5.57 3.52
N ASP A 62 -7.22 -4.29 3.34
CA ASP A 62 -6.97 -3.65 2.06
C ASP A 62 -5.51 -3.27 1.87
N LEU A 63 -4.82 -2.91 2.94
CA LEU A 63 -3.48 -2.37 2.81
C LEU A 63 -2.39 -3.22 3.44
N GLY A 64 -2.74 -4.19 4.31
CA GLY A 64 -1.72 -4.90 5.05
C GLY A 64 -0.98 -4.07 6.06
N VAL A 65 -1.56 -2.94 6.47
CA VAL A 65 -1.01 -2.07 7.50
C VAL A 65 -1.53 -2.52 8.85
N GLU A 66 -0.63 -2.61 9.83
CA GLU A 66 -0.99 -3.07 11.17
C GLU A 66 -1.77 -1.97 11.90
N VAL A 67 -2.94 -2.33 12.42
CA VAL A 67 -3.80 -1.40 13.15
C VAL A 67 -4.45 -2.17 14.28
N LYS A 68 -4.27 -1.70 15.52
CA LYS A 68 -5.01 -2.28 16.64
C LYS A 68 -6.49 -1.93 16.52
N ARG A 69 -7.36 -2.90 16.79
CA ARG A 69 -8.79 -2.73 16.57
C ARG A 69 -9.52 -2.82 17.91
N VAL A 70 -10.40 -1.85 18.20
CA VAL A 70 -11.36 -1.98 19.29
C VAL A 70 -12.69 -2.43 18.70
N MET A 71 -13.76 -2.38 19.50
CA MET A 71 -15.06 -2.78 18.99
C MET A 71 -15.50 -1.82 17.88
N SER A 72 -16.53 -2.22 17.15
CA SER A 72 -17.14 -1.32 16.19
C SER A 72 -17.66 -0.08 16.92
N GLY A 73 -17.52 1.09 16.28
CA GLY A 73 -17.87 2.36 16.87
C GLY A 73 -19.20 2.38 17.63
N PRO A 74 -20.30 2.13 16.94
CA PRO A 74 -21.62 2.22 17.60
C PRO A 74 -21.91 1.08 18.57
N LEU A 75 -21.06 0.04 18.64
CA LEU A 75 -21.22 -1.03 19.61
C LEU A 75 -20.39 -0.82 20.86
N GLY A 76 -19.68 0.30 20.96
CA GLY A 76 -18.85 0.56 22.12
C GLY A 76 -17.45 1.02 21.77
N GLY A 77 -17.05 0.85 20.51
CA GLY A 77 -15.72 1.28 20.09
C GLY A 77 -15.51 2.77 20.25
N ASP A 78 -16.55 3.57 19.97
CA ASP A 78 -16.49 5.00 20.24
C ASP A 78 -16.08 5.28 21.69
N GLN A 79 -16.71 4.57 22.64
CA GLN A 79 -16.41 4.80 24.05
C GLN A 79 -15.06 4.25 24.43
N GLN A 80 -14.65 3.15 23.83
CA GLN A 80 -13.31 2.63 24.13
C GLN A 80 -12.24 3.63 23.69
N LEU A 81 -12.36 4.17 22.48
CA LEU A 81 -11.40 5.17 22.02
C LEU A 81 -11.54 6.45 22.85
N GLY A 82 -12.77 6.86 23.17
CA GLY A 82 -12.95 8.02 24.01
C GLY A 82 -12.28 7.86 25.37
N SER A 83 -12.36 6.68 25.96
CA SER A 83 -11.70 6.44 27.23
CA SER A 83 -11.69 6.41 27.23
C SER A 83 -10.19 6.63 27.10
N MET A 84 -9.61 6.12 26.02
CA MET A 84 -8.17 6.26 25.80
C MET A 84 -7.78 7.70 25.53
N ILE A 85 -8.63 8.45 24.81
CA ILE A 85 -8.39 9.90 24.66
C ILE A 85 -8.35 10.58 26.02
N ALA A 86 -9.38 10.35 26.85
CA ALA A 86 -9.45 10.96 28.18
C ALA A 86 -8.31 10.51 29.08
N GLN A 87 -7.80 9.29 28.87
CA GLN A 87 -6.66 8.80 29.62
C GLN A 87 -5.34 9.18 28.95
N ARG A 88 -5.42 10.00 27.88
CA ARG A 88 -4.24 10.51 27.18
C ARG A 88 -3.38 9.37 26.63
N GLN A 89 -4.02 8.27 26.24
CA GLN A 89 -3.36 7.15 25.59
C GLN A 89 -3.44 7.24 24.09
N ILE A 90 -4.26 8.14 23.56
CA ILE A 90 -4.31 8.45 22.15
C ILE A 90 -3.90 9.91 22.01
N ASP A 91 -2.99 10.19 21.07
CA ASP A 91 -2.41 11.52 20.91
C ASP A 91 -3.00 12.30 19.75
N ILE A 92 -3.47 11.60 18.72
CA ILE A 92 -4.00 12.22 17.51
CA ILE A 92 -3.98 12.20 17.49
C ILE A 92 -5.22 11.43 17.07
N VAL A 93 -6.27 12.14 16.67
CA VAL A 93 -7.52 11.51 16.21
C VAL A 93 -7.77 11.95 14.78
N ILE A 94 -7.90 10.98 13.88
CA ILE A 94 -8.32 11.18 12.50
C ILE A 94 -9.71 10.55 12.37
N PHE A 95 -10.73 11.38 12.21
CA PHE A 95 -12.13 10.94 12.19
C PHE A 95 -12.78 11.49 10.93
N PHE A 96 -12.88 10.68 9.87
CA PHE A 96 -13.52 11.14 8.63
C PHE A 96 -15.02 10.96 8.79
N TRP A 97 -15.74 12.00 9.19
CA TRP A 97 -17.17 11.76 9.29
C TRP A 97 -17.90 12.29 8.06
N ASP A 98 -19.13 11.82 7.92
CA ASP A 98 -19.89 11.99 6.70
C ASP A 98 -20.89 13.11 6.90
N PRO A 99 -20.70 14.27 6.27
CA PRO A 99 -21.61 15.41 6.51
C PRO A 99 -22.87 15.38 5.65
N MET A 100 -23.01 14.38 4.78
CA MET A 100 -24.12 14.32 3.83
C MET A 100 -24.97 13.08 3.99
N GLU A 101 -24.36 11.90 4.18
CA GLU A 101 -25.18 10.70 4.24
CA GLU A 101 -25.07 10.63 4.18
C GLU A 101 -24.87 9.86 5.47
N ALA A 102 -24.62 10.53 6.60
CA ALA A 102 -24.38 9.79 7.85
C ALA A 102 -25.57 8.90 8.16
N GLN A 103 -25.29 7.62 8.46
CA GLN A 103 -26.29 6.58 8.63
C GLN A 103 -26.76 6.51 10.09
N PRO A 104 -27.92 5.89 10.35
CA PRO A 104 -28.37 5.76 11.75
C PRO A 104 -27.32 5.15 12.69
N HIS A 105 -26.52 4.19 12.22
CA HIS A 105 -25.54 3.53 13.07
C HIS A 105 -24.16 4.20 13.03
N ASP A 106 -23.95 5.26 12.26
CA ASP A 106 -22.62 5.85 12.20
C ASP A 106 -22.23 6.46 13.55
N SER A 107 -20.94 6.33 13.89
CA SER A 107 -20.40 6.88 15.15
C SER A 107 -20.88 8.31 15.37
N ASP A 108 -21.35 8.61 16.58
CA ASP A 108 -21.91 9.93 16.86
CA ASP A 108 -21.91 9.93 16.81
C ASP A 108 -20.79 10.97 16.89
N VAL A 109 -20.95 12.02 16.09
CA VAL A 109 -19.87 12.96 15.80
C VAL A 109 -19.53 13.80 17.02
N LYS A 110 -20.54 14.47 17.59
CA LYS A 110 -20.30 15.45 18.64
C LYS A 110 -19.61 14.81 19.85
N ALA A 111 -20.16 13.70 20.36
CA ALA A 111 -19.59 13.10 21.57
C ALA A 111 -18.15 12.68 21.35
N PHE A 112 -17.81 12.23 20.14
CA PHE A 112 -16.45 11.78 19.90
C PHE A 112 -15.49 12.96 19.87
N ILE A 113 -15.87 14.05 19.18
CA ILE A 113 -14.94 15.16 19.07
CA ILE A 113 -15.04 15.24 19.01
C ILE A 113 -14.95 16.06 20.30
N ARG A 114 -16.02 16.07 21.09
CA ARG A 114 -16.00 16.96 22.26
CA ARG A 114 -16.04 16.91 22.28
C ARG A 114 -14.93 16.53 23.26
N LEU A 115 -14.66 15.24 23.38
CA LEU A 115 -13.65 14.78 24.30
C LEU A 115 -12.23 15.16 23.85
N CYS A 116 -11.98 15.22 22.53
CA CYS A 116 -10.71 15.79 22.05
C CYS A 116 -10.57 17.25 22.43
N VAL A 117 -11.66 18.01 22.32
CA VAL A 117 -11.59 19.41 22.72
C VAL A 117 -11.40 19.53 24.22
N VAL A 118 -12.05 18.65 25.00
CA VAL A 118 -11.88 18.70 26.46
C VAL A 118 -10.40 18.60 26.81
N TRP A 119 -9.66 17.70 26.16
CA TRP A 119 -8.28 17.45 26.53
C TRP A 119 -7.28 18.04 25.55
N ASN A 120 -7.75 18.92 24.65
CA ASN A 120 -6.88 19.61 23.69
C ASN A 120 -6.02 18.61 22.91
N THR A 121 -6.68 17.60 22.33
CA THR A 121 -6.11 16.57 21.48
C THR A 121 -6.15 17.02 20.02
N PRO A 122 -5.05 16.94 19.27
CA PRO A 122 -5.11 17.21 17.83
C PRO A 122 -6.10 16.28 17.13
N MET A 123 -6.99 16.87 16.33
CA MET A 123 -8.03 16.05 15.74
C MET A 123 -8.38 16.55 14.35
N ALA A 124 -8.51 15.62 13.40
CA ALA A 124 -8.91 15.95 12.05
C ALA A 124 -10.27 15.33 11.77
N CYS A 125 -11.16 16.10 11.12
CA CYS A 125 -12.47 15.62 10.71
C CYS A 125 -12.58 15.46 9.21
N ASP A 126 -11.53 15.79 8.46
CA ASP A 126 -11.53 15.61 7.03
C ASP A 126 -10.07 15.46 6.60
N SER A 127 -9.87 15.09 5.33
CA SER A 127 -8.51 14.76 4.89
C SER A 127 -7.62 15.99 4.76
N ALA A 128 -8.19 17.17 4.50
CA ALA A 128 -7.35 18.36 4.44
C ALA A 128 -6.73 18.66 5.80
N THR A 129 -7.54 18.62 6.87
CA THR A 129 -6.99 18.81 8.21
C THR A 129 -5.98 17.70 8.51
N ALA A 130 -6.30 16.46 8.14
CA ALA A 130 -5.40 15.35 8.39
C ALA A 130 -4.08 15.56 7.66
N ASP A 131 -4.12 16.04 6.41
CA ASP A 131 -2.89 16.35 5.69
C ASP A 131 -2.07 17.42 6.41
N PHE A 132 -2.73 18.50 6.88
CA PHE A 132 -2.00 19.55 7.60
C PHE A 132 -1.38 19.02 8.90
N ILE A 133 -2.14 18.23 9.65
CA ILE A 133 -1.62 17.67 10.91
C ILE A 133 -0.41 16.78 10.63
N LEU A 134 -0.53 15.88 9.66
CA LEU A 134 0.52 14.92 9.39
C LEU A 134 1.78 15.60 8.88
N SER A 135 1.65 16.76 8.25
CA SER A 135 2.80 17.50 7.73
C SER A 135 3.49 18.35 8.79
N SER A 136 2.92 18.47 9.99
CA SER A 136 3.53 19.29 11.04
C SER A 136 4.82 18.66 11.55
N PRO A 137 5.85 19.47 11.86
CA PRO A 137 7.04 18.91 12.53
C PRO A 137 6.72 18.28 13.87
N PHE A 138 5.60 18.67 14.49
CA PHE A 138 5.20 18.07 15.76
C PHE A 138 4.78 16.60 15.62
N MET A 139 4.54 16.11 14.40
CA MET A 139 4.21 14.69 14.24
C MET A 139 5.28 13.79 14.82
N GLU A 140 6.55 14.16 14.64
CA GLU A 140 7.65 13.28 14.99
C GLU A 140 8.49 13.78 16.15
N THR A 141 8.06 14.82 16.85
CA THR A 141 8.73 15.30 18.05
C THR A 141 7.74 15.37 19.19
N GLU A 142 8.22 15.62 20.41
CA GLU A 142 7.28 15.91 21.47
C GLU A 142 6.60 17.27 21.23
N TYR A 143 5.38 17.40 21.71
CA TYR A 143 4.63 18.65 21.64
C TYR A 143 3.95 18.90 22.98
N GLN A 144 4.20 20.07 23.56
CA GLN A 144 3.58 20.43 24.83
C GLN A 144 2.30 21.23 24.56
N ALA A 145 1.18 20.64 24.95
CA ALA A 145 -0.15 21.23 24.77
C ALA A 145 -0.66 21.79 26.09
N GLU A 146 -1.18 23.01 26.05
CA GLU A 146 -1.89 23.55 27.20
C GLU A 146 -3.23 22.84 27.36
N ILE A 147 -3.59 22.48 28.59
CA ILE A 147 -4.89 21.84 28.77
CA ILE A 147 -4.85 21.78 28.85
C ILE A 147 -5.73 22.64 29.77
N PRO A 148 -7.05 22.61 29.61
CA PRO A 148 -7.91 23.40 30.50
C PRO A 148 -7.77 22.91 31.93
N ASP A 149 -7.86 23.86 32.87
CA ASP A 149 -7.81 23.54 34.28
C ASP A 149 -9.21 23.09 34.74
N TYR A 150 -9.34 21.82 35.14
CA TYR A 150 -10.61 21.28 35.61
C TYR A 150 -10.68 21.12 37.12
N ASP A 151 -9.69 21.65 37.86
CA ASP A 151 -9.73 21.50 39.32
C ASP A 151 -10.95 22.20 39.91
N GLY A 152 -11.23 23.41 39.44
CA GLY A 152 -12.42 24.11 39.92
C GLY A 152 -13.69 23.37 39.60
N TYR A 153 -13.78 22.81 38.39
CA TYR A 153 -14.95 22.00 38.06
C TYR A 153 -15.07 20.79 38.98
N LEU A 154 -13.96 20.09 39.25
CA LEU A 154 -14.02 18.88 40.07
C LEU A 154 -14.42 19.19 41.51
N LYS A 155 -14.11 20.40 42.00
CA LYS A 155 -14.46 20.78 43.36
C LYS A 155 -15.74 21.63 43.42
N ARG A 156 -16.53 21.64 42.34
CA ARG A 156 -17.71 22.50 42.29
C ARG A 156 -18.71 22.15 43.39
N ASN A 157 -19.45 23.15 43.84
CA ASN A 157 -20.53 22.92 44.78
C ASN A 157 -21.63 22.11 44.11
N ILE A 158 -22.16 21.15 44.84
CA ILE A 158 -23.25 20.30 44.37
C ILE A 158 -24.55 20.84 44.94
N PRO A 159 -25.54 21.19 44.11
CA PRO A 159 -26.79 21.76 44.63
C PRO A 159 -27.58 20.78 45.49
N GLU A 160 -28.49 21.33 46.29
CA GLU A 160 -29.27 20.51 47.22
C GLU A 160 -30.41 19.74 46.54
N ALA A 161 -30.79 20.15 45.34
CA ALA A 161 -31.85 19.47 44.58
C ALA A 161 -31.92 20.03 43.15
N LYS B 10 -13.04 13.37 -5.94
CA LYS B 10 -12.92 13.30 -7.39
C LYS B 10 -12.44 14.66 -7.93
N SER B 11 -13.12 15.72 -7.47
CA SER B 11 -12.79 17.10 -7.77
C SER B 11 -11.70 17.62 -6.83
N ILE B 12 -11.08 18.74 -7.21
CA ILE B 12 -9.97 19.35 -6.50
C ILE B 12 -10.33 20.80 -6.21
N ARG B 13 -10.01 21.27 -5.00
CA ARG B 13 -10.11 22.69 -4.65
C ARG B 13 -8.75 23.16 -4.18
N THR B 14 -8.17 24.14 -4.88
CA THR B 14 -6.84 24.63 -4.58
C THR B 14 -6.91 25.81 -3.62
N LEU B 15 -6.30 25.66 -2.45
CA LEU B 15 -6.16 26.77 -1.52
C LEU B 15 -5.03 27.70 -1.99
N PRO B 16 -5.23 29.01 -1.98
CA PRO B 16 -4.16 29.93 -2.43
C PRO B 16 -3.02 30.01 -1.41
N GLU B 17 -1.90 30.57 -1.86
CA GLU B 17 -0.72 30.71 -0.99
C GLU B 17 -1.04 31.58 0.23
N ARG B 18 -1.62 32.75 0.00
CA ARG B 18 -2.11 33.59 1.10
C ARG B 18 -3.52 33.15 1.46
N LYS B 19 -3.70 32.66 2.68
CA LYS B 19 -4.96 32.07 3.13
C LYS B 19 -5.88 33.14 3.72
N THR B 20 -7.18 32.88 3.67
CA THR B 20 -8.15 33.59 4.50
C THR B 20 -8.53 32.69 5.67
N ILE B 21 -8.31 33.17 6.89
CA ILE B 21 -8.44 32.37 8.09
C ILE B 21 -9.59 32.92 8.93
N ALA B 22 -10.59 32.09 9.22
CA ALA B 22 -11.66 32.47 10.12
C ALA B 22 -11.27 32.16 11.56
N LEU B 23 -11.56 33.10 12.45
CA LEU B 23 -11.27 32.98 13.88
C LEU B 23 -12.57 33.13 14.66
N VAL B 24 -12.97 32.09 15.39
CA VAL B 24 -14.25 32.06 16.11
C VAL B 24 -14.00 31.36 17.44
N ALA B 25 -14.60 31.88 18.52
CA ALA B 25 -14.51 31.27 19.84
C ALA B 25 -15.83 31.40 20.58
N HIS B 26 -16.25 30.32 21.24
CA HIS B 26 -17.29 30.41 22.25
C HIS B 26 -16.82 31.34 23.38
N ASP B 27 -17.78 31.84 24.16
CA ASP B 27 -17.48 32.89 25.13
C ASP B 27 -16.38 32.46 26.11
N HIS B 28 -16.47 31.23 26.65
CA HIS B 28 -15.47 30.78 27.63
C HIS B 28 -14.14 30.37 27.00
N LYS B 29 -14.01 30.43 25.68
CA LYS B 29 -12.76 30.14 24.98
C LYS B 29 -12.19 31.38 24.29
N LYS B 30 -12.85 32.53 24.42
CA LYS B 30 -12.39 33.72 23.70
C LYS B 30 -11.01 34.17 24.18
N ASP B 31 -10.78 34.20 25.48
CA ASP B 31 -9.47 34.57 25.99
C ASP B 31 -8.40 33.59 25.52
N ASP B 32 -8.72 32.30 25.49
CA ASP B 32 -7.79 31.32 24.94
C ASP B 32 -7.47 31.62 23.47
N LEU B 33 -8.49 31.95 22.67
CA LEU B 33 -8.25 32.26 21.27
C LEU B 33 -7.41 33.52 21.13
N VAL B 34 -7.70 34.56 21.93
CA VAL B 34 -6.90 35.77 21.86
C VAL B 34 -5.45 35.48 22.21
N ARG B 35 -5.21 34.66 23.25
CA ARG B 35 -3.85 34.30 23.60
C ARG B 35 -3.18 33.54 22.45
N TRP B 36 -3.95 32.67 21.78
CA TRP B 36 -3.39 31.92 20.65
C TRP B 36 -3.04 32.84 19.49
N VAL B 37 -3.94 33.78 19.16
CA VAL B 37 -3.64 34.74 18.09
C VAL B 37 -2.40 35.54 18.43
N GLN B 38 -2.32 36.03 19.67
CA GLN B 38 -1.15 36.76 20.10
C GLN B 38 0.12 35.93 19.93
N LYS B 39 0.08 34.65 20.32
CA LYS B 39 1.27 33.81 20.21
C LYS B 39 1.71 33.62 18.76
N HIS B 40 0.76 33.62 17.82
CA HIS B 40 1.03 33.42 16.41
C HIS B 40 0.81 34.68 15.57
N ALA B 41 0.87 35.86 16.18
CA ALA B 41 0.47 37.07 15.47
C ALA B 41 1.30 37.31 14.20
N GLY B 42 2.62 37.13 14.29
CA GLY B 42 3.47 37.35 13.12
C GLY B 42 3.07 36.46 11.96
N LYS B 43 2.82 35.18 12.22
CA LYS B 43 2.40 34.26 11.17
C LYS B 43 1.00 34.60 10.65
N LEU B 44 0.08 34.95 11.55
CA LEU B 44 -1.32 35.12 11.16
C LEU B 44 -1.51 36.38 10.33
N THR B 45 -0.77 37.44 10.65
CA THR B 45 -0.94 38.68 9.91
C THR B 45 -0.37 38.61 8.49
N LYS B 46 0.34 37.52 8.13
CA LYS B 46 0.66 37.27 6.73
C LYS B 46 -0.56 36.87 5.92
N HIS B 47 -1.68 36.56 6.57
CA HIS B 47 -2.89 36.03 5.93
C HIS B 47 -4.05 37.00 6.12
N ASN B 48 -5.17 36.68 5.51
CA ASN B 48 -6.39 37.47 5.67
C ASN B 48 -7.19 36.89 6.83
N LEU B 49 -7.48 37.72 7.81
CA LEU B 49 -8.15 37.27 9.02
C LEU B 49 -9.59 37.79 9.03
N ILE B 50 -10.52 36.91 9.39
CA ILE B 50 -11.92 37.26 9.51
C ILE B 50 -12.47 36.55 10.75
N ALA B 51 -13.44 37.16 11.41
CA ALA B 51 -13.94 36.63 12.68
C ALA B 51 -15.39 37.03 12.84
N THR B 52 -16.10 36.26 13.69
CA THR B 52 -17.39 36.71 14.16
C THR B 52 -17.25 38.00 14.97
N GLY B 53 -18.39 38.68 15.14
CA GLY B 53 -18.37 40.05 15.64
C GLY B 53 -17.65 40.23 16.97
N THR B 54 -18.04 39.47 17.99
CA THR B 54 -17.45 39.71 19.31
C THR B 54 -16.00 39.25 19.35
N THR B 55 -15.72 38.06 18.82
CA THR B 55 -14.35 37.53 18.78
C THR B 55 -13.40 38.51 18.09
N GLY B 56 -13.80 39.03 16.93
CA GLY B 56 -12.95 39.96 16.21
C GLY B 56 -12.76 41.26 16.97
N LYS B 57 -13.82 41.74 17.63
CA LYS B 57 -13.70 42.95 18.43
C LYS B 57 -12.67 42.75 19.53
N LEU B 58 -12.76 41.61 20.23
CA LEU B 58 -11.81 41.33 21.32
C LEU B 58 -10.38 41.21 20.79
N ILE B 59 -10.19 40.62 19.61
CA ILE B 59 -8.85 40.49 19.05
C ILE B 59 -8.27 41.86 18.74
N GLU B 60 -9.04 42.69 18.03
CA GLU B 60 -8.56 44.03 17.69
C GLU B 60 -8.30 44.86 18.95
N GLU B 61 -9.22 44.81 19.92
CA GLU B 61 -9.07 45.64 21.12
C GLU B 61 -7.92 45.17 22.00
N ASP B 62 -7.76 43.85 22.16
CA ASP B 62 -6.70 43.37 23.04
C ASP B 62 -5.33 43.39 22.37
N LEU B 63 -5.27 43.13 21.06
CA LEU B 63 -4.00 42.92 20.39
C LEU B 63 -3.66 43.96 19.33
N GLY B 64 -4.60 44.77 18.88
CA GLY B 64 -4.29 45.65 17.77
C GLY B 64 -4.06 44.91 16.47
N VAL B 65 -4.50 43.67 16.37
CA VAL B 65 -4.39 42.88 15.14
C VAL B 65 -5.64 43.15 14.29
N GLU B 66 -5.43 43.43 13.00
CA GLU B 66 -6.53 43.75 12.10
C GLU B 66 -7.28 42.48 11.72
N VAL B 67 -8.60 42.50 11.93
CA VAL B 67 -9.46 41.35 11.63
C VAL B 67 -10.76 41.88 11.03
N LYS B 68 -11.12 41.39 9.85
CA LYS B 68 -12.43 41.71 9.31
C LYS B 68 -13.50 41.07 10.19
N ARG B 69 -14.59 41.78 10.43
CA ARG B 69 -15.63 41.28 11.34
C ARG B 69 -16.95 41.11 10.61
N VAL B 70 -17.56 39.93 10.74
CA VAL B 70 -18.95 39.77 10.32
C VAL B 70 -19.82 39.94 11.57
N MET B 71 -21.11 39.62 11.46
CA MET B 71 -22.01 39.76 12.61
C MET B 71 -21.61 38.77 13.71
N SER B 72 -22.17 38.99 14.91
CA SER B 72 -21.98 38.03 16.00
C SER B 72 -22.51 36.66 15.58
N GLY B 73 -21.79 35.62 15.99
CA GLY B 73 -22.08 34.24 15.59
C GLY B 73 -23.55 33.86 15.60
N PRO B 74 -24.19 33.92 16.77
CA PRO B 74 -25.60 33.51 16.85
C PRO B 74 -26.58 34.51 16.27
N LEU B 75 -26.13 35.68 15.86
CA LEU B 75 -27.01 36.62 15.19
C LEU B 75 -26.94 36.50 13.68
N GLY B 76 -26.15 35.54 13.18
CA GLY B 76 -26.04 35.36 11.75
C GLY B 76 -24.60 35.24 11.29
N GLY B 77 -23.66 35.59 12.16
CA GLY B 77 -22.25 35.51 11.80
C GLY B 77 -21.80 34.10 11.43
N ASP B 78 -22.34 33.09 12.12
CA ASP B 78 -22.05 31.70 11.77
C ASP B 78 -22.39 31.43 10.30
N GLN B 79 -23.59 31.88 9.89
CA GLN B 79 -24.04 31.68 8.51
C GLN B 79 -23.25 32.51 7.52
N GLN B 80 -22.83 33.72 7.90
CA GLN B 80 -22.00 34.52 7.01
C GLN B 80 -20.68 33.81 6.74
N LEU B 81 -20.03 33.29 7.78
CA LEU B 81 -18.80 32.55 7.58
C LEU B 81 -19.05 31.25 6.81
N GLY B 82 -20.15 30.55 7.12
CA GLY B 82 -20.49 29.35 6.37
C GLY B 82 -20.68 29.64 4.90
N SER B 83 -21.36 30.74 4.58
CA SER B 83 -21.53 31.15 3.18
CA SER B 83 -21.53 31.13 3.18
C SER B 83 -20.18 31.33 2.50
N MET B 84 -19.24 31.97 3.19
CA MET B 84 -17.93 32.21 2.60
C MET B 84 -17.13 30.92 2.48
N ILE B 85 -17.27 30.01 3.44
CA ILE B 85 -16.66 28.69 3.29
C ILE B 85 -17.19 28.00 2.03
N ALA B 86 -18.53 27.96 1.88
CA ALA B 86 -19.11 27.32 0.71
C ALA B 86 -18.71 28.01 -0.60
N GLN B 87 -18.46 29.31 -0.54
CA GLN B 87 -18.07 30.09 -1.71
C GLN B 87 -16.56 30.15 -1.92
N ARG B 88 -15.80 29.34 -1.16
CA ARG B 88 -14.34 29.25 -1.26
C ARG B 88 -13.65 30.58 -0.99
N GLN B 89 -14.25 31.40 -0.14
CA GLN B 89 -13.66 32.67 0.27
C GLN B 89 -12.97 32.57 1.62
N ILE B 90 -13.09 31.45 2.30
CA ILE B 90 -12.37 31.16 3.54
C ILE B 90 -11.65 29.84 3.34
N ASP B 91 -10.37 29.80 3.70
CA ASP B 91 -9.53 28.63 3.46
C ASP B 91 -9.25 27.80 4.70
N ILE B 92 -9.16 28.45 5.87
CA ILE B 92 -8.85 27.75 7.12
CA ILE B 92 -8.81 27.79 7.13
C ILE B 92 -9.76 28.29 8.21
N VAL B 93 -10.20 27.40 9.09
CA VAL B 93 -11.14 27.76 10.17
C VAL B 93 -10.51 27.39 11.51
N ILE B 94 -10.38 28.39 12.39
CA ILE B 94 -9.98 28.16 13.77
C ILE B 94 -11.20 28.46 14.63
N PHE B 95 -11.78 27.42 15.24
CA PHE B 95 -13.04 27.52 15.98
C PHE B 95 -12.82 26.91 17.37
N PHE B 96 -12.53 27.74 18.37
CA PHE B 96 -12.34 27.25 19.74
C PHE B 96 -13.73 27.18 20.40
N TRP B 97 -14.37 26.01 20.35
CA TRP B 97 -15.67 25.92 21.02
C TRP B 97 -15.54 25.26 22.39
N ASP B 98 -16.59 25.40 23.18
CA ASP B 98 -16.54 25.08 24.60
C ASP B 98 -17.21 23.74 24.85
N PRO B 99 -16.46 22.69 25.20
CA PRO B 99 -17.08 21.37 25.37
C PRO B 99 -17.70 21.17 26.74
N MET B 100 -17.61 22.15 27.63
CA MET B 100 -18.06 21.99 29.00
C MET B 100 -19.13 22.98 29.41
N GLU B 101 -19.02 24.24 29.01
CA GLU B 101 -19.89 25.28 29.53
C GLU B 101 -20.49 26.09 28.39
N ALA B 102 -20.72 25.45 27.25
CA ALA B 102 -21.34 26.14 26.12
C ALA B 102 -22.68 26.73 26.57
N GLN B 103 -22.88 28.00 26.27
CA GLN B 103 -23.99 28.83 26.72
C GLN B 103 -25.16 28.71 25.75
N PRO B 104 -26.37 29.10 26.17
CA PRO B 104 -27.52 29.06 25.25
C PRO B 104 -27.27 29.76 23.92
N HIS B 105 -26.56 30.89 23.93
CA HIS B 105 -26.34 31.66 22.71
C HIS B 105 -25.06 31.29 21.97
N ASP B 106 -24.24 30.37 22.49
CA ASP B 106 -23.00 30.06 21.81
C ASP B 106 -23.27 29.44 20.44
N SER B 107 -22.43 29.79 19.46
CA SER B 107 -22.54 29.30 18.08
C SER B 107 -22.76 27.79 18.03
N ASP B 108 -23.79 27.38 17.28
CA ASP B 108 -24.09 25.96 17.09
CA ASP B 108 -24.06 25.95 17.14
C ASP B 108 -22.87 25.25 16.48
N VAL B 109 -22.29 24.31 17.24
CA VAL B 109 -21.04 23.66 16.84
C VAL B 109 -21.25 22.81 15.58
N LYS B 110 -22.24 21.90 15.61
CA LYS B 110 -22.37 20.92 14.54
C LYS B 110 -22.57 21.59 13.18
N ALA B 111 -23.51 22.53 13.09
CA ALA B 111 -23.83 23.15 11.81
C ALA B 111 -22.63 23.88 11.23
N PHE B 112 -21.82 24.49 12.08
CA PHE B 112 -20.67 25.25 11.56
C PHE B 112 -19.62 24.31 11.00
N ILE B 113 -19.27 23.28 11.76
CA ILE B 113 -18.21 22.34 11.41
CA ILE B 113 -18.17 22.43 11.33
C ILE B 113 -18.60 21.44 10.24
N ARG B 114 -19.89 21.10 10.14
CA ARG B 114 -20.34 20.20 9.08
CA ARG B 114 -20.28 20.17 9.08
C ARG B 114 -20.01 20.77 7.70
N LEU B 115 -20.24 22.06 7.51
CA LEU B 115 -19.96 22.69 6.23
C LEU B 115 -18.47 22.70 5.92
N CYS B 116 -17.62 22.88 6.94
CA CYS B 116 -16.18 22.73 6.70
C CYS B 116 -15.83 21.34 6.21
N VAL B 117 -16.48 20.33 6.77
CA VAL B 117 -16.22 18.97 6.31
C VAL B 117 -16.76 18.77 4.89
N VAL B 118 -17.90 19.38 4.57
CA VAL B 118 -18.48 19.25 3.21
C VAL B 118 -17.48 19.66 2.15
N TRP B 119 -16.75 20.75 2.39
CA TRP B 119 -15.82 21.31 1.43
C TRP B 119 -14.37 20.98 1.77
N ASN B 120 -14.15 20.04 2.71
CA ASN B 120 -12.82 19.60 3.09
C ASN B 120 -11.91 20.78 3.44
N THR B 121 -12.39 21.61 4.34
CA THR B 121 -11.69 22.78 4.85
C THR B 121 -10.80 22.39 6.01
N PRO B 122 -9.53 22.77 6.02
CA PRO B 122 -8.71 22.58 7.22
C PRO B 122 -9.35 23.35 8.38
N MET B 123 -9.54 22.66 9.49
CA MET B 123 -10.28 23.23 10.61
C MET B 123 -9.70 22.74 11.93
N ALA B 124 -9.55 23.68 12.87
CA ALA B 124 -9.10 23.40 14.23
C ALA B 124 -10.19 23.73 15.22
N CYS B 125 -10.42 22.83 16.18
CA CYS B 125 -11.39 23.06 17.24
C CYS B 125 -10.75 23.24 18.60
N ASP B 126 -9.43 23.18 18.66
CA ASP B 126 -8.69 23.43 19.89
C ASP B 126 -7.31 23.90 19.48
N SER B 127 -6.54 24.41 20.46
CA SER B 127 -5.28 25.05 20.16
C SER B 127 -4.20 24.05 19.74
N ALA B 128 -4.30 22.79 20.18
CA ALA B 128 -3.33 21.79 19.72
C ALA B 128 -3.50 21.52 18.24
N THR B 129 -4.74 21.32 17.77
CA THR B 129 -4.96 21.17 16.34
C THR B 129 -4.53 22.44 15.59
N ALA B 130 -4.85 23.61 16.15
CA ALA B 130 -4.51 24.87 15.50
C ALA B 130 -2.99 25.02 15.38
N ASP B 131 -2.25 24.61 16.42
CA ASP B 131 -0.80 24.65 16.36
C ASP B 131 -0.26 23.71 15.28
N PHE B 132 -0.81 22.49 15.19
CA PHE B 132 -0.36 21.58 14.13
C PHE B 132 -0.65 22.16 12.76
N ILE B 133 -1.85 22.73 12.57
CA ILE B 133 -2.22 23.31 11.27
C ILE B 133 -1.28 24.46 10.92
N LEU B 134 -1.05 25.36 11.86
CA LEU B 134 -0.29 26.57 11.56
C LEU B 134 1.17 26.23 11.26
N SER B 135 1.68 25.12 11.77
CA SER B 135 3.02 24.65 11.52
C SER B 135 3.15 23.82 10.23
N SER B 136 2.05 23.58 9.51
CA SER B 136 2.15 22.84 8.26
C SER B 136 2.84 23.70 7.20
N PRO B 137 3.71 23.12 6.37
CA PRO B 137 4.22 23.87 5.22
C PRO B 137 3.11 24.33 4.30
N PHE B 138 1.95 23.66 4.34
CA PHE B 138 0.84 24.05 3.47
C PHE B 138 0.28 25.42 3.81
N MET B 139 0.59 25.97 5.00
CA MET B 139 0.16 27.32 5.33
C MET B 139 0.63 28.32 4.28
N GLU B 140 1.83 28.12 3.72
CA GLU B 140 2.42 29.14 2.87
C GLU B 140 2.48 28.74 1.41
N THR B 141 1.94 27.60 1.03
CA THR B 141 1.92 27.20 -0.36
C THR B 141 0.48 26.96 -0.79
N GLU B 142 0.31 26.70 -2.08
CA GLU B 142 -0.97 26.18 -2.51
C GLU B 142 -1.16 24.78 -1.91
N TYR B 143 -2.41 24.41 -1.69
CA TYR B 143 -2.73 23.08 -1.22
C TYR B 143 -3.90 22.58 -2.03
N GLN B 144 -3.78 21.38 -2.58
CA GLN B 144 -4.85 20.79 -3.36
C GLN B 144 -5.71 19.91 -2.45
N ALA B 145 -6.93 20.35 -2.19
CA ALA B 145 -7.85 19.62 -1.33
C ALA B 145 -8.80 18.81 -2.21
N GLU B 146 -8.86 17.51 -1.96
CA GLU B 146 -9.84 16.67 -2.63
C GLU B 146 -11.23 16.96 -2.09
N ILE B 147 -12.19 17.12 -2.98
CA ILE B 147 -13.57 17.30 -2.52
C ILE B 147 -14.44 16.24 -3.19
N PRO B 148 -15.53 15.84 -2.55
CA PRO B 148 -16.46 14.95 -3.23
C PRO B 148 -17.03 15.64 -4.46
N ASP B 149 -17.32 14.83 -5.47
CA ASP B 149 -18.07 15.34 -6.60
C ASP B 149 -19.53 15.33 -6.14
N TYR B 150 -20.14 16.51 -6.07
CA TYR B 150 -21.52 16.61 -5.63
C TYR B 150 -22.49 16.66 -6.79
N ASP B 151 -21.97 16.41 -8.01
CA ASP B 151 -22.82 16.44 -9.19
C ASP B 151 -23.91 15.37 -9.13
N GLY B 152 -23.56 14.15 -8.69
CA GLY B 152 -24.57 13.12 -8.54
C GLY B 152 -25.64 13.53 -7.56
N TYR B 153 -25.24 14.09 -6.41
CA TYR B 153 -26.21 14.61 -5.47
C TYR B 153 -27.07 15.71 -6.09
N LEU B 154 -26.46 16.63 -6.84
CA LEU B 154 -27.22 17.75 -7.41
C LEU B 154 -28.25 17.29 -8.42
N LYS B 155 -27.99 16.16 -9.10
CA LYS B 155 -28.88 15.59 -10.10
C LYS B 155 -29.72 14.44 -9.57
N ARG B 156 -29.81 14.30 -8.25
CA ARG B 156 -30.51 13.18 -7.63
C ARG B 156 -31.98 13.13 -8.06
N ASN B 157 -32.54 11.93 -7.99
CA ASN B 157 -33.98 11.75 -8.20
C ASN B 157 -34.74 12.39 -7.05
N ILE B 158 -35.73 13.21 -7.38
CA ILE B 158 -36.56 13.89 -6.39
C ILE B 158 -37.84 13.08 -6.22
N PRO B 159 -38.18 12.63 -5.01
CA PRO B 159 -39.36 11.79 -4.81
C PRO B 159 -40.66 12.51 -5.16
N GLU B 160 -41.65 11.73 -5.60
CA GLU B 160 -42.95 12.29 -5.97
C GLU B 160 -43.75 12.73 -4.75
N ALA B 161 -43.57 12.05 -3.62
CA ALA B 161 -44.24 12.44 -2.37
C ALA B 161 -43.30 12.21 -1.18
N LYS C 10 -37.09 46.47 21.01
CA LYS C 10 -36.81 47.90 21.08
C LYS C 10 -36.69 48.52 19.68
N SER C 11 -35.99 47.80 18.81
CA SER C 11 -35.72 48.22 17.44
C SER C 11 -36.82 47.75 16.49
N ILE C 12 -36.86 48.39 15.32
CA ILE C 12 -37.91 48.15 14.33
C ILE C 12 -37.24 47.82 13.01
N ARG C 13 -37.74 46.79 12.34
CA ARG C 13 -37.35 46.44 10.99
CA ARG C 13 -37.35 46.45 10.99
C ARG C 13 -38.56 46.62 10.08
N THR C 14 -38.35 47.23 8.91
CA THR C 14 -39.43 47.50 7.97
C THR C 14 -39.32 46.55 6.78
N LEU C 15 -40.32 45.71 6.60
CA LEU C 15 -40.36 44.92 5.38
C LEU C 15 -40.90 45.81 4.25
N PRO C 16 -40.27 45.83 3.08
CA PRO C 16 -40.77 46.69 1.98
C PRO C 16 -42.04 46.09 1.39
N GLU C 17 -42.76 46.91 0.61
CA GLU C 17 -44.01 46.43 0.04
CA GLU C 17 -44.02 46.45 0.01
CA GLU C 17 -44.01 46.42 0.05
C GLU C 17 -43.77 45.31 -0.96
N ARG C 18 -42.71 45.40 -1.76
CA ARG C 18 -42.31 44.29 -2.59
C ARG C 18 -41.32 43.44 -1.78
N LYS C 19 -41.72 42.20 -1.46
CA LYS C 19 -40.96 41.33 -0.56
C LYS C 19 -39.93 40.50 -1.33
N THR C 20 -38.88 40.12 -0.61
CA THR C 20 -37.98 39.05 -1.03
C THR C 20 -38.36 37.80 -0.24
N ILE C 21 -38.76 36.75 -0.95
CA ILE C 21 -39.34 35.55 -0.36
C ILE C 21 -38.42 34.37 -0.66
N ALA C 22 -37.94 33.71 0.38
CA ALA C 22 -37.16 32.48 0.24
C ALA C 22 -38.09 31.28 0.16
N LEU C 23 -37.80 30.39 -0.78
CA LEU C 23 -38.59 29.18 -1.01
C LEU C 23 -37.66 27.99 -0.85
N VAL C 24 -37.94 27.12 0.14
CA VAL C 24 -37.07 25.99 0.45
C VAL C 24 -37.94 24.78 0.80
N ALA C 25 -37.54 23.61 0.30
CA ALA C 25 -38.26 22.38 0.63
C ALA C 25 -37.29 21.23 0.83
N HIS C 26 -37.52 20.43 1.88
CA HIS C 26 -36.90 19.12 1.97
C HIS C 26 -37.35 18.27 0.77
N ASP C 27 -36.55 17.24 0.46
CA ASP C 27 -36.75 16.47 -0.78
C ASP C 27 -38.16 15.87 -0.87
N HIS C 28 -38.68 15.29 0.20
CA HIS C 28 -40.02 14.71 0.14
C HIS C 28 -41.13 15.75 0.18
N LYS C 29 -40.79 17.04 0.29
CA LYS C 29 -41.76 18.13 0.26
C LYS C 29 -41.61 19.01 -0.98
N LYS C 30 -40.67 18.70 -1.88
CA LYS C 30 -40.43 19.57 -3.03
C LYS C 30 -41.65 19.63 -3.95
N ASP C 31 -42.27 18.49 -4.23
CA ASP C 31 -43.47 18.52 -5.05
C ASP C 31 -44.58 19.32 -4.39
N ASP C 32 -44.72 19.20 -3.06
CA ASP C 32 -45.70 20.01 -2.35
C ASP C 32 -45.44 21.49 -2.50
N LEU C 33 -44.18 21.91 -2.34
CA LEU C 33 -43.86 23.32 -2.48
C LEU C 33 -44.07 23.81 -3.91
N VAL C 34 -43.70 23.00 -4.91
CA VAL C 34 -43.94 23.39 -6.31
C VAL C 34 -45.43 23.57 -6.55
N ARG C 35 -46.24 22.61 -6.12
CA ARG C 35 -47.70 22.75 -6.26
C ARG C 35 -48.21 23.99 -5.53
N TRP C 36 -47.64 24.31 -4.37
CA TRP C 36 -48.07 25.51 -3.65
C TRP C 36 -47.69 26.77 -4.41
N VAL C 37 -46.46 26.83 -4.92
CA VAL C 37 -46.06 27.98 -5.73
C VAL C 37 -46.97 28.10 -6.94
N GLN C 38 -47.29 26.96 -7.56
CA GLN C 38 -48.14 26.99 -8.75
CA GLN C 38 -48.15 26.98 -8.75
C GLN C 38 -49.52 27.56 -8.43
N LYS C 39 -50.08 27.20 -7.27
CA LYS C 39 -51.41 27.70 -6.92
C LYS C 39 -51.39 29.19 -6.61
N HIS C 40 -50.25 29.72 -6.19
CA HIS C 40 -50.13 31.13 -5.79
C HIS C 40 -49.23 31.93 -6.71
N ALA C 41 -49.03 31.46 -7.96
CA ALA C 41 -48.03 32.08 -8.82
C ALA C 41 -48.34 33.55 -9.07
N GLY C 42 -49.60 33.89 -9.32
CA GLY C 42 -49.95 35.28 -9.62
C GLY C 42 -49.55 36.22 -8.50
N LYS C 43 -49.79 35.82 -7.25
CA LYS C 43 -49.43 36.66 -6.13
C LYS C 43 -47.92 36.68 -5.89
N LEU C 44 -47.26 35.52 -6.10
CA LEU C 44 -45.85 35.39 -5.76
C LEU C 44 -44.93 36.09 -6.76
N THR C 45 -45.27 36.09 -8.04
CA THR C 45 -44.34 36.65 -9.01
C THR C 45 -44.27 38.18 -8.93
N LYS C 46 -45.16 38.81 -8.16
CA LYS C 46 -45.03 40.23 -7.83
C LYS C 46 -43.84 40.49 -6.93
N HIS C 47 -43.24 39.45 -6.36
CA HIS C 47 -42.17 39.61 -5.38
C HIS C 47 -40.86 39.05 -5.92
N ASN C 48 -39.80 39.29 -5.15
CA ASN C 48 -38.47 38.76 -5.44
CA ASN C 48 -38.46 38.76 -5.44
C ASN C 48 -38.37 37.37 -4.82
N LEU C 49 -38.25 36.33 -5.66
CA LEU C 49 -38.21 34.96 -5.17
C LEU C 49 -36.78 34.46 -5.18
N ILE C 50 -36.38 33.76 -4.12
CA ILE C 50 -35.04 33.17 -4.03
C ILE C 50 -35.17 31.78 -3.40
N ALA C 51 -34.30 30.87 -3.82
CA ALA C 51 -34.41 29.48 -3.37
C ALA C 51 -33.03 28.81 -3.33
N THR C 52 -32.95 27.73 -2.55
CA THR C 52 -31.81 26.83 -2.68
C THR C 52 -31.78 26.21 -4.07
N GLY C 53 -30.61 25.68 -4.42
CA GLY C 53 -30.35 25.28 -5.81
C GLY C 53 -31.36 24.34 -6.40
N THR C 54 -31.61 23.19 -5.74
CA THR C 54 -32.48 22.19 -6.37
C THR C 54 -33.93 22.67 -6.37
N THR C 55 -34.40 23.19 -5.24
CA THR C 55 -35.76 23.72 -5.17
C THR C 55 -36.00 24.80 -6.22
N GLY C 56 -35.08 25.74 -6.36
CA GLY C 56 -35.26 26.82 -7.32
C GLY C 56 -35.27 26.34 -8.75
N LYS C 57 -34.41 25.39 -9.09
CA LYS C 57 -34.37 24.83 -10.43
C LYS C 57 -35.70 24.15 -10.79
N LEU C 58 -36.26 23.39 -9.84
CA LEU C 58 -37.55 22.75 -10.05
C LEU C 58 -38.64 23.78 -10.32
N ILE C 59 -38.71 24.84 -9.51
CA ILE C 59 -39.74 25.87 -9.70
C ILE C 59 -39.61 26.51 -11.08
N GLU C 60 -38.39 26.89 -11.46
CA GLU C 60 -38.19 27.50 -12.77
C GLU C 60 -38.56 26.55 -13.90
N GLU C 61 -38.07 25.33 -13.84
CA GLU C 61 -38.28 24.37 -14.93
C GLU C 61 -39.73 23.93 -15.01
N ASP C 62 -40.37 23.66 -13.87
CA ASP C 62 -41.74 23.16 -13.90
C ASP C 62 -42.76 24.28 -14.10
N LEU C 63 -42.50 25.46 -13.55
CA LEU C 63 -43.52 26.49 -13.52
C LEU C 63 -43.18 27.70 -14.37
N GLY C 64 -41.94 27.83 -14.83
CA GLY C 64 -41.61 29.04 -15.57
C GLY C 64 -41.66 30.27 -14.70
N VAL C 65 -41.57 30.09 -13.38
CA VAL C 65 -41.54 31.16 -12.40
C VAL C 65 -40.07 31.52 -12.14
N GLU C 66 -39.76 32.82 -12.20
CA GLU C 66 -38.38 33.27 -12.01
C GLU C 66 -38.00 33.24 -10.53
N VAL C 67 -36.93 32.51 -10.21
CA VAL C 67 -36.43 32.37 -8.85
C VAL C 67 -34.91 32.48 -8.92
N LYS C 68 -34.33 33.40 -8.15
CA LYS C 68 -32.89 33.40 -7.98
C LYS C 68 -32.46 32.15 -7.20
N ARG C 69 -31.37 31.53 -7.61
CA ARG C 69 -30.92 30.28 -7.02
CA ARG C 69 -30.92 30.28 -7.02
C ARG C 69 -29.57 30.47 -6.33
N VAL C 70 -29.48 30.01 -5.09
CA VAL C 70 -28.18 29.95 -4.42
C VAL C 70 -27.75 28.49 -4.46
N MET C 71 -26.73 28.11 -3.70
CA MET C 71 -26.27 26.73 -3.70
C MET C 71 -27.33 25.79 -3.13
N SER C 72 -27.15 24.50 -3.37
CA SER C 72 -28.00 23.53 -2.70
C SER C 72 -27.88 23.69 -1.19
N GLY C 73 -29.01 23.51 -0.50
CA GLY C 73 -29.11 23.71 0.94
C GLY C 73 -27.98 23.13 1.77
N PRO C 74 -27.80 21.81 1.73
CA PRO C 74 -26.77 21.18 2.57
C PRO C 74 -25.35 21.44 2.11
N LEU C 75 -25.14 22.05 0.94
CA LEU C 75 -23.81 22.39 0.46
C LEU C 75 -23.43 23.83 0.80
N GLY C 76 -24.29 24.55 1.51
CA GLY C 76 -24.02 25.92 1.89
C GLY C 76 -25.18 26.85 1.59
N GLY C 77 -26.15 26.37 0.78
CA GLY C 77 -27.30 27.21 0.46
C GLY C 77 -28.09 27.65 1.68
N ASP C 78 -28.22 26.77 2.69
CA ASP C 78 -28.86 27.15 3.96
C ASP C 78 -28.18 28.37 4.57
N GLN C 79 -26.85 28.35 4.60
CA GLN C 79 -26.10 29.46 5.19
C GLN C 79 -26.16 30.71 4.32
N GLN C 80 -26.21 30.54 3.00
CA GLN C 80 -26.36 31.71 2.13
C GLN C 80 -27.69 32.40 2.42
N LEU C 81 -28.77 31.63 2.49
CA LEU C 81 -30.07 32.24 2.82
C LEU C 81 -30.07 32.80 4.23
N GLY C 82 -29.47 32.08 5.19
CA GLY C 82 -29.38 32.60 6.55
C GLY C 82 -28.62 33.91 6.63
N SER C 83 -27.49 34.01 5.91
CA SER C 83 -26.76 35.27 5.84
CA SER C 83 -26.77 35.27 5.85
C SER C 83 -27.66 36.40 5.36
N MET C 84 -28.44 36.15 4.31
CA MET C 84 -29.32 37.17 3.77
C MET C 84 -30.43 37.53 4.74
N ILE C 85 -30.94 36.54 5.49
CA ILE C 85 -31.90 36.81 6.54
C ILE C 85 -31.31 37.78 7.55
N ALA C 86 -30.12 37.45 8.06
CA ALA C 86 -29.47 38.27 9.07
C ALA C 86 -29.11 39.66 8.53
N GLN C 87 -28.88 39.76 7.24
CA GLN C 87 -28.58 41.04 6.62
C GLN C 87 -29.84 41.76 6.18
N ARG C 88 -31.02 41.23 6.54
CA ARG C 88 -32.33 41.82 6.25
C ARG C 88 -32.57 41.95 4.75
N GLN C 89 -32.02 41.02 3.96
CA GLN C 89 -32.24 41.00 2.52
C GLN C 89 -33.32 40.01 2.12
N ILE C 90 -33.82 39.22 3.08
CA ILE C 90 -34.95 38.33 2.85
C ILE C 90 -36.02 38.71 3.89
N ASP C 91 -37.25 38.87 3.42
CA ASP C 91 -38.35 39.36 4.24
C ASP C 91 -39.29 38.26 4.73
N ILE C 92 -39.46 37.19 3.96
CA ILE C 92 -40.39 36.12 4.25
C ILE C 92 -39.73 34.80 3.87
N VAL C 93 -39.92 33.77 4.69
CA VAL C 93 -39.32 32.46 4.45
C VAL C 93 -40.43 31.42 4.38
N ILE C 94 -40.51 30.71 3.26
CA ILE C 94 -41.40 29.57 3.11
C ILE C 94 -40.51 28.34 3.07
N PHE C 95 -40.58 27.53 4.12
CA PHE C 95 -39.68 26.39 4.30
C PHE C 95 -40.53 25.16 4.59
N PHE C 96 -40.83 24.35 3.55
CA PHE C 96 -41.61 23.13 3.74
C PHE C 96 -40.65 22.04 4.20
N TRP C 97 -40.53 21.84 5.50
CA TRP C 97 -39.64 20.76 5.89
C TRP C 97 -40.43 19.50 6.21
N ASP C 98 -39.70 18.40 6.24
CA ASP C 98 -40.32 17.09 6.25
C ASP C 98 -40.28 16.54 7.66
N PRO C 99 -41.42 16.44 8.35
CA PRO C 99 -41.41 16.00 9.76
C PRO C 99 -41.38 14.49 9.91
N MET C 100 -41.38 13.73 8.81
CA MET C 100 -41.49 12.28 8.83
C MET C 100 -40.30 11.56 8.20
N GLU C 101 -39.80 12.08 7.08
CA GLU C 101 -38.83 11.32 6.30
C GLU C 101 -37.67 12.20 5.88
N ALA C 102 -37.33 13.17 6.73
CA ALA C 102 -36.16 14.01 6.49
C ALA C 102 -34.93 13.12 6.31
N GLN C 103 -34.19 13.38 5.25
CA GLN C 103 -33.06 12.56 4.84
C GLN C 103 -31.78 13.07 5.50
N PRO C 104 -30.72 12.25 5.51
CA PRO C 104 -29.45 12.73 6.08
C PRO C 104 -28.96 14.05 5.47
N HIS C 105 -29.19 14.30 4.19
CA HIS C 105 -28.70 15.52 3.56
C HIS C 105 -29.72 16.67 3.61
N ASP C 106 -30.92 16.46 4.15
CA ASP C 106 -31.91 17.53 4.14
C ASP C 106 -31.45 18.72 5.00
N SER C 107 -31.78 19.94 4.54
CA SER C 107 -31.44 21.20 5.23
C SER C 107 -31.72 21.12 6.73
N ASP C 108 -30.74 21.55 7.53
CA ASP C 108 -30.91 21.55 8.99
CA ASP C 108 -30.92 21.54 8.98
C ASP C 108 -32.05 22.48 9.38
N VAL C 109 -33.15 21.89 9.90
CA VAL C 109 -34.36 22.65 10.23
C VAL C 109 -34.06 23.68 11.32
N LYS C 110 -33.50 23.23 12.44
CA LYS C 110 -33.33 24.10 13.61
C LYS C 110 -32.50 25.34 13.29
N ALA C 111 -31.31 25.14 12.72
CA ALA C 111 -30.40 26.26 12.48
C ALA C 111 -31.03 27.28 11.54
N PHE C 112 -31.80 26.81 10.57
CA PHE C 112 -32.41 27.71 9.60
C PHE C 112 -33.50 28.54 10.27
N ILE C 113 -34.44 27.89 10.96
CA ILE C 113 -35.55 28.65 11.47
CA ILE C 113 -35.60 28.53 11.57
C ILE C 113 -35.18 29.46 12.70
N ARG C 114 -34.15 29.08 13.46
CA ARG C 114 -33.81 29.87 14.62
CA ARG C 114 -33.74 29.85 14.62
C ARG C 114 -33.38 31.28 14.22
N LEU C 115 -32.66 31.42 13.11
CA LEU C 115 -32.21 32.73 12.66
C LEU C 115 -33.38 33.59 12.18
N CYS C 116 -34.40 32.98 11.57
CA CYS C 116 -35.62 33.74 11.30
C CYS C 116 -36.25 34.26 12.58
N VAL C 117 -36.24 33.44 13.65
CA VAL C 117 -36.79 33.89 14.93
C VAL C 117 -35.91 34.99 15.52
N VAL C 118 -34.58 34.88 15.39
CA VAL C 118 -33.68 35.93 15.90
C VAL C 118 -34.06 37.30 15.33
N TRP C 119 -34.41 37.35 14.04
CA TRP C 119 -34.68 38.63 13.41
C TRP C 119 -36.16 38.87 13.18
N ASN C 120 -37.03 38.06 13.81
CA ASN C 120 -38.48 38.22 13.73
C ASN C 120 -38.95 38.30 12.27
N THR C 121 -38.56 37.33 11.51
CA THR C 121 -38.93 37.17 10.11
C THR C 121 -40.23 36.37 10.00
N PRO C 122 -41.22 36.83 9.23
CA PRO C 122 -42.38 35.98 8.94
C PRO C 122 -41.94 34.68 8.27
N MET C 123 -42.41 33.55 8.80
CA MET C 123 -41.92 32.27 8.32
C MET C 123 -43.02 31.21 8.35
N ALA C 124 -43.13 30.43 7.27
CA ALA C 124 -44.08 29.33 7.20
C ALA C 124 -43.33 28.01 7.07
N CYS C 125 -43.74 27.01 7.83
CA CYS C 125 -43.14 25.69 7.76
C CYS C 125 -44.06 24.65 7.15
N ASP C 126 -45.27 25.07 6.76
CA ASP C 126 -46.22 24.20 6.11
C ASP C 126 -47.13 25.08 5.25
N SER C 127 -47.94 24.43 4.42
CA SER C 127 -48.70 25.19 3.42
C SER C 127 -49.84 25.99 4.04
N ALA C 128 -50.41 25.53 5.16
CA ALA C 128 -51.46 26.29 5.82
C ALA C 128 -50.92 27.61 6.38
N THR C 129 -49.77 27.57 7.06
CA THR C 129 -49.16 28.82 7.49
C THR C 129 -48.81 29.70 6.29
N ALA C 130 -48.28 29.08 5.23
CA ALA C 130 -47.92 29.86 4.05
C ALA C 130 -49.16 30.53 3.43
N ASP C 131 -50.29 29.81 3.40
CA ASP C 131 -51.54 30.39 2.91
C ASP C 131 -51.98 31.57 3.76
N PHE C 132 -51.88 31.46 5.08
CA PHE C 132 -52.24 32.57 5.95
C PHE C 132 -51.34 33.77 5.69
N ILE C 133 -50.03 33.52 5.58
CA ILE C 133 -49.10 34.61 5.31
C ILE C 133 -49.43 35.28 3.98
N LEU C 134 -49.64 34.47 2.95
CA LEU C 134 -49.82 35.02 1.62
C LEU C 134 -51.13 35.79 1.51
N SER C 135 -52.13 35.43 2.32
CA SER C 135 -53.41 36.11 2.33
C SER C 135 -53.38 37.38 3.16
N SER C 136 -52.29 37.64 3.86
CA SER C 136 -52.25 38.79 4.74
C SER C 136 -52.26 40.10 3.94
N PRO C 137 -52.96 41.13 4.42
CA PRO C 137 -52.82 42.45 3.80
C PRO C 137 -51.39 42.97 3.86
N PHE C 138 -50.56 42.46 4.78
CA PHE C 138 -49.17 42.89 4.84
C PHE C 138 -48.34 42.42 3.64
N MET C 139 -48.82 41.45 2.85
CA MET C 139 -48.03 40.96 1.71
C MET C 139 -47.62 42.08 0.77
N GLU C 140 -48.50 43.04 0.51
CA GLU C 140 -48.22 44.03 -0.51
C GLU C 140 -48.04 45.43 0.05
N THR C 141 -47.96 45.56 1.37
CA THR C 141 -47.66 46.85 1.97
C THR C 141 -46.39 46.74 2.79
N GLU C 142 -45.87 47.88 3.24
CA GLU C 142 -44.83 47.81 4.24
C GLU C 142 -45.37 47.23 5.53
N TYR C 143 -44.51 46.56 6.26
CA TYR C 143 -44.82 45.99 7.57
C TYR C 143 -43.65 46.28 8.51
N GLN C 144 -43.94 46.80 9.68
CA GLN C 144 -42.92 47.10 10.68
C GLN C 144 -42.84 45.95 11.68
N ALA C 145 -41.71 45.26 11.70
CA ALA C 145 -41.45 44.15 12.62
C ALA C 145 -40.63 44.64 13.80
N GLU C 146 -41.10 44.38 15.01
CA GLU C 146 -40.30 44.64 16.20
C GLU C 146 -39.18 43.60 16.28
N ILE C 147 -37.96 44.05 16.54
CA ILE C 147 -36.88 43.07 16.67
C ILE C 147 -36.26 43.21 18.05
N PRO C 148 -35.75 42.13 18.64
CA PRO C 148 -35.10 42.26 19.94
C PRO C 148 -33.91 43.17 19.81
N ASP C 149 -33.64 43.93 20.86
CA ASP C 149 -32.44 44.74 20.90
C ASP C 149 -31.30 43.83 21.35
N TYR C 150 -30.29 43.65 20.49
CA TYR C 150 -29.15 42.81 20.84
C TYR C 150 -27.94 43.63 21.29
N ASP C 151 -28.11 44.94 21.51
CA ASP C 151 -26.98 45.76 21.89
C ASP C 151 -26.39 45.32 23.22
N GLY C 152 -27.23 45.02 24.21
CA GLY C 152 -26.74 44.50 25.48
C GLY C 152 -26.00 43.18 25.30
N TYR C 153 -26.56 42.28 24.48
CA TYR C 153 -25.87 41.02 24.20
C TYR C 153 -24.51 41.27 23.55
N LEU C 154 -24.45 42.19 22.57
CA LEU C 154 -23.19 42.48 21.88
C LEU C 154 -22.15 43.10 22.81
N LYS C 155 -22.58 43.80 23.86
CA LYS C 155 -21.67 44.43 24.80
C LYS C 155 -21.49 43.59 26.07
N ARG C 156 -21.88 42.31 26.04
CA ARG C 156 -21.82 41.48 27.24
C ARG C 156 -20.38 41.35 27.73
N ASN C 157 -20.24 41.08 29.02
CA ASN C 157 -18.92 40.81 29.57
C ASN C 157 -18.46 39.41 29.18
N ILE C 158 -17.20 39.31 28.77
CA ILE C 158 -16.61 38.05 28.33
C ILE C 158 -15.90 37.43 29.53
N PRO C 159 -16.22 36.18 29.89
CA PRO C 159 -15.59 35.57 31.07
C PRO C 159 -14.09 35.37 30.87
N GLU C 160 -13.36 35.39 31.99
CA GLU C 160 -11.90 35.28 31.95
C GLU C 160 -11.44 33.84 31.70
N ALA C 161 -12.23 32.85 32.10
CA ALA C 161 -11.86 31.45 31.96
C ALA C 161 -13.04 30.65 31.42
N SER D 11 -57.49 14.97 0.65
CA SER D 11 -57.64 14.92 2.11
C SER D 11 -57.58 16.32 2.70
N ILE D 12 -58.73 16.85 3.12
CA ILE D 12 -58.85 18.25 3.53
C ILE D 12 -59.46 18.36 4.91
N ARG D 13 -58.78 19.07 5.80
CA ARG D 13 -59.27 19.40 7.13
CA ARG D 13 -59.30 19.39 7.12
C ARG D 13 -59.83 20.81 7.12
N THR D 14 -60.95 21.02 7.81
CA THR D 14 -61.60 22.34 7.82
C THR D 14 -61.43 23.00 9.18
N LEU D 15 -60.73 24.12 9.23
CA LEU D 15 -60.69 24.93 10.44
C LEU D 15 -62.01 25.68 10.58
N PRO D 16 -62.62 25.68 11.76
CA PRO D 16 -63.90 26.40 11.92
C PRO D 16 -63.68 27.90 11.92
N GLU D 17 -64.80 28.63 11.81
CA GLU D 17 -64.74 30.10 11.87
C GLU D 17 -64.16 30.59 13.19
N ARG D 18 -64.69 30.10 14.31
CA ARG D 18 -64.13 30.39 15.63
C ARG D 18 -62.99 29.39 15.91
N LYS D 19 -61.78 29.91 16.02
CA LYS D 19 -60.58 29.08 16.15
C LYS D 19 -60.28 28.78 17.61
N THR D 20 -59.59 27.67 17.83
CA THR D 20 -58.92 27.43 19.10
C THR D 20 -57.45 27.74 18.90
N ILE D 21 -56.94 28.69 19.67
CA ILE D 21 -55.61 29.23 19.48
C ILE D 21 -54.77 28.86 20.70
N ALA D 22 -53.67 28.15 20.49
CA ALA D 22 -52.72 27.86 21.54
C ALA D 22 -51.70 29.00 21.67
N LEU D 23 -51.40 29.38 22.91
CA LEU D 23 -50.48 30.47 23.22
C LEU D 23 -49.38 29.90 24.12
N VAL D 24 -48.14 29.92 23.64
CA VAL D 24 -47.00 29.34 24.38
C VAL D 24 -45.81 30.27 24.21
N ALA D 25 -45.05 30.48 25.30
CA ALA D 25 -43.83 31.25 25.20
C ALA D 25 -42.74 30.70 26.11
N HIS D 26 -41.52 30.64 25.58
CA HIS D 26 -40.34 30.46 26.42
C HIS D 26 -40.24 31.61 27.43
N ASP D 27 -39.50 31.35 28.52
CA ASP D 27 -39.48 32.29 29.64
C ASP D 27 -39.05 33.68 29.21
N HIS D 28 -37.97 33.80 28.43
CA HIS D 28 -37.51 35.13 28.05
C HIS D 28 -38.37 35.77 26.98
N LYS D 29 -39.41 35.09 26.49
CA LYS D 29 -40.35 35.65 25.53
C LYS D 29 -41.75 35.81 26.08
N LYS D 30 -41.98 35.47 27.36
CA LYS D 30 -43.34 35.51 27.89
C LYS D 30 -43.89 36.92 27.91
N ASP D 31 -43.08 37.90 28.32
CA ASP D 31 -43.57 39.27 28.33
C ASP D 31 -43.92 39.76 26.93
N ASP D 32 -43.11 39.38 25.93
CA ASP D 32 -43.44 39.69 24.55
C ASP D 32 -44.79 39.09 24.15
N LEU D 33 -45.05 37.84 24.52
CA LEU D 33 -46.33 37.23 24.15
C LEU D 33 -47.48 37.94 24.84
N VAL D 34 -47.30 38.29 26.12
CA VAL D 34 -48.34 39.02 26.85
C VAL D 34 -48.64 40.35 26.17
N ARG D 35 -47.59 41.10 25.81
CA ARG D 35 -47.79 42.36 25.10
C ARG D 35 -48.49 42.13 23.75
N TRP D 36 -48.16 41.04 23.07
CA TRP D 36 -48.81 40.77 21.78
C TRP D 36 -50.27 40.42 21.98
N VAL D 37 -50.58 39.57 22.96
CA VAL D 37 -51.97 39.25 23.28
C VAL D 37 -52.73 40.51 23.65
N GLN D 38 -52.12 41.36 24.47
CA GLN D 38 -52.73 42.63 24.85
C GLN D 38 -53.06 43.46 23.62
N LYS D 39 -52.11 43.58 22.69
CA LYS D 39 -52.31 44.45 21.53
C LYS D 39 -53.44 43.93 20.64
N HIS D 40 -53.68 42.63 20.62
CA HIS D 40 -54.69 42.03 19.76
C HIS D 40 -55.85 41.45 20.53
N ALA D 41 -56.08 41.96 21.75
CA ALA D 41 -57.05 41.34 22.65
C ALA D 41 -58.46 41.30 22.05
N GLY D 42 -58.89 42.41 21.43
CA GLY D 42 -60.23 42.45 20.85
C GLY D 42 -60.44 41.35 19.83
N LYS D 43 -59.46 41.13 18.97
CA LYS D 43 -59.53 40.10 17.94
C LYS D 43 -59.36 38.69 18.54
N LEU D 44 -58.46 38.54 19.52
CA LEU D 44 -58.13 37.20 20.03
C LEU D 44 -59.25 36.64 20.91
N THR D 45 -59.91 37.49 21.70
CA THR D 45 -60.92 36.99 22.60
C THR D 45 -62.18 36.56 21.88
N LYS D 46 -62.28 36.82 20.57
CA LYS D 46 -63.31 36.20 19.75
C LYS D 46 -63.10 34.70 19.56
N HIS D 47 -61.94 34.18 19.92
CA HIS D 47 -61.61 32.78 19.69
C HIS D 47 -61.44 32.07 21.03
N ASN D 48 -61.23 30.76 20.97
CA ASN D 48 -60.95 29.96 22.16
C ASN D 48 -59.44 29.95 22.39
N LEU D 49 -58.99 30.48 23.52
CA LEU D 49 -57.57 30.56 23.84
C LEU D 49 -57.18 29.47 24.82
N ILE D 50 -56.05 28.83 24.57
CA ILE D 50 -55.51 27.80 25.46
C ILE D 50 -54.00 28.01 25.54
N ALA D 51 -53.42 27.70 26.69
CA ALA D 51 -52.00 27.97 26.91
C ALA D 51 -51.40 26.95 27.87
N THR D 52 -50.08 26.83 27.82
CA THR D 52 -49.36 26.12 28.88
C THR D 52 -49.54 26.85 30.21
N GLY D 53 -49.28 26.12 31.30
CA GLY D 53 -49.63 26.60 32.62
C GLY D 53 -49.12 27.98 32.97
N THR D 54 -47.81 28.20 32.84
CA THR D 54 -47.27 29.47 33.30
C THR D 54 -47.66 30.60 32.36
N THR D 55 -47.55 30.38 31.04
CA THR D 55 -47.93 31.39 30.06
C THR D 55 -49.39 31.80 30.25
N GLY D 56 -50.30 30.83 30.39
CA GLY D 56 -51.71 31.16 30.58
C GLY D 56 -51.95 31.89 31.89
N LYS D 57 -51.24 31.49 32.94
CA LYS D 57 -51.36 32.19 34.20
C LYS D 57 -50.94 33.65 34.05
N LEU D 58 -49.82 33.88 33.35
CA LEU D 58 -49.35 35.25 33.15
CA LEU D 58 -49.35 35.25 33.13
C LEU D 58 -50.36 36.07 32.36
N ILE D 59 -50.94 35.49 31.30
CA ILE D 59 -51.90 36.24 30.48
C ILE D 59 -53.11 36.64 31.32
N GLU D 60 -53.66 35.68 32.08
CA GLU D 60 -54.82 35.99 32.91
C GLU D 60 -54.47 37.01 34.00
N GLU D 61 -53.34 36.81 34.68
CA GLU D 61 -52.97 37.74 35.75
C GLU D 61 -52.65 39.12 35.20
N ASP D 62 -51.93 39.20 34.08
CA ASP D 62 -51.54 40.51 33.58
C ASP D 62 -52.66 41.23 32.84
N LEU D 63 -53.52 40.49 32.13
CA LEU D 63 -54.49 41.09 31.24
C LEU D 63 -55.95 40.83 31.61
N GLY D 64 -56.24 39.88 32.50
CA GLY D 64 -57.62 39.53 32.72
C GLY D 64 -58.28 38.85 31.54
N VAL D 65 -57.49 38.34 30.60
CA VAL D 65 -57.99 37.62 29.43
C VAL D 65 -58.16 36.16 29.81
N GLU D 66 -59.33 35.60 29.48
CA GLU D 66 -59.63 34.21 29.83
C GLU D 66 -58.87 33.27 28.89
N VAL D 67 -58.08 32.36 29.47
CA VAL D 67 -57.32 31.37 28.73
C VAL D 67 -57.42 30.05 29.47
N LYS D 68 -57.80 28.99 28.76
CA LYS D 68 -57.74 27.66 29.35
C LYS D 68 -56.28 27.25 29.50
N ARG D 69 -55.95 26.68 30.65
CA ARG D 69 -54.57 26.35 30.99
C ARG D 69 -54.38 24.84 31.07
N VAL D 70 -53.36 24.33 30.38
CA VAL D 70 -52.94 22.95 30.60
C VAL D 70 -51.76 22.99 31.56
N MET D 71 -51.08 21.87 31.73
CA MET D 71 -49.93 21.83 32.63
C MET D 71 -48.81 22.71 32.09
N SER D 72 -47.82 22.98 32.94
CA SER D 72 -46.64 23.68 32.46
C SER D 72 -45.99 22.87 31.34
N GLY D 73 -45.47 23.58 30.33
CA GLY D 73 -44.88 22.99 29.15
C GLY D 73 -43.96 21.80 29.38
N PRO D 74 -42.87 22.02 30.12
CA PRO D 74 -41.93 20.91 30.37
C PRO D 74 -42.42 19.88 31.38
N LEU D 75 -43.54 20.10 32.06
CA LEU D 75 -44.08 19.09 32.96
C LEU D 75 -45.13 18.22 32.27
N GLY D 76 -45.37 18.44 30.97
CA GLY D 76 -46.35 17.67 30.24
C GLY D 76 -47.30 18.53 29.40
N GLY D 77 -47.30 19.84 29.66
CA GLY D 77 -48.15 20.75 28.90
C GLY D 77 -47.85 20.75 27.42
N ASP D 78 -46.56 20.62 27.03
CA ASP D 78 -46.23 20.50 25.61
C ASP D 78 -46.98 19.33 24.98
N GLN D 79 -46.97 18.18 25.67
CA GLN D 79 -47.62 16.98 25.12
C GLN D 79 -49.14 17.09 25.12
N GLN D 80 -49.71 17.75 26.13
CA GLN D 80 -51.15 17.94 26.14
C GLN D 80 -51.59 18.76 24.93
N LEU D 81 -50.89 19.87 24.66
CA LEU D 81 -51.23 20.67 23.49
C LEU D 81 -50.93 19.90 22.20
N GLY D 82 -49.81 19.16 22.17
CA GLY D 82 -49.52 18.35 21.00
C GLY D 82 -50.61 17.32 20.73
N SER D 83 -51.11 16.68 21.79
CA SER D 83 -52.23 15.74 21.65
CA SER D 83 -52.21 15.74 21.62
C SER D 83 -53.43 16.41 21.02
N MET D 84 -53.75 17.62 21.48
CA MET D 84 -54.91 18.34 20.98
C MET D 84 -54.71 18.76 19.53
N ILE D 85 -53.48 19.12 19.17
CA ILE D 85 -53.16 19.40 17.76
C ILE D 85 -53.40 18.17 16.91
N ALA D 86 -52.85 17.02 17.34
CA ALA D 86 -53.00 15.79 16.58
C ALA D 86 -54.46 15.36 16.50
N GLN D 87 -55.26 15.72 17.50
CA GLN D 87 -56.68 15.41 17.54
C GLN D 87 -57.53 16.50 16.89
N ARG D 88 -56.89 17.47 16.23
CA ARG D 88 -57.59 18.55 15.53
C ARG D 88 -58.47 19.39 16.46
N GLN D 89 -58.05 19.54 17.71
CA GLN D 89 -58.75 20.36 18.69
C GLN D 89 -58.14 21.74 18.85
N ILE D 90 -56.95 21.95 18.31
CA ILE D 90 -56.29 23.26 18.25
C ILE D 90 -56.12 23.61 16.79
N ASP D 91 -56.48 24.83 16.42
CA ASP D 91 -56.45 25.24 15.01
C ASP D 91 -55.26 26.12 14.67
N ILE D 92 -54.77 26.92 15.63
CA ILE D 92 -53.67 27.85 15.40
CA ILE D 92 -53.69 27.87 15.41
C ILE D 92 -52.75 27.79 16.61
N VAL D 93 -51.44 27.78 16.35
CA VAL D 93 -50.43 27.73 17.39
C VAL D 93 -49.56 28.99 17.31
N ILE D 94 -49.53 29.76 18.40
CA ILE D 94 -48.62 30.89 18.56
C ILE D 94 -47.58 30.48 19.61
N PHE D 95 -46.35 30.28 19.18
CA PHE D 95 -45.29 29.75 20.04
C PHE D 95 -44.09 30.69 19.95
N PHE D 96 -43.95 31.60 20.93
CA PHE D 96 -42.80 32.53 20.93
C PHE D 96 -41.64 31.81 21.60
N TRP D 97 -40.77 31.19 20.80
CA TRP D 97 -39.65 30.57 21.48
C TRP D 97 -38.39 31.44 21.39
N ASP D 98 -37.45 31.10 22.25
CA ASP D 98 -36.30 31.95 22.52
C ASP D 98 -35.10 31.41 21.75
N PRO D 99 -34.66 32.10 20.69
CA PRO D 99 -33.54 31.59 19.89
C PRO D 99 -32.16 31.90 20.46
N MET D 100 -32.05 32.63 21.58
CA MET D 100 -30.78 33.06 22.14
C MET D 100 -30.51 32.54 23.55
N GLU D 101 -31.52 32.55 24.43
CA GLU D 101 -31.29 32.28 25.83
C GLU D 101 -32.25 31.21 26.34
N ALA D 102 -32.64 30.27 25.48
CA ALA D 102 -33.52 29.20 25.90
C ALA D 102 -32.91 28.44 27.07
N GLN D 103 -33.71 28.22 28.10
CA GLN D 103 -33.30 27.64 29.38
C GLN D 103 -33.42 26.13 29.37
N PRO D 104 -32.74 25.44 30.30
CA PRO D 104 -32.86 23.96 30.37
C PRO D 104 -34.29 23.44 30.42
N HIS D 105 -35.21 24.13 31.09
CA HIS D 105 -36.58 23.68 31.23
C HIS D 105 -37.52 24.23 30.15
N ASP D 106 -37.04 25.07 29.23
CA ASP D 106 -37.93 25.63 28.23
C ASP D 106 -38.49 24.53 27.32
N SER D 107 -39.75 24.69 26.92
CA SER D 107 -40.44 23.73 26.04
C SER D 107 -39.58 23.33 24.85
N ASP D 108 -39.53 22.02 24.58
CA ASP D 108 -38.81 21.47 23.43
C ASP D 108 -39.35 22.04 22.11
N VAL D 109 -38.52 22.84 21.43
CA VAL D 109 -38.96 23.57 20.23
C VAL D 109 -39.27 22.60 19.09
N LYS D 110 -38.30 21.73 18.75
CA LYS D 110 -38.44 20.87 17.58
C LYS D 110 -39.66 19.97 17.70
N ALA D 111 -39.82 19.28 18.83
CA ALA D 111 -40.92 18.34 18.98
C ALA D 111 -42.27 19.05 18.87
N PHE D 112 -42.35 20.27 19.39
CA PHE D 112 -43.63 20.98 19.38
C PHE D 112 -44.00 21.41 17.97
N ILE D 113 -43.07 22.06 17.28
CA ILE D 113 -43.45 22.56 15.97
CA ILE D 113 -43.28 22.58 15.92
C ILE D 113 -43.50 21.45 14.92
N ARG D 114 -42.81 20.32 15.14
CA ARG D 114 -42.87 19.26 14.14
CA ARG D 114 -42.85 19.21 14.19
C ARG D 114 -44.28 18.69 14.03
N LEU D 115 -44.99 18.55 15.15
CA LEU D 115 -46.36 18.03 15.10
C LEU D 115 -47.30 18.98 14.38
N CYS D 116 -47.09 20.30 14.49
CA CYS D 116 -47.86 21.24 13.66
C CYS D 116 -47.61 21.01 12.19
N VAL D 117 -46.35 20.72 11.82
CA VAL D 117 -46.06 20.47 10.42
C VAL D 117 -46.68 19.15 9.98
N VAL D 118 -46.66 18.14 10.86
CA VAL D 118 -47.29 16.86 10.50
C VAL D 118 -48.75 17.08 10.10
N TRP D 119 -49.47 17.92 10.83
CA TRP D 119 -50.89 18.10 10.59
C TRP D 119 -51.22 19.40 9.86
N ASN D 120 -50.23 20.07 9.29
CA ASN D 120 -50.44 21.31 8.51
C ASN D 120 -51.25 22.34 9.30
N THR D 121 -50.81 22.61 10.53
CA THR D 121 -51.41 23.59 11.42
C THR D 121 -50.78 24.95 11.21
N PRO D 122 -51.57 26.01 11.01
CA PRO D 122 -50.97 27.36 10.99
C PRO D 122 -50.24 27.62 12.30
N MET D 123 -48.98 28.04 12.19
CA MET D 123 -48.16 28.17 13.39
C MET D 123 -47.20 29.35 13.28
N ALA D 124 -47.12 30.14 14.34
CA ALA D 124 -46.20 31.27 14.40
C ALA D 124 -45.13 31.01 15.46
N CYS D 125 -43.88 31.30 15.11
CA CYS D 125 -42.77 31.17 16.05
C CYS D 125 -42.22 32.51 16.48
N ASP D 126 -42.76 33.61 15.98
CA ASP D 126 -42.36 34.95 16.37
C ASP D 126 -43.54 35.87 16.12
N SER D 127 -43.40 37.12 16.58
CA SER D 127 -44.55 38.02 16.54
C SER D 127 -44.85 38.47 15.12
N ALA D 128 -43.86 38.53 14.23
CA ALA D 128 -44.17 38.92 12.86
C ALA D 128 -45.05 37.88 12.19
N THR D 129 -44.69 36.60 12.31
CA THR D 129 -45.56 35.55 11.77
C THR D 129 -46.93 35.60 12.43
N ALA D 130 -46.96 35.83 13.74
CA ALA D 130 -48.24 35.89 14.46
C ALA D 130 -49.09 37.03 13.93
N ASP D 131 -48.47 38.18 13.63
CA ASP D 131 -49.20 39.31 13.05
C ASP D 131 -49.74 38.96 11.66
N PHE D 132 -48.94 38.32 10.83
CA PHE D 132 -49.42 37.92 9.51
C PHE D 132 -50.58 36.94 9.64
N ILE D 133 -50.46 35.95 10.54
CA ILE D 133 -51.53 34.97 10.70
C ILE D 133 -52.81 35.67 11.15
N LEU D 134 -52.70 36.52 12.19
CA LEU D 134 -53.87 37.16 12.75
C LEU D 134 -54.53 38.12 11.77
N SER D 135 -53.76 38.68 10.84
CA SER D 135 -54.34 39.58 9.86
C SER D 135 -54.98 38.85 8.69
N SER D 136 -54.83 37.53 8.61
CA SER D 136 -55.39 36.81 7.49
C SER D 136 -56.91 36.85 7.53
N PRO D 137 -57.58 37.01 6.39
CA PRO D 137 -59.05 36.85 6.39
C PRO D 137 -59.47 35.46 6.84
N PHE D 138 -58.58 34.47 6.76
CA PHE D 138 -58.92 33.13 7.22
C PHE D 138 -59.12 33.05 8.73
N MET D 139 -58.67 34.05 9.50
CA MET D 139 -58.92 34.04 10.95
C MET D 139 -60.38 33.88 11.28
N GLU D 140 -61.25 34.54 10.52
CA GLU D 140 -62.67 34.63 10.86
C GLU D 140 -63.56 33.87 9.89
N THR D 141 -62.99 33.11 8.98
CA THR D 141 -63.75 32.24 8.10
C THR D 141 -63.26 30.81 8.27
N GLU D 142 -63.96 29.87 7.65
CA GLU D 142 -63.41 28.54 7.54
C GLU D 142 -62.16 28.56 6.67
N TYR D 143 -61.27 27.61 6.90
CA TYR D 143 -60.11 27.44 6.06
C TYR D 143 -59.95 25.95 5.80
N GLN D 144 -59.77 25.58 4.54
CA GLN D 144 -59.57 24.19 4.17
C GLN D 144 -58.07 23.92 4.09
N ALA D 145 -57.58 23.10 5.02
CA ALA D 145 -56.18 22.75 5.11
C ALA D 145 -55.96 21.38 4.45
N GLU D 146 -55.00 21.32 3.54
CA GLU D 146 -54.60 20.03 2.97
C GLU D 146 -53.80 19.25 4.02
N ILE D 147 -54.18 18.01 4.28
CA ILE D 147 -53.49 17.15 5.24
CA ILE D 147 -53.38 17.24 5.22
C ILE D 147 -52.59 16.18 4.46
N PRO D 148 -51.33 15.99 4.85
CA PRO D 148 -50.51 14.99 4.16
C PRO D 148 -51.15 13.62 4.28
N ASP D 149 -50.96 12.81 3.26
CA ASP D 149 -51.46 11.45 3.32
C ASP D 149 -50.49 10.56 4.07
N TYR D 150 -50.95 10.00 5.19
CA TYR D 150 -50.14 9.08 5.98
C TYR D 150 -50.58 7.63 5.78
N ASP D 151 -51.41 7.37 4.78
CA ASP D 151 -51.91 6.01 4.55
C ASP D 151 -50.77 5.05 4.23
N GLY D 152 -49.85 5.45 3.36
CA GLY D 152 -48.70 4.60 3.07
C GLY D 152 -47.83 4.35 4.28
N TYR D 153 -47.59 5.39 5.08
CA TYR D 153 -46.82 5.21 6.30
C TYR D 153 -47.52 4.23 7.25
N LEU D 154 -48.84 4.40 7.44
CA LEU D 154 -49.56 3.57 8.40
C LEU D 154 -49.57 2.10 8.01
N LYS D 155 -49.52 1.81 6.72
CA LYS D 155 -49.53 0.44 6.21
C LYS D 155 -48.14 -0.05 5.84
N ARG D 156 -47.08 0.65 6.26
CA ARG D 156 -45.73 0.27 5.88
C ARG D 156 -45.40 -1.14 6.36
N ASN D 157 -44.49 -1.80 5.63
CA ASN D 157 -44.03 -3.11 6.07
CA ASN D 157 -43.99 -3.12 6.04
C ASN D 157 -43.10 -2.97 7.28
N ILE D 158 -43.25 -3.90 8.21
CA ILE D 158 -42.51 -3.88 9.47
C ILE D 158 -41.35 -4.86 9.34
N PRO D 159 -40.10 -4.43 9.58
CA PRO D 159 -38.96 -5.33 9.39
C PRO D 159 -39.00 -6.52 10.34
N GLU D 160 -38.38 -7.62 9.91
CA GLU D 160 -38.30 -8.82 10.73
C GLU D 160 -37.39 -8.64 11.94
N ALA D 161 -36.46 -7.70 11.88
CA ALA D 161 -35.61 -7.35 13.01
C ALA D 161 -34.86 -6.06 12.72
N LYS E 10 -39.91 15.59 47.04
CA LYS E 10 -40.58 16.32 48.10
C LYS E 10 -42.09 16.03 48.14
N SER E 11 -42.58 15.32 47.13
CA SER E 11 -43.99 14.97 46.97
C SER E 11 -44.08 13.52 46.52
N ILE E 12 -45.30 12.96 46.48
CA ILE E 12 -45.48 11.53 46.21
C ILE E 12 -46.52 11.28 45.12
N ARG E 13 -46.27 10.27 44.29
CA ARG E 13 -47.24 9.74 43.34
CA ARG E 13 -47.23 9.74 43.32
C ARG E 13 -47.43 8.26 43.61
N THR E 14 -48.67 7.85 43.84
CA THR E 14 -48.97 6.44 44.14
C THR E 14 -49.33 5.72 42.84
N LEU E 15 -48.52 4.72 42.47
CA LEU E 15 -48.93 3.84 41.38
C LEU E 15 -49.96 2.86 41.92
N PRO E 16 -51.09 2.65 41.23
CA PRO E 16 -52.11 1.73 41.75
C PRO E 16 -51.68 0.28 41.60
N GLU E 17 -52.46 -0.61 42.24
CA GLU E 17 -52.18 -2.04 42.24
C GLU E 17 -52.24 -2.61 40.84
N ARG E 18 -53.34 -2.35 40.13
CA ARG E 18 -53.45 -2.70 38.72
CA ARG E 18 -53.47 -2.69 38.72
C ARG E 18 -52.85 -1.55 37.90
N LYS E 19 -51.84 -1.87 37.10
CA LYS E 19 -51.09 -0.84 36.39
C LYS E 19 -51.67 -0.58 35.00
N THR E 20 -51.45 0.62 34.49
CA THR E 20 -51.61 0.87 33.07
C THR E 20 -50.22 0.88 32.46
N ILE E 21 -49.98 -0.02 31.50
CA ILE E 21 -48.66 -0.25 30.94
C ILE E 21 -48.67 0.20 29.48
N ALA E 22 -47.81 1.16 29.15
CA ALA E 22 -47.64 1.61 27.77
C ALA E 22 -46.62 0.72 27.07
N LEU E 23 -46.94 0.33 25.84
CA LEU E 23 -46.09 -0.54 25.03
C LEU E 23 -45.77 0.15 23.71
N VAL E 24 -44.48 0.42 23.48
CA VAL E 24 -44.03 1.17 22.30
C VAL E 24 -42.73 0.55 21.80
N ALA E 25 -42.59 0.44 20.48
CA ALA E 25 -41.34 -0.01 19.90
C ALA E 25 -41.06 0.75 18.62
N HIS E 26 -39.80 1.13 18.44
CA HIS E 26 -39.30 1.55 17.13
C HIS E 26 -39.47 0.41 16.12
N ASP E 27 -39.51 0.76 14.83
CA ASP E 27 -39.90 -0.22 13.81
C ASP E 27 -39.02 -1.49 13.88
N HIS E 28 -37.69 -1.32 14.00
CA HIS E 28 -36.80 -2.47 14.00
C HIS E 28 -36.79 -3.25 15.31
N LYS E 29 -37.55 -2.80 16.32
CA LYS E 29 -37.72 -3.50 17.58
C LYS E 29 -39.14 -3.99 17.79
N LYS E 30 -40.02 -3.79 16.81
CA LYS E 30 -41.43 -4.17 16.99
C LYS E 30 -41.57 -5.67 17.15
N ASP E 31 -40.90 -6.46 16.31
CA ASP E 31 -41.01 -7.91 16.46
C ASP E 31 -40.43 -8.37 17.81
N ASP E 32 -39.32 -7.75 18.25
CA ASP E 32 -38.81 -8.05 19.59
C ASP E 32 -39.86 -7.77 20.67
N LEU E 33 -40.55 -6.63 20.57
CA LEU E 33 -41.56 -6.31 21.58
C LEU E 33 -42.74 -7.30 21.51
N VAL E 34 -43.18 -7.66 20.30
CA VAL E 34 -44.27 -8.63 20.19
C VAL E 34 -43.87 -9.94 20.86
N ARG E 35 -42.61 -10.36 20.67
CA ARG E 35 -42.14 -11.61 21.29
C ARG E 35 -42.08 -11.47 22.80
N TRP E 36 -41.66 -10.30 23.29
CA TRP E 36 -41.63 -10.10 24.72
C TRP E 36 -43.03 -10.11 25.31
N VAL E 37 -44.00 -9.46 24.65
CA VAL E 37 -45.39 -9.46 25.12
C VAL E 37 -45.92 -10.89 25.17
N GLN E 38 -45.67 -11.67 24.11
CA GLN E 38 -46.12 -13.05 24.07
C GLN E 38 -45.57 -13.86 25.26
N LYS E 39 -44.27 -13.72 25.55
CA LYS E 39 -43.69 -14.51 26.65
C LYS E 39 -44.25 -14.09 28.00
N HIS E 40 -44.69 -12.84 28.13
CA HIS E 40 -45.20 -12.31 29.39
C HIS E 40 -46.70 -12.06 29.33
N ALA E 41 -47.40 -12.75 28.42
CA ALA E 41 -48.82 -12.47 28.19
C ALA E 41 -49.63 -12.68 29.45
N GLY E 42 -49.33 -13.75 30.19
CA GLY E 42 -50.09 -14.00 31.41
C GLY E 42 -50.00 -12.86 32.39
N LYS E 43 -48.78 -12.36 32.64
CA LYS E 43 -48.63 -11.26 33.60
C LYS E 43 -49.17 -9.95 33.04
N LEU E 44 -48.94 -9.69 31.76
CA LEU E 44 -49.31 -8.39 31.20
C LEU E 44 -50.82 -8.24 31.09
N THR E 45 -51.54 -9.30 30.74
CA THR E 45 -52.97 -9.16 30.53
C THR E 45 -53.74 -8.99 31.85
N LYS E 46 -53.09 -9.13 33.00
CA LYS E 46 -53.71 -8.72 34.26
C LYS E 46 -53.80 -7.22 34.41
N HIS E 47 -53.12 -6.45 33.54
CA HIS E 47 -53.05 -5.01 33.65
C HIS E 47 -53.72 -4.36 32.45
N ASN E 48 -53.83 -3.02 32.50
CA ASN E 48 -54.37 -2.25 31.40
CA ASN E 48 -54.37 -2.23 31.40
C ASN E 48 -53.24 -1.93 30.41
N LEU E 49 -53.36 -2.43 29.19
CA LEU E 49 -52.32 -2.26 28.19
C LEU E 49 -52.71 -1.19 27.18
N ILE E 50 -51.77 -0.31 26.86
CA ILE E 50 -51.98 0.75 25.87
C ILE E 50 -50.72 0.86 25.03
N ALA E 51 -50.88 1.26 23.77
CA ALA E 51 -49.77 1.29 22.83
C ALA E 51 -50.01 2.38 21.79
N THR E 52 -48.91 2.80 21.16
CA THR E 52 -49.01 3.60 19.93
C THR E 52 -49.69 2.76 18.84
N GLY E 53 -50.17 3.47 17.82
CA GLY E 53 -51.02 2.86 16.81
C GLY E 53 -50.47 1.62 16.13
N THR E 54 -49.26 1.68 15.57
CA THR E 54 -48.75 0.54 14.80
C THR E 54 -48.33 -0.60 15.71
N THR E 55 -47.61 -0.29 16.78
CA THR E 55 -47.21 -1.31 17.75
C THR E 55 -48.44 -2.05 18.29
N GLY E 56 -49.48 -1.30 18.66
CA GLY E 56 -50.68 -1.93 19.19
C GLY E 56 -51.43 -2.79 18.19
N LYS E 57 -51.53 -2.33 16.94
CA LYS E 57 -52.19 -3.14 15.91
C LYS E 57 -51.42 -4.43 15.66
N LEU E 58 -50.09 -4.36 15.69
CA LEU E 58 -49.27 -5.54 15.47
C LEU E 58 -49.42 -6.56 16.60
N ILE E 59 -49.42 -6.09 17.85
CA ILE E 59 -49.67 -7.00 18.97
C ILE E 59 -51.02 -7.70 18.81
N GLU E 60 -52.06 -6.94 18.45
CA GLU E 60 -53.39 -7.53 18.29
CA GLU E 60 -53.38 -7.55 18.30
C GLU E 60 -53.43 -8.50 17.11
N GLU E 61 -52.81 -8.13 15.99
CA GLU E 61 -52.84 -9.01 14.83
C GLU E 61 -52.02 -10.28 15.07
N ASP E 62 -50.84 -10.14 15.69
CA ASP E 62 -49.95 -11.30 15.86
C ASP E 62 -50.34 -12.17 17.05
N LEU E 63 -50.84 -11.56 18.13
CA LEU E 63 -51.05 -12.30 19.37
C LEU E 63 -52.50 -12.38 19.81
N GLY E 64 -53.38 -11.56 19.24
CA GLY E 64 -54.74 -11.49 19.76
C GLY E 64 -54.83 -10.92 21.16
N VAL E 65 -53.77 -10.25 21.63
CA VAL E 65 -53.79 -9.63 22.95
C VAL E 65 -54.44 -8.26 22.83
N GLU E 66 -55.41 -7.99 23.69
CA GLU E 66 -56.16 -6.73 23.65
C GLU E 66 -55.31 -5.59 24.19
N VAL E 67 -55.14 -4.55 23.39
CA VAL E 67 -54.35 -3.38 23.76
C VAL E 67 -55.09 -2.16 23.27
N LYS E 68 -55.30 -1.19 24.15
CA LYS E 68 -55.84 0.09 23.71
C LYS E 68 -54.80 0.78 22.85
N ARG E 69 -55.26 1.49 21.81
CA ARG E 69 -54.36 2.15 20.88
C ARG E 69 -54.60 3.64 20.84
N VAL E 70 -53.51 4.39 20.86
CA VAL E 70 -53.59 5.81 20.51
C VAL E 70 -53.09 5.96 19.06
N MET E 71 -52.86 7.18 18.61
CA MET E 71 -52.38 7.39 17.26
C MET E 71 -50.97 6.80 17.08
N SER E 72 -50.54 6.70 15.83
CA SER E 72 -49.16 6.31 15.59
C SER E 72 -48.22 7.32 16.23
N GLY E 73 -47.12 6.80 16.81
CA GLY E 73 -46.18 7.60 17.57
C GLY E 73 -45.81 8.94 16.97
N PRO E 74 -45.22 8.95 15.77
CA PRO E 74 -44.78 10.21 15.16
C PRO E 74 -45.92 11.08 14.62
N LEU E 75 -47.16 10.58 14.63
CA LEU E 75 -48.31 11.36 14.21
C LEU E 75 -49.05 11.97 15.39
N GLY E 76 -48.54 11.79 16.60
CA GLY E 76 -49.16 12.35 17.78
C GLY E 76 -49.32 11.36 18.91
N GLY E 77 -49.16 10.06 18.61
CA GLY E 77 -49.28 9.05 19.65
C GLY E 77 -48.26 9.24 20.76
N ASP E 78 -47.04 9.67 20.42
CA ASP E 78 -46.03 9.98 21.45
C ASP E 78 -46.57 11.00 22.43
N GLN E 79 -47.19 12.07 21.91
CA GLN E 79 -47.71 13.13 22.77
C GLN E 79 -48.96 12.67 23.53
N GLN E 80 -49.79 11.83 22.92
CA GLN E 80 -50.94 11.30 23.64
C GLN E 80 -50.49 10.45 24.83
N LEU E 81 -49.51 9.56 24.62
CA LEU E 81 -49.01 8.78 25.75
C LEU E 81 -48.32 9.68 26.77
N GLY E 82 -47.51 10.64 26.29
CA GLY E 82 -46.88 11.58 27.21
C GLY E 82 -47.88 12.36 28.04
N SER E 83 -48.99 12.80 27.42
CA SER E 83 -50.06 13.47 28.16
CA SER E 83 -50.04 13.49 28.16
C SER E 83 -50.59 12.59 29.28
N MET E 84 -50.83 11.33 28.97
CA MET E 84 -51.36 10.41 29.98
C MET E 84 -50.36 10.16 31.10
N ILE E 85 -49.07 10.05 30.77
CA ILE E 85 -48.04 9.96 31.82
C ILE E 85 -48.11 11.16 32.75
N ALA E 86 -48.12 12.38 32.18
CA ALA E 86 -48.16 13.59 33.00
C ALA E 86 -49.44 13.67 33.80
N GLN E 87 -50.53 13.09 33.30
CA GLN E 87 -51.81 13.06 33.99
C GLN E 87 -51.96 11.85 34.91
N ARG E 88 -50.88 11.09 35.12
CA ARG E 88 -50.86 9.94 36.03
C ARG E 88 -51.86 8.88 35.63
N GLN E 89 -52.09 8.74 34.32
CA GLN E 89 -52.96 7.72 33.77
C GLN E 89 -52.20 6.53 33.17
N ILE E 90 -50.88 6.62 33.07
CA ILE E 90 -50.01 5.51 32.68
C ILE E 90 -48.97 5.32 33.79
N ASP E 91 -48.79 4.08 34.23
CA ASP E 91 -47.94 3.84 35.40
C ASP E 91 -46.59 3.23 35.05
N ILE E 92 -46.50 2.50 33.95
CA ILE E 92 -45.29 1.77 33.52
CA ILE E 92 -45.28 1.81 33.52
C ILE E 92 -45.13 1.98 32.02
N VAL E 93 -43.92 2.26 31.58
CA VAL E 93 -43.64 2.43 30.16
C VAL E 93 -42.63 1.40 29.71
N ILE E 94 -43.00 0.59 28.71
CA ILE E 94 -42.07 -0.32 28.04
C ILE E 94 -41.84 0.21 26.63
N PHE E 95 -40.64 0.71 26.36
CA PHE E 95 -40.32 1.39 25.10
C PHE E 95 -39.06 0.74 24.54
N PHE E 96 -39.21 -0.17 23.56
CA PHE E 96 -38.05 -0.82 22.94
C PHE E 96 -37.55 0.11 21.84
N TRP E 97 -36.56 0.94 22.14
CA TRP E 97 -36.14 1.77 21.03
C TRP E 97 -34.88 1.20 20.39
N ASP E 98 -34.61 1.70 19.18
CA ASP E 98 -33.63 1.11 18.29
C ASP E 98 -32.37 1.96 18.34
N PRO E 99 -31.29 1.48 18.96
CA PRO E 99 -30.07 2.27 19.10
C PRO E 99 -29.16 2.22 17.86
N MET E 100 -29.53 1.46 16.84
CA MET E 100 -28.69 1.22 15.66
C MET E 100 -29.34 1.68 14.36
N GLU E 101 -30.62 1.40 14.16
CA GLU E 101 -31.30 1.62 12.89
CA GLU E 101 -31.22 1.72 12.86
C GLU E 101 -32.53 2.51 13.05
N ALA E 102 -32.54 3.42 14.03
CA ALA E 102 -33.70 4.26 14.22
C ALA E 102 -33.97 5.08 12.95
N GLN E 103 -35.21 5.04 12.47
CA GLN E 103 -35.61 5.60 11.20
C GLN E 103 -36.06 7.05 11.37
N PRO E 104 -36.11 7.81 10.28
CA PRO E 104 -36.56 9.21 10.38
C PRO E 104 -37.90 9.39 11.07
N HIS E 105 -38.83 8.45 10.88
CA HIS E 105 -40.18 8.55 11.47
C HIS E 105 -40.30 7.89 12.84
N ASP E 106 -39.23 7.29 13.36
CA ASP E 106 -39.36 6.60 14.65
C ASP E 106 -39.64 7.60 15.78
N SER E 107 -40.47 7.18 16.74
CA SER E 107 -40.81 8.01 17.91
C SER E 107 -39.55 8.62 18.53
N ASP E 108 -39.66 9.89 18.92
CA ASP E 108 -38.50 10.59 19.47
C ASP E 108 -38.18 10.05 20.87
N VAL E 109 -36.95 9.53 21.01
CA VAL E 109 -36.59 8.78 22.22
C VAL E 109 -36.50 9.71 23.42
N LYS E 110 -35.69 10.76 23.31
CA LYS E 110 -35.42 11.63 24.45
C LYS E 110 -36.71 12.27 24.97
N ALA E 111 -37.49 12.88 24.07
CA ALA E 111 -38.69 13.58 24.52
C ALA E 111 -39.64 12.63 25.22
N PHE E 112 -39.68 11.37 24.78
CA PHE E 112 -40.60 10.42 25.40
C PHE E 112 -40.13 10.02 26.79
N ILE E 113 -38.83 9.71 26.93
CA ILE E 113 -38.38 9.23 28.22
CA ILE E 113 -38.23 9.25 28.18
C ILE E 113 -38.16 10.36 29.22
N ARG E 114 -37.97 11.60 28.76
CA ARG E 114 -37.74 12.67 29.73
CA ARG E 114 -37.76 12.72 29.69
C ARG E 114 -38.97 12.90 30.60
N LEU E 115 -40.17 12.77 30.02
CA LEU E 115 -41.38 12.96 30.80
C LEU E 115 -41.56 11.85 31.83
N CYS E 116 -41.14 10.61 31.53
CA CYS E 116 -41.15 9.58 32.55
C CYS E 116 -40.24 9.94 33.71
N VAL E 117 -39.07 10.51 33.42
CA VAL E 117 -38.17 10.91 34.50
C VAL E 117 -38.77 12.10 35.26
N VAL E 118 -39.42 13.03 34.56
CA VAL E 118 -40.06 14.15 35.24
C VAL E 118 -41.00 13.66 36.33
N TRP E 119 -41.78 12.63 36.04
CA TRP E 119 -42.81 12.15 36.96
C TRP E 119 -42.41 10.85 37.66
N ASN E 120 -41.14 10.45 37.60
CA ASN E 120 -40.62 9.25 38.26
C ASN E 120 -41.47 8.02 37.94
N THR E 121 -41.66 7.80 36.67
CA THR E 121 -42.39 6.65 36.13
C THR E 121 -41.44 5.50 35.86
N PRO E 122 -41.74 4.29 36.34
CA PRO E 122 -40.94 3.12 35.94
C PRO E 122 -40.95 2.96 34.42
N MET E 123 -39.75 2.83 33.85
CA MET E 123 -39.65 2.79 32.40
C MET E 123 -38.54 1.85 31.98
N ALA E 124 -38.81 1.01 31.00
CA ALA E 124 -37.83 0.11 30.42
C ALA E 124 -37.57 0.49 28.97
N CYS E 125 -36.29 0.52 28.58
CA CYS E 125 -35.91 0.81 27.21
C CYS E 125 -35.37 -0.41 26.48
N ASP E 126 -35.35 -1.56 27.14
CA ASP E 126 -34.91 -2.80 26.52
C ASP E 126 -35.55 -3.94 27.29
N SER E 127 -35.40 -5.16 26.76
CA SER E 127 -36.11 -6.28 27.36
C SER E 127 -35.54 -6.71 28.71
N ALA E 128 -34.24 -6.50 28.95
CA ALA E 128 -33.70 -6.86 30.26
C ALA E 128 -34.29 -5.99 31.36
N THR E 129 -34.35 -4.66 31.16
CA THR E 129 -35.02 -3.80 32.13
C THR E 129 -36.49 -4.16 32.27
N ALA E 130 -37.14 -4.48 31.15
CA ALA E 130 -38.55 -4.84 31.18
C ALA E 130 -38.77 -6.09 32.02
N ASP E 131 -37.88 -7.07 31.88
CA ASP E 131 -37.96 -8.30 32.68
C ASP E 131 -37.79 -8.01 34.18
N PHE E 132 -36.84 -7.14 34.53
CA PHE E 132 -36.65 -6.77 35.93
C PHE E 132 -37.88 -6.07 36.48
N ILE E 133 -38.43 -5.13 35.70
CA ILE E 133 -39.64 -4.41 36.14
C ILE E 133 -40.80 -5.36 36.33
N LEU E 134 -41.02 -6.22 35.35
CA LEU E 134 -42.20 -7.07 35.37
C LEU E 134 -42.11 -8.10 36.48
N SER E 135 -40.90 -8.49 36.87
CA SER E 135 -40.68 -9.43 37.95
C SER E 135 -40.70 -8.79 39.33
N SER E 136 -40.79 -7.46 39.42
CA SER E 136 -40.82 -6.82 40.74
C SER E 136 -42.14 -7.12 41.43
N PRO E 137 -42.13 -7.34 42.74
CA PRO E 137 -43.41 -7.45 43.46
C PRO E 137 -44.25 -6.19 43.35
N PHE E 138 -43.66 -5.03 43.07
CA PHE E 138 -44.45 -3.81 42.95
C PHE E 138 -45.40 -3.84 41.74
N MET E 139 -45.20 -4.76 40.80
CA MET E 139 -46.19 -4.92 39.74
C MET E 139 -47.57 -5.14 40.33
N GLU E 140 -47.65 -5.83 41.47
CA GLU E 140 -48.94 -6.28 42.00
C GLU E 140 -49.35 -5.58 43.29
N THR E 141 -48.60 -4.58 43.73
CA THR E 141 -48.94 -3.78 44.90
C THR E 141 -48.98 -2.34 44.46
N GLU E 142 -49.40 -1.47 45.38
CA GLU E 142 -49.14 -0.05 45.17
C GLU E 142 -47.65 0.20 45.24
N TYR E 143 -47.21 1.30 44.62
CA TYR E 143 -45.83 1.74 44.77
C TYR E 143 -45.86 3.26 44.94
N GLN E 144 -45.17 3.77 45.96
CA GLN E 144 -45.13 5.21 46.23
C GLN E 144 -43.90 5.82 45.58
N ALA E 145 -44.09 6.60 44.52
CA ALA E 145 -42.98 7.17 43.78
C ALA E 145 -42.74 8.58 44.29
N GLU E 146 -41.51 8.84 44.74
CA GLU E 146 -41.14 10.19 45.14
C GLU E 146 -41.04 11.06 43.89
N ILE E 147 -41.58 12.27 43.95
CA ILE E 147 -41.39 13.17 42.81
C ILE E 147 -40.84 14.51 43.29
N PRO E 148 -40.16 15.27 42.45
CA PRO E 148 -39.74 16.61 42.86
C PRO E 148 -40.96 17.47 43.12
N ASP E 149 -40.82 18.38 44.07
CA ASP E 149 -41.88 19.37 44.25
C ASP E 149 -41.64 20.41 43.16
N TYR E 150 -42.57 20.53 42.22
CA TYR E 150 -42.42 21.48 41.13
C TYR E 150 -43.12 22.79 41.45
N ASP E 151 -43.57 22.96 42.70
CA ASP E 151 -44.24 24.19 43.10
C ASP E 151 -43.29 25.39 42.98
N GLY E 152 -42.04 25.22 43.39
CA GLY E 152 -41.07 26.29 43.22
C GLY E 152 -40.86 26.67 41.77
N TYR E 153 -40.71 25.66 40.91
CA TYR E 153 -40.59 25.93 39.47
C TYR E 153 -41.83 26.66 38.95
N LEU E 154 -43.02 26.23 39.39
CA LEU E 154 -44.27 26.82 38.89
C LEU E 154 -44.41 28.28 39.31
N LYS E 155 -43.80 28.67 40.43
CA LYS E 155 -43.86 30.03 40.95
C LYS E 155 -42.60 30.82 40.62
N ARG E 156 -41.78 30.34 39.68
CA ARG E 156 -40.52 30.99 39.36
C ARG E 156 -40.75 32.42 38.88
N ASN E 157 -39.75 33.26 39.08
CA ASN E 157 -39.81 34.62 38.54
C ASN E 157 -39.60 34.59 37.04
N ILE E 158 -40.37 35.40 36.33
CA ILE E 158 -40.34 35.45 34.87
C ILE E 158 -39.52 36.67 34.46
N PRO E 159 -38.50 36.52 33.61
CA PRO E 159 -37.64 37.65 33.25
C PRO E 159 -38.38 38.75 32.51
N GLU E 160 -37.87 39.98 32.64
CA GLU E 160 -38.49 41.14 32.00
C GLU E 160 -38.25 41.15 30.48
N ALA E 161 -37.17 40.53 30.03
CA ALA E 161 -36.82 40.55 28.61
C ALA E 161 -36.04 39.29 28.25
N LYS F 10 -30.70 -13.11 19.74
CA LYS F 10 -30.23 -14.41 19.26
C LYS F 10 -29.25 -15.04 20.25
N SER F 11 -28.20 -14.29 20.59
CA SER F 11 -27.20 -14.70 21.57
C SER F 11 -27.65 -14.30 22.97
N ILE F 12 -27.09 -14.97 23.97
CA ILE F 12 -27.54 -14.82 25.36
C ILE F 12 -26.34 -14.50 26.24
N ARG F 13 -26.51 -13.52 27.14
CA ARG F 13 -25.52 -13.16 28.13
CA ARG F 13 -25.52 -13.14 28.13
C ARG F 13 -26.07 -13.41 29.52
N THR F 14 -25.26 -13.99 30.38
CA THR F 14 -25.67 -14.27 31.76
C THR F 14 -25.10 -13.21 32.68
N LEU F 15 -26.00 -12.49 33.36
CA LEU F 15 -25.57 -11.61 34.45
C LEU F 15 -25.24 -12.46 35.67
N PRO F 16 -24.11 -12.22 36.35
CA PRO F 16 -23.78 -13.04 37.52
C PRO F 16 -24.71 -12.70 38.67
N GLU F 17 -24.65 -13.55 39.70
CA GLU F 17 -25.50 -13.34 40.88
C GLU F 17 -25.11 -12.06 41.60
N ARG F 18 -23.81 -11.85 41.79
CA ARG F 18 -23.29 -10.61 42.37
C ARG F 18 -23.01 -9.65 41.22
N LYS F 19 -23.76 -8.56 41.16
CA LYS F 19 -23.74 -7.63 40.05
C LYS F 19 -22.65 -6.57 40.23
N THR F 20 -22.22 -6.02 39.09
CA THR F 20 -21.51 -4.74 39.09
C THR F 20 -22.50 -3.66 38.66
N ILE F 21 -22.70 -2.68 39.54
CA ILE F 21 -23.73 -1.65 39.39
C ILE F 21 -23.03 -0.31 39.20
N ALA F 22 -23.30 0.35 38.07
CA ALA F 22 -22.81 1.71 37.84
C ALA F 22 -23.81 2.70 38.43
N LEU F 23 -23.27 3.74 39.08
CA LEU F 23 -24.06 4.78 39.73
C LEU F 23 -23.64 6.14 39.17
N VAL F 24 -24.58 6.86 38.54
CA VAL F 24 -24.30 8.13 37.89
C VAL F 24 -25.47 9.08 38.13
N ALA F 25 -25.17 10.35 38.44
CA ALA F 25 -26.23 11.34 38.59
C ALA F 25 -25.78 12.68 38.00
N HIS F 26 -26.71 13.32 37.28
CA HIS F 26 -26.57 14.73 36.96
C HIS F 26 -26.51 15.56 38.26
N ASP F 27 -25.92 16.76 38.17
CA ASP F 27 -25.63 17.52 39.38
C ASP F 27 -26.86 17.73 40.25
N HIS F 28 -28.00 18.08 39.64
CA HIS F 28 -29.21 18.35 40.41
C HIS F 28 -29.91 17.08 40.89
N LYS F 29 -29.39 15.91 40.57
CA LYS F 29 -29.92 14.65 41.05
C LYS F 29 -28.94 13.91 41.96
N LYS F 30 -27.76 14.48 42.21
CA LYS F 30 -26.75 13.75 42.98
C LYS F 30 -27.23 13.46 44.40
N ASP F 31 -27.84 14.45 45.06
CA ASP F 31 -28.34 14.22 46.41
C ASP F 31 -29.43 13.16 46.42
N ASP F 32 -30.30 13.17 45.40
CA ASP F 32 -31.31 12.13 45.27
C ASP F 32 -30.67 10.74 45.16
N LEU F 33 -29.62 10.61 44.36
CA LEU F 33 -28.96 9.32 44.22
C LEU F 33 -28.31 8.91 45.54
N VAL F 34 -27.71 9.87 46.25
CA VAL F 34 -27.08 9.55 47.53
C VAL F 34 -28.12 9.02 48.51
N ARG F 35 -29.30 9.67 48.56
CA ARG F 35 -30.36 9.19 49.45
C ARG F 35 -30.86 7.82 49.01
N TRP F 36 -30.92 7.58 47.70
CA TRP F 36 -31.36 6.29 47.20
C TRP F 36 -30.37 5.20 47.60
N VAL F 37 -29.06 5.46 47.44
CA VAL F 37 -28.05 4.49 47.85
C VAL F 37 -28.15 4.24 49.35
N GLN F 38 -28.34 5.30 50.13
CA GLN F 38 -28.44 5.18 51.57
C GLN F 38 -29.57 4.25 51.97
N LYS F 39 -30.76 4.45 51.38
CA LYS F 39 -31.92 3.67 51.80
C LYS F 39 -31.81 2.21 51.34
N HIS F 40 -30.99 1.92 50.34
CA HIS F 40 -30.81 0.56 49.85
C HIS F 40 -29.42 0.01 50.16
N ALA F 41 -28.74 0.56 51.16
CA ALA F 41 -27.34 0.21 51.40
C ALA F 41 -27.17 -1.28 51.66
N GLY F 42 -28.07 -1.86 52.47
CA GLY F 42 -27.99 -3.28 52.77
C GLY F 42 -28.03 -4.15 51.53
N LYS F 43 -28.92 -3.82 50.58
CA LYS F 43 -29.01 -4.58 49.34
C LYS F 43 -27.82 -4.29 48.43
N LEU F 44 -27.37 -3.04 48.37
CA LEU F 44 -26.36 -2.62 47.40
C LEU F 44 -24.96 -3.12 47.75
N THR F 45 -24.65 -3.18 49.04
CA THR F 45 -23.29 -3.57 49.39
C THR F 45 -23.03 -5.06 49.15
N LYS F 46 -24.05 -5.84 48.80
CA LYS F 46 -23.81 -7.19 48.31
C LYS F 46 -23.18 -7.21 46.91
N HIS F 47 -23.18 -6.07 46.22
CA HIS F 47 -22.74 -5.96 44.83
C HIS F 47 -21.51 -5.07 44.72
N ASN F 48 -20.89 -5.08 43.55
CA ASN F 48 -19.75 -4.21 43.26
C ASN F 48 -20.29 -2.90 42.73
N LEU F 49 -19.91 -1.79 43.36
CA LEU F 49 -20.39 -0.47 42.97
C LEU F 49 -19.28 0.31 42.26
N ILE F 50 -19.64 0.99 41.17
CA ILE F 50 -18.70 1.85 40.45
C ILE F 50 -19.46 3.11 40.05
N ALA F 51 -18.74 4.23 39.98
CA ALA F 51 -19.42 5.49 39.73
C ALA F 51 -18.49 6.44 38.98
N THR F 52 -19.09 7.43 38.32
CA THR F 52 -18.29 8.57 37.84
C THR F 52 -17.68 9.28 39.04
N GLY F 53 -16.67 10.09 38.76
CA GLY F 53 -15.84 10.69 39.79
C GLY F 53 -16.56 11.47 40.87
N THR F 54 -17.37 12.46 40.49
CA THR F 54 -18.01 13.31 41.50
C THR F 54 -19.11 12.56 42.23
N THR F 55 -19.95 11.84 41.49
CA THR F 55 -21.00 11.04 42.12
C THR F 55 -20.39 10.04 43.10
N GLY F 56 -19.34 9.33 42.68
CA GLY F 56 -18.72 8.35 43.57
C GLY F 56 -18.09 8.99 44.79
N LYS F 57 -17.44 10.15 44.61
CA LYS F 57 -16.86 10.84 45.76
C LYS F 57 -17.93 11.23 46.77
N LEU F 58 -19.08 11.71 46.27
CA LEU F 58 -20.14 12.15 47.17
C LEU F 58 -20.74 10.97 47.95
N ILE F 59 -20.94 9.83 47.28
CA ILE F 59 -21.43 8.65 47.97
C ILE F 59 -20.45 8.23 49.07
N GLU F 60 -19.17 8.21 48.75
CA GLU F 60 -18.19 7.77 49.74
C GLU F 60 -18.12 8.74 50.91
N GLU F 61 -18.12 10.04 50.63
CA GLU F 61 -17.98 11.02 51.70
C GLU F 61 -19.24 11.11 52.56
N ASP F 62 -20.43 11.06 51.94
CA ASP F 62 -21.67 11.22 52.70
C ASP F 62 -22.06 9.94 53.43
N LEU F 63 -21.78 8.77 52.85
CA LEU F 63 -22.29 7.52 53.39
C LEU F 63 -21.22 6.57 53.89
N GLY F 64 -19.96 6.76 53.54
CA GLY F 64 -18.96 5.76 53.86
C GLY F 64 -19.12 4.46 53.12
N VAL F 65 -19.88 4.46 52.02
CA VAL F 65 -20.06 3.27 51.19
C VAL F 65 -18.94 3.25 50.15
N GLU F 66 -18.29 2.09 50.00
CA GLU F 66 -17.17 1.94 49.09
C GLU F 66 -17.65 1.87 47.65
N VAL F 67 -17.12 2.77 46.81
CA VAL F 67 -17.48 2.81 45.39
C VAL F 67 -16.21 3.06 44.60
N LYS F 68 -15.91 2.18 43.64
CA LYS F 68 -14.87 2.47 42.66
C LYS F 68 -15.27 3.70 41.84
N ARG F 69 -14.32 4.58 41.61
CA ARG F 69 -14.55 5.85 40.93
C ARG F 69 -13.74 5.88 39.64
N VAL F 70 -14.41 6.20 38.52
CA VAL F 70 -13.71 6.48 37.27
C VAL F 70 -13.60 8.00 37.17
N MET F 71 -13.22 8.52 36.01
CA MET F 71 -13.13 9.97 35.85
C MET F 71 -14.51 10.61 35.94
N SER F 72 -14.53 11.93 36.12
CA SER F 72 -15.78 12.65 36.08
C SER F 72 -16.45 12.45 34.73
N GLY F 73 -17.78 12.30 34.74
CA GLY F 73 -18.58 12.00 33.57
C GLY F 73 -18.20 12.73 32.30
N PRO F 74 -18.29 14.06 32.32
CA PRO F 74 -18.00 14.85 31.11
C PRO F 74 -16.52 14.97 30.77
N LEU F 75 -15.62 14.50 31.64
CA LEU F 75 -14.20 14.48 31.33
C LEU F 75 -13.75 13.15 30.76
N GLY F 76 -14.69 12.22 30.59
CA GLY F 76 -14.36 10.90 30.05
C GLY F 76 -14.93 9.73 30.84
N GLY F 77 -15.39 9.98 32.07
CA GLY F 77 -15.98 8.91 32.86
C GLY F 77 -17.18 8.28 32.18
N ASP F 78 -17.99 9.07 31.46
CA ASP F 78 -19.08 8.49 30.68
C ASP F 78 -18.56 7.42 29.74
N GLN F 79 -17.46 7.73 29.02
CA GLN F 79 -16.90 6.79 28.07
C GLN F 79 -16.23 5.60 28.76
N GLN F 80 -15.62 5.83 29.91
CA GLN F 80 -15.04 4.72 30.67
C GLN F 80 -16.11 3.73 31.10
N LEU F 81 -17.21 4.23 31.66
CA LEU F 81 -18.30 3.34 32.04
C LEU F 81 -18.92 2.70 30.80
N GLY F 82 -19.10 3.47 29.71
CA GLY F 82 -19.61 2.88 28.48
C GLY F 82 -18.74 1.75 27.96
N SER F 83 -17.42 1.95 27.99
CA SER F 83 -16.49 0.88 27.61
CA SER F 83 -16.51 0.88 27.61
C SER F 83 -16.74 -0.37 28.43
N MET F 84 -16.93 -0.21 29.74
CA MET F 84 -17.14 -1.36 30.61
C MET F 84 -18.49 -2.02 30.34
N ILE F 85 -19.52 -1.23 30.03
CA ILE F 85 -20.79 -1.79 29.60
C ILE F 85 -20.60 -2.64 28.35
N ALA F 86 -19.95 -2.07 27.34
CA ALA F 86 -19.72 -2.82 26.10
C ALA F 86 -18.85 -4.05 26.33
N GLN F 87 -17.96 -4.00 27.33
CA GLN F 87 -17.11 -5.13 27.62
C GLN F 87 -17.74 -6.09 28.61
N ARG F 88 -19.03 -5.90 28.92
CA ARG F 88 -19.79 -6.77 29.83
C ARG F 88 -19.18 -6.81 31.23
N GLN F 89 -18.57 -5.71 31.65
CA GLN F 89 -18.02 -5.61 32.99
C GLN F 89 -18.94 -4.87 33.95
N ILE F 90 -20.03 -4.28 33.45
CA ILE F 90 -21.06 -3.64 34.26
C ILE F 90 -22.37 -4.33 33.92
N ASP F 91 -23.13 -4.72 34.95
CA ASP F 91 -24.34 -5.51 34.75
C ASP F 91 -25.61 -4.68 34.86
N ILE F 92 -25.58 -3.62 35.66
CA ILE F 92 -26.75 -2.79 35.93
CA ILE F 92 -26.74 -2.79 35.98
C ILE F 92 -26.30 -1.34 35.97
N VAL F 93 -27.11 -0.45 35.39
CA VAL F 93 -26.80 0.98 35.36
C VAL F 93 -27.91 1.75 36.06
N ILE F 94 -27.56 2.53 37.07
CA ILE F 94 -28.47 3.48 37.70
C ILE F 94 -27.99 4.88 37.32
N PHE F 95 -28.76 5.58 36.50
CA PHE F 95 -28.36 6.88 35.94
C PHE F 95 -29.47 7.89 36.25
N PHE F 96 -29.34 8.66 37.33
CA PHE F 96 -30.37 9.65 37.66
C PHE F 96 -30.08 10.91 36.86
N TRP F 97 -30.71 11.08 35.71
CA TRP F 97 -30.45 12.31 35.00
C TRP F 97 -31.56 13.32 35.22
N ASP F 98 -31.24 14.58 34.88
CA ASP F 98 -32.05 15.72 35.26
C ASP F 98 -32.88 16.16 34.06
N PRO F 99 -34.20 15.96 34.07
CA PRO F 99 -35.00 16.31 32.90
C PRO F 99 -35.41 17.77 32.85
N MET F 100 -35.05 18.56 33.85
CA MET F 100 -35.51 19.94 33.95
C MET F 100 -34.37 20.94 33.94
N GLU F 101 -33.28 20.67 34.63
CA GLU F 101 -32.24 21.68 34.83
C GLU F 101 -30.87 21.11 34.50
N ALA F 102 -30.82 20.24 33.50
CA ALA F 102 -29.55 19.65 33.08
C ALA F 102 -28.62 20.76 32.64
N GLN F 103 -27.40 20.74 33.16
CA GLN F 103 -26.41 21.79 33.00
C GLN F 103 -25.58 21.56 31.74
N PRO F 104 -24.88 22.60 31.26
CA PRO F 104 -23.99 22.43 30.08
C PRO F 104 -22.99 21.29 30.22
N HIS F 105 -22.46 21.04 31.42
CA HIS F 105 -21.47 19.99 31.63
C HIS F 105 -22.07 18.65 32.03
N ASP F 106 -23.40 18.54 32.16
CA ASP F 106 -23.98 17.28 32.59
C ASP F 106 -23.79 16.19 31.54
N SER F 107 -23.52 14.96 32.01
CA SER F 107 -23.31 13.81 31.14
C SER F 107 -24.39 13.67 30.06
N ASP F 108 -23.95 13.49 28.81
CA ASP F 108 -24.85 13.36 27.68
CA ASP F 108 -24.88 13.38 27.70
C ASP F 108 -25.77 12.15 27.86
N VAL F 109 -27.09 12.40 27.94
CA VAL F 109 -28.05 11.36 28.30
C VAL F 109 -28.16 10.31 27.21
N LYS F 110 -28.44 10.74 25.97
CA LYS F 110 -28.71 9.79 24.90
C LYS F 110 -27.53 8.86 24.67
N ALA F 111 -26.32 9.41 24.50
CA ALA F 111 -25.17 8.56 24.19
C ALA F 111 -24.91 7.54 25.29
N PHE F 112 -25.18 7.90 26.54
CA PHE F 112 -24.93 6.97 27.64
C PHE F 112 -25.95 5.83 27.64
N ILE F 113 -27.24 6.16 27.58
CA ILE F 113 -28.22 5.11 27.66
CA ILE F 113 -28.32 5.19 27.60
C ILE F 113 -28.31 4.30 26.37
N ARG F 114 -27.93 4.86 25.23
CA ARG F 114 -28.00 4.13 23.97
CA ARG F 114 -28.05 4.09 24.00
C ARG F 114 -27.14 2.86 24.02
N LEU F 115 -25.95 2.97 24.63
CA LEU F 115 -25.05 1.83 24.73
C LEU F 115 -25.62 0.74 25.65
N CYS F 116 -26.32 1.14 26.71
CA CYS F 116 -27.03 0.15 27.52
C CYS F 116 -28.06 -0.60 26.71
N VAL F 117 -28.78 0.12 25.83
CA VAL F 117 -29.77 -0.53 25.00
C VAL F 117 -29.10 -1.43 23.97
N VAL F 118 -27.94 -1.01 23.44
CA VAL F 118 -27.19 -1.85 22.50
C VAL F 118 -26.94 -3.22 23.09
N TRP F 119 -26.55 -3.28 24.37
CA TRP F 119 -26.17 -4.54 24.99
C TRP F 119 -27.23 -5.10 25.93
N ASN F 120 -28.47 -4.56 25.87
CA ASN F 120 -29.59 -5.05 26.69
C ASN F 120 -29.22 -5.11 28.18
N THR F 121 -28.71 -3.98 28.69
CA THR F 121 -28.32 -3.80 30.09
C THR F 121 -29.51 -3.31 30.89
N PRO F 122 -29.84 -3.94 32.03
CA PRO F 122 -30.86 -3.36 32.92
C PRO F 122 -30.41 -1.96 33.33
N MET F 123 -31.31 -0.99 33.15
CA MET F 123 -30.93 0.41 33.37
C MET F 123 -32.09 1.19 33.94
N ALA F 124 -31.82 2.00 34.97
CA ALA F 124 -32.82 2.87 35.58
C ALA F 124 -32.41 4.32 35.38
N CYS F 125 -33.38 5.16 35.02
CA CYS F 125 -33.14 6.59 34.86
C CYS F 125 -33.81 7.40 35.95
N ASP F 126 -34.50 6.74 36.88
CA ASP F 126 -35.14 7.41 37.99
C ASP F 126 -35.27 6.41 39.13
N SER F 127 -35.66 6.91 40.31
CA SER F 127 -35.64 6.06 41.49
C SER F 127 -36.76 5.01 41.47
N ALA F 128 -37.88 5.30 40.81
CA ALA F 128 -38.93 4.29 40.71
C ALA F 128 -38.46 3.09 39.88
N THR F 129 -37.85 3.34 38.73
CA THR F 129 -37.29 2.22 37.96
C THR F 129 -36.24 1.50 38.78
N ALA F 130 -35.39 2.25 39.49
CA ALA F 130 -34.33 1.65 40.29
C ALA F 130 -34.91 0.78 41.41
N ASP F 131 -35.99 1.24 42.06
CA ASP F 131 -36.64 0.42 43.10
C ASP F 131 -37.21 -0.87 42.51
N PHE F 132 -37.84 -0.79 41.34
CA PHE F 132 -38.35 -2.01 40.70
C PHE F 132 -37.21 -2.96 40.36
N ILE F 133 -36.11 -2.44 39.82
CA ILE F 133 -34.97 -3.29 39.49
C ILE F 133 -34.42 -3.96 40.73
N LEU F 134 -34.22 -3.18 41.79
CA LEU F 134 -33.59 -3.71 43.00
C LEU F 134 -34.49 -4.70 43.71
N SER F 135 -35.81 -4.56 43.56
CA SER F 135 -36.72 -5.50 44.21
C SER F 135 -36.92 -6.77 43.41
N SER F 136 -36.41 -6.85 42.17
CA SER F 136 -36.60 -8.04 41.35
C SER F 136 -35.83 -9.23 41.94
N PRO F 137 -36.36 -10.45 41.86
CA PRO F 137 -35.55 -11.61 42.27
C PRO F 137 -34.28 -11.75 41.44
N PHE F 138 -34.24 -11.22 40.21
CA PHE F 138 -33.05 -11.30 39.38
C PHE F 138 -31.88 -10.51 39.95
N MET F 139 -32.16 -9.57 40.85
CA MET F 139 -31.10 -8.79 41.48
C MET F 139 -30.06 -9.68 42.13
N GLU F 140 -30.50 -10.76 42.75
CA GLU F 140 -29.61 -11.61 43.53
C GLU F 140 -29.42 -13.00 42.93
N THR F 141 -29.92 -13.24 41.71
CA THR F 141 -29.67 -14.49 40.99
C THR F 141 -29.05 -14.18 39.64
N GLU F 142 -28.68 -15.23 38.92
CA GLU F 142 -28.29 -15.03 37.53
C GLU F 142 -29.50 -14.58 36.70
N TYR F 143 -29.22 -13.83 35.64
CA TYR F 143 -30.24 -13.42 34.69
C TYR F 143 -29.68 -13.59 33.29
N GLN F 144 -30.44 -14.25 32.42
CA GLN F 144 -30.02 -14.45 31.04
C GLN F 144 -30.63 -13.36 30.16
N ALA F 145 -29.78 -12.48 29.64
CA ALA F 145 -30.19 -11.37 28.80
C ALA F 145 -29.99 -11.76 27.34
N GLU F 146 -31.05 -11.62 26.54
CA GLU F 146 -30.95 -11.82 25.10
C GLU F 146 -30.19 -10.64 24.51
N ILE F 147 -29.12 -10.91 23.78
CA ILE F 147 -28.28 -9.88 23.16
CA ILE F 147 -28.38 -9.81 23.18
C ILE F 147 -28.66 -9.80 21.69
N PRO F 148 -28.86 -8.61 21.12
CA PRO F 148 -29.11 -8.53 19.68
C PRO F 148 -27.95 -9.15 18.92
N ASP F 149 -28.28 -9.75 17.78
CA ASP F 149 -27.22 -10.26 16.92
C ASP F 149 -26.69 -9.11 16.07
N TYR F 150 -25.40 -8.81 16.23
CA TYR F 150 -24.73 -7.78 15.43
C TYR F 150 -23.86 -8.38 14.33
N ASP F 151 -23.94 -9.69 14.10
CA ASP F 151 -23.09 -10.31 13.10
C ASP F 151 -23.38 -9.75 11.71
N GLY F 152 -24.66 -9.57 11.37
CA GLY F 152 -25.00 -8.96 10.09
C GLY F 152 -24.44 -7.56 9.96
N TYR F 153 -24.57 -6.75 11.02
CA TYR F 153 -24.02 -5.41 11.01
C TYR F 153 -22.49 -5.44 10.84
N LEU F 154 -21.80 -6.32 11.56
CA LEU F 154 -20.33 -6.37 11.50
C LEU F 154 -19.85 -6.78 10.11
N LYS F 155 -20.64 -7.55 9.37
CA LYS F 155 -20.28 -8.00 8.03
C LYS F 155 -20.97 -7.18 6.94
N ARG F 156 -21.51 -6.02 7.29
CA ARG F 156 -22.26 -5.22 6.32
C ARG F 156 -21.41 -4.83 5.13
N ASN F 157 -22.06 -4.59 3.99
CA ASN F 157 -21.36 -4.05 2.83
CA ASN F 157 -21.35 -4.05 2.84
C ASN F 157 -20.95 -2.61 3.10
N ILE F 158 -19.75 -2.24 2.66
CA ILE F 158 -19.21 -0.90 2.86
C ILE F 158 -19.31 -0.17 1.52
N PRO F 159 -19.96 1.00 1.46
CA PRO F 159 -20.14 1.71 0.18
C PRO F 159 -18.80 2.15 -0.41
N GLU F 160 -18.81 2.34 -1.73
CA GLU F 160 -17.62 2.76 -2.45
C GLU F 160 -17.31 4.25 -2.28
N ALA F 161 -18.30 5.06 -1.90
CA ALA F 161 -18.13 6.51 -1.74
C ALA F 161 -19.32 7.13 -1.02
N LYS G 10 28.51 -6.50 -46.82
CA LYS G 10 28.63 -5.47 -47.85
C LYS G 10 29.88 -5.67 -48.70
N SER G 11 30.96 -6.14 -48.08
CA SER G 11 32.24 -6.38 -48.70
C SER G 11 32.44 -7.87 -48.97
N ILE G 12 33.39 -8.18 -49.85
CA ILE G 12 33.60 -9.55 -50.32
C ILE G 12 35.08 -9.91 -50.13
N ARG G 13 35.31 -11.05 -49.47
CA ARG G 13 36.63 -11.66 -49.35
CA ARG G 13 36.62 -11.67 -49.32
C ARG G 13 36.66 -12.94 -50.17
N THR G 14 37.82 -13.19 -50.80
CA THR G 14 38.00 -14.36 -51.65
C THR G 14 38.89 -15.36 -50.95
N LEU G 15 38.36 -16.56 -50.67
CA LEU G 15 39.19 -17.67 -50.22
C LEU G 15 39.93 -18.24 -51.43
N PRO G 16 41.24 -18.48 -51.34
CA PRO G 16 41.98 -19.00 -52.50
C PRO G 16 41.66 -20.47 -52.74
N GLU G 17 42.11 -20.98 -53.89
CA GLU G 17 41.92 -22.39 -54.22
C GLU G 17 42.59 -23.29 -53.20
N ARG G 18 43.86 -23.04 -52.92
CA ARG G 18 44.57 -23.79 -51.89
C ARG G 18 44.31 -23.08 -50.55
N LYS G 19 43.60 -23.77 -49.65
CA LYS G 19 43.16 -23.20 -48.38
C LYS G 19 44.22 -23.35 -47.31
N THR G 20 44.20 -22.44 -46.33
CA THR G 20 44.92 -22.64 -45.07
C THR G 20 43.89 -23.07 -44.05
N ILE G 21 44.09 -24.26 -43.48
CA ILE G 21 43.12 -24.92 -42.61
C ILE G 21 43.71 -25.00 -41.22
N ALA G 22 43.05 -24.39 -40.24
CA ALA G 22 43.46 -24.51 -38.85
C ALA G 22 42.82 -25.77 -38.26
N LEU G 23 43.61 -26.53 -37.50
CA LEU G 23 43.20 -27.78 -36.86
C LEU G 23 43.42 -27.65 -35.36
N VAL G 24 42.35 -27.74 -34.58
CA VAL G 24 42.42 -27.56 -33.14
C VAL G 24 41.49 -28.57 -32.48
N ALA G 25 41.92 -29.17 -31.38
CA ALA G 25 41.03 -30.07 -30.67
C ALA G 25 41.25 -29.94 -29.17
N HIS G 26 40.14 -29.94 -28.43
CA HIS G 26 40.21 -30.17 -26.99
C HIS G 26 40.84 -31.54 -26.70
N ASP G 27 41.35 -31.67 -25.47
CA ASP G 27 42.14 -32.85 -25.12
C ASP G 27 41.36 -34.14 -25.36
N HIS G 28 40.09 -34.19 -24.94
CA HIS G 28 39.33 -35.42 -25.13
C HIS G 28 38.83 -35.60 -26.56
N LYS G 29 39.12 -34.67 -27.46
CA LYS G 29 38.75 -34.81 -28.87
C LYS G 29 39.97 -34.91 -29.77
N LYS G 30 41.18 -34.91 -29.22
CA LYS G 30 42.39 -34.90 -30.04
C LYS G 30 42.51 -36.17 -30.87
N ASP G 31 42.28 -37.33 -30.26
CA ASP G 31 42.33 -38.58 -31.03
C ASP G 31 41.24 -38.61 -32.11
N ASP G 32 40.05 -38.10 -31.81
CA ASP G 32 39.02 -37.98 -32.84
C ASP G 32 39.49 -37.10 -34.00
N LEU G 33 40.15 -35.96 -33.71
CA LEU G 33 40.62 -35.11 -34.79
C LEU G 33 41.70 -35.79 -35.62
N VAL G 34 42.61 -36.51 -34.96
CA VAL G 34 43.66 -37.24 -35.68
C VAL G 34 43.03 -38.26 -36.63
N ARG G 35 42.05 -39.03 -36.14
CA ARG G 35 41.39 -40.00 -37.00
C ARG G 35 40.68 -39.31 -38.17
N TRP G 36 40.06 -38.15 -37.91
CA TRP G 36 39.42 -37.40 -38.97
C TRP G 36 40.44 -36.93 -40.00
N VAL G 37 41.59 -36.42 -39.55
CA VAL G 37 42.63 -36.02 -40.49
C VAL G 37 43.10 -37.23 -41.30
N GLN G 38 43.26 -38.38 -40.65
CA GLN G 38 43.71 -39.58 -41.36
C GLN G 38 42.70 -39.98 -42.45
N LYS G 39 41.41 -39.93 -42.15
CA LYS G 39 40.39 -40.32 -43.11
C LYS G 39 40.32 -39.38 -44.32
N HIS G 40 40.79 -38.14 -44.17
CA HIS G 40 40.76 -37.15 -45.23
C HIS G 40 42.16 -36.73 -45.68
N ALA G 41 43.18 -37.55 -45.40
CA ALA G 41 44.56 -37.16 -45.64
C ALA G 41 44.80 -36.80 -47.11
N GLY G 42 44.22 -37.58 -48.04
CA GLY G 42 44.41 -37.26 -49.45
C GLY G 42 43.92 -35.86 -49.79
N LYS G 43 42.74 -35.49 -49.29
CA LYS G 43 42.20 -34.16 -49.57
C LYS G 43 42.96 -33.08 -48.83
N LEU G 44 43.33 -33.35 -47.57
CA LEU G 44 43.89 -32.30 -46.72
C LEU G 44 45.31 -31.92 -47.11
N THR G 45 46.09 -32.88 -47.59
CA THR G 45 47.47 -32.57 -47.91
C THR G 45 47.60 -31.73 -49.17
N LYS G 46 46.51 -31.49 -49.91
CA LYS G 46 46.49 -30.46 -50.94
C LYS G 46 46.47 -29.05 -50.39
N HIS G 47 46.22 -28.87 -49.10
CA HIS G 47 46.05 -27.55 -48.49
C HIS G 47 47.16 -27.30 -47.47
N ASN G 48 47.19 -26.09 -46.92
CA ASN G 48 48.17 -25.69 -45.91
CA ASN G 48 48.17 -25.70 -45.91
C ASN G 48 47.55 -25.91 -44.54
N LEU G 49 48.20 -26.74 -43.72
CA LEU G 49 47.64 -27.10 -42.42
C LEU G 49 48.41 -26.39 -41.32
N ILE G 50 47.67 -25.85 -40.36
CA ILE G 50 48.27 -25.19 -39.20
C ILE G 50 47.45 -25.60 -37.99
N ALA G 51 48.11 -25.68 -36.83
CA ALA G 51 47.43 -26.20 -35.64
C ALA G 51 48.02 -25.58 -34.38
N THR G 52 47.26 -25.64 -33.28
CA THR G 52 47.86 -25.36 -31.98
C THR G 52 48.93 -26.40 -31.67
N GLY G 53 49.79 -26.06 -30.71
CA GLY G 53 51.02 -26.83 -30.49
C GLY G 53 50.81 -28.31 -30.25
N THR G 54 49.96 -28.66 -29.28
CA THR G 54 49.82 -30.08 -28.92
C THR G 54 49.07 -30.85 -30.01
N THR G 55 47.96 -30.28 -30.49
CA THR G 55 47.21 -30.91 -31.59
C THR G 55 48.12 -31.13 -32.80
N GLY G 56 48.89 -30.12 -33.20
CA GLY G 56 49.75 -30.26 -34.36
C GLY G 56 50.82 -31.30 -34.17
N LYS G 57 51.41 -31.36 -32.96
CA LYS G 57 52.42 -32.38 -32.68
C LYS G 57 51.83 -33.78 -32.77
N LEU G 58 50.63 -33.97 -32.25
CA LEU G 58 50.02 -35.30 -32.26
C LEU G 58 49.71 -35.74 -33.69
N ILE G 59 49.24 -34.81 -34.53
CA ILE G 59 48.99 -35.13 -35.94
C ILE G 59 50.29 -35.55 -36.63
N GLU G 60 51.36 -34.77 -36.43
CA GLU G 60 52.62 -35.09 -37.09
C GLU G 60 53.17 -36.43 -36.61
N GLU G 61 53.12 -36.66 -35.30
CA GLU G 61 53.68 -37.88 -34.73
C GLU G 61 52.86 -39.11 -35.12
N ASP G 62 51.53 -39.01 -35.07
CA ASP G 62 50.69 -40.18 -35.33
C ASP G 62 50.57 -40.50 -36.82
N LEU G 63 50.55 -39.48 -37.68
CA LEU G 63 50.23 -39.68 -39.07
C LEU G 63 51.36 -39.36 -40.05
N GLY G 64 52.41 -38.66 -39.63
CA GLY G 64 53.41 -38.19 -40.58
C GLY G 64 52.90 -37.12 -41.50
N VAL G 65 51.79 -36.47 -41.16
CA VAL G 65 51.22 -35.38 -41.94
C VAL G 65 51.86 -34.07 -41.47
N GLU G 66 52.36 -33.27 -42.41
CA GLU G 66 53.04 -32.02 -42.06
C GLU G 66 52.03 -30.94 -41.66
N VAL G 67 52.27 -30.33 -40.50
CA VAL G 67 51.38 -29.31 -39.96
C VAL G 67 52.24 -28.23 -39.31
N LYS G 68 52.03 -26.98 -39.70
CA LYS G 68 52.68 -25.88 -39.00
C LYS G 68 52.05 -25.73 -37.61
N ARG G 69 52.88 -25.52 -36.60
CA ARG G 69 52.43 -25.50 -35.21
C ARG G 69 52.63 -24.12 -34.61
N VAL G 70 51.59 -23.56 -34.00
CA VAL G 70 51.77 -22.36 -33.17
C VAL G 70 51.89 -22.81 -31.71
N MET G 71 51.81 -21.87 -30.77
CA MET G 71 51.89 -22.25 -29.38
C MET G 71 50.67 -23.10 -28.98
N SER G 72 50.77 -23.74 -27.84
CA SER G 72 49.61 -24.45 -27.30
C SER G 72 48.45 -23.47 -27.11
N GLY G 73 47.24 -23.94 -27.40
CA GLY G 73 46.04 -23.11 -27.38
C GLY G 73 45.91 -22.17 -26.20
N PRO G 74 45.86 -22.73 -24.98
CA PRO G 74 45.68 -21.89 -23.78
C PRO G 74 46.91 -21.09 -23.37
N LEU G 75 48.07 -21.30 -24.00
CA LEU G 75 49.23 -20.49 -23.72
C LEU G 75 49.39 -19.34 -24.71
N GLY G 76 48.45 -19.17 -25.63
CA GLY G 76 48.52 -18.08 -26.59
C GLY G 76 48.24 -18.54 -28.01
N GLY G 77 48.25 -19.87 -28.22
CA GLY G 77 47.99 -20.40 -29.55
C GLY G 77 46.61 -20.04 -30.08
N ASP G 78 45.60 -20.03 -29.20
CA ASP G 78 44.26 -19.61 -29.59
C ASP G 78 44.31 -18.21 -30.20
N GLN G 79 45.03 -17.30 -29.54
CA GLN G 79 45.12 -15.92 -30.00
C GLN G 79 45.97 -15.80 -31.26
N GLN G 80 47.02 -16.62 -31.38
CA GLN G 80 47.81 -16.59 -32.61
C GLN G 80 46.95 -16.99 -33.81
N LEU G 81 46.19 -18.09 -33.68
CA LEU G 81 45.31 -18.50 -34.77
C LEU G 81 44.21 -17.47 -34.99
N GLY G 82 43.64 -16.93 -33.89
CA GLY G 82 42.62 -15.89 -34.04
C GLY G 82 43.15 -14.68 -34.77
N SER G 83 44.39 -14.28 -34.47
CA SER G 83 45.03 -13.18 -35.20
CA SER G 83 45.02 -13.17 -35.20
C SER G 83 45.09 -13.47 -36.69
N MET G 84 45.49 -14.69 -37.05
CA MET G 84 45.60 -15.07 -38.46
C MET G 84 44.23 -15.12 -39.14
N ILE G 85 43.20 -15.57 -38.42
CA ILE G 85 41.84 -15.53 -38.95
C ILE G 85 41.45 -14.09 -39.25
N ALA G 86 41.64 -13.19 -38.26
CA ALA G 86 41.29 -11.79 -38.45
C ALA G 86 42.10 -11.15 -39.56
N GLN G 87 43.33 -11.63 -39.79
CA GLN G 87 44.21 -11.12 -40.84
C GLN G 87 44.01 -11.85 -42.17
N ARG G 88 42.99 -12.69 -42.29
CA ARG G 88 42.67 -13.42 -43.52
C ARG G 88 43.80 -14.34 -43.98
N GLN G 89 44.57 -14.87 -43.04
CA GLN G 89 45.62 -15.84 -43.34
C GLN G 89 45.18 -17.26 -43.10
N ILE G 90 44.02 -17.45 -42.49
CA ILE G 90 43.42 -18.76 -42.30
C ILE G 90 42.06 -18.71 -42.98
N ASP G 91 41.75 -19.74 -43.78
CA ASP G 91 40.53 -19.79 -44.58
C ASP G 91 39.46 -20.71 -44.01
N ILE G 92 39.84 -21.78 -43.34
CA ILE G 92 38.90 -22.77 -42.81
CA ILE G 92 38.92 -22.80 -42.83
C ILE G 92 39.40 -23.20 -41.44
N VAL G 93 38.46 -23.33 -40.50
CA VAL G 93 38.80 -23.70 -39.12
C VAL G 93 38.08 -25.00 -38.78
N ILE G 94 38.85 -26.02 -38.39
CA ILE G 94 38.30 -27.25 -37.85
C ILE G 94 38.64 -27.26 -36.36
N PHE G 95 37.62 -27.13 -35.50
CA PHE G 95 37.82 -26.99 -34.06
C PHE G 95 36.96 -28.05 -33.38
N PHE G 96 37.56 -29.20 -33.04
CA PHE G 96 36.81 -30.26 -32.36
C PHE G 96 36.81 -29.97 -30.87
N TRP G 97 35.78 -29.30 -30.39
CA TRP G 97 35.76 -29.06 -28.96
C TRP G 97 34.86 -30.08 -28.25
N ASP G 98 35.05 -30.16 -26.96
CA ASP G 98 34.50 -31.23 -26.15
C ASP G 98 33.30 -30.69 -25.38
N PRO G 99 32.08 -31.11 -25.72
CA PRO G 99 30.88 -30.58 -25.04
C PRO G 99 30.57 -31.27 -23.73
N MET G 100 31.36 -32.27 -23.32
CA MET G 100 31.03 -33.04 -22.12
C MET G 100 32.12 -32.97 -21.05
N GLU G 101 33.38 -33.03 -21.45
CA GLU G 101 34.49 -33.15 -20.51
C GLU G 101 35.58 -32.12 -20.82
N ALA G 102 35.19 -30.93 -21.24
CA ALA G 102 36.15 -29.85 -21.44
C ALA G 102 36.87 -29.59 -20.12
N GLN G 103 38.18 -29.52 -20.19
CA GLN G 103 39.08 -29.41 -19.04
C GLN G 103 39.33 -27.94 -18.70
N PRO G 104 39.81 -27.66 -17.48
CA PRO G 104 40.12 -26.26 -17.12
C PRO G 104 41.03 -25.54 -18.09
N HIS G 105 42.02 -26.23 -18.68
CA HIS G 105 42.96 -25.61 -19.60
C HIS G 105 42.54 -25.71 -21.08
N ASP G 106 41.40 -26.33 -21.40
CA ASP G 106 40.99 -26.44 -22.80
C ASP G 106 40.69 -25.05 -23.39
N SER G 107 41.03 -24.88 -24.66
CA SER G 107 40.81 -23.63 -25.40
C SER G 107 39.38 -23.10 -25.21
N ASP G 108 39.26 -21.80 -24.94
CA ASP G 108 37.96 -21.18 -24.75
CA ASP G 108 37.97 -21.14 -24.76
C ASP G 108 37.14 -21.23 -26.04
N VAL G 109 35.98 -21.89 -25.96
CA VAL G 109 35.21 -22.19 -27.18
C VAL G 109 34.60 -20.92 -27.75
N LYS G 110 33.88 -20.16 -26.93
CA LYS G 110 33.14 -19.00 -27.42
C LYS G 110 34.09 -18.00 -28.07
N ALA G 111 35.17 -17.63 -27.38
CA ALA G 111 36.06 -16.62 -27.94
C ALA G 111 36.66 -17.06 -29.27
N PHE G 112 36.92 -18.36 -29.42
CA PHE G 112 37.52 -18.83 -30.66
C PHE G 112 36.51 -18.81 -31.80
N ILE G 113 35.30 -19.33 -31.58
CA ILE G 113 34.39 -19.41 -32.70
CA ILE G 113 34.28 -19.43 -32.62
C ILE G 113 33.77 -18.05 -33.02
N ARG G 114 33.66 -17.15 -32.03
CA ARG G 114 33.08 -15.84 -32.30
CA ARG G 114 33.04 -15.87 -32.34
C ARG G 114 33.84 -15.11 -33.40
N LEU G 115 35.18 -15.21 -33.37
CA LEU G 115 35.99 -14.50 -34.35
C LEU G 115 35.81 -15.06 -35.74
N CYS G 116 35.61 -16.38 -35.87
CA CYS G 116 35.26 -16.93 -37.17
C CYS G 116 33.95 -16.35 -37.68
N VAL G 117 32.98 -16.17 -36.78
CA VAL G 117 31.70 -15.60 -37.19
C VAL G 117 31.88 -14.13 -37.57
N VAL G 118 32.71 -13.39 -36.82
CA VAL G 118 32.98 -12.00 -37.16
C VAL G 118 33.43 -11.87 -38.60
N TRP G 119 34.31 -12.76 -39.05
CA TRP G 119 34.90 -12.65 -40.38
C TRP G 119 34.32 -13.65 -41.36
N ASN G 120 33.18 -14.29 -41.03
CA ASN G 120 32.47 -15.20 -41.91
C ASN G 120 33.42 -16.26 -42.47
N THR G 121 34.16 -16.93 -41.59
CA THR G 121 35.09 -18.01 -41.91
C THR G 121 34.36 -19.35 -41.86
N PRO G 122 34.51 -20.21 -42.87
CA PRO G 122 33.98 -21.57 -42.75
C PRO G 122 34.57 -22.27 -41.52
N MET G 123 33.71 -22.82 -40.67
CA MET G 123 34.16 -23.40 -39.41
C MET G 123 33.36 -24.64 -39.06
N ALA G 124 34.07 -25.69 -38.66
CA ALA G 124 33.46 -26.94 -38.23
C ALA G 124 33.77 -27.17 -36.76
N CYS G 125 32.77 -27.59 -35.98
CA CYS G 125 32.99 -27.92 -34.58
C CYS G 125 32.85 -29.40 -34.29
N ASP G 126 32.57 -30.20 -35.31
CA ASP G 126 32.45 -31.64 -35.21
C ASP G 126 32.76 -32.23 -36.57
N SER G 127 32.89 -33.55 -36.61
CA SER G 127 33.38 -34.20 -37.82
C SER G 127 32.32 -34.20 -38.92
N ALA G 128 31.03 -34.19 -38.56
CA ALA G 128 30.01 -34.11 -39.60
C ALA G 128 30.06 -32.77 -40.33
N THR G 129 30.16 -31.66 -39.59
CA THR G 129 30.33 -30.37 -40.27
C THR G 129 31.61 -30.37 -41.09
N ALA G 130 32.68 -30.93 -40.53
CA ALA G 130 33.96 -30.94 -41.24
C ALA G 130 33.86 -31.74 -42.53
N ASP G 131 33.17 -32.88 -42.49
CA ASP G 131 32.95 -33.68 -43.69
C ASP G 131 32.16 -32.91 -44.73
N PHE G 132 31.09 -32.21 -44.31
CA PHE G 132 30.34 -31.43 -45.28
C PHE G 132 31.19 -30.33 -45.89
N ILE G 133 31.99 -29.63 -45.07
CA ILE G 133 32.87 -28.58 -45.59
C ILE G 133 33.85 -29.16 -46.60
N LEU G 134 34.47 -30.29 -46.24
CA LEU G 134 35.52 -30.85 -47.07
C LEU G 134 34.97 -31.38 -48.39
N SER G 135 33.71 -31.80 -48.41
CA SER G 135 33.10 -32.32 -49.62
C SER G 135 32.55 -31.22 -50.53
N SER G 136 32.55 -29.97 -50.08
CA SER G 136 32.03 -28.87 -50.90
C SER G 136 32.93 -28.66 -52.11
N PRO G 137 32.37 -28.38 -53.28
CA PRO G 137 33.23 -27.97 -54.41
C PRO G 137 34.04 -26.73 -54.11
N PHE G 138 33.60 -25.90 -53.16
CA PHE G 138 34.36 -24.71 -52.80
C PHE G 138 35.68 -25.04 -52.13
N MET G 139 35.85 -26.28 -51.68
CA MET G 139 37.10 -26.72 -51.07
C MET G 139 38.28 -26.49 -52.00
N GLU G 140 38.08 -26.73 -53.30
CA GLU G 140 39.14 -26.68 -54.30
C GLU G 140 39.01 -25.56 -55.30
N THR G 141 38.05 -24.66 -55.12
CA THR G 141 37.92 -23.47 -55.95
C THR G 141 38.00 -22.25 -55.04
N GLU G 142 38.04 -21.07 -55.67
CA GLU G 142 37.85 -19.85 -54.90
C GLU G 142 36.44 -19.80 -54.34
N TYR G 143 36.29 -19.08 -53.24
CA TYR G 143 34.96 -18.85 -52.69
C TYR G 143 34.87 -17.40 -52.27
N GLN G 144 33.82 -16.71 -52.70
CA GLN G 144 33.62 -15.31 -52.34
C GLN G 144 32.71 -15.25 -51.12
N ALA G 145 33.28 -14.84 -49.99
CA ALA G 145 32.58 -14.75 -48.73
C ALA G 145 32.11 -13.32 -48.49
N GLU G 146 30.83 -13.15 -48.18
CA GLU G 146 30.34 -11.83 -47.78
C GLU G 146 30.87 -11.49 -46.41
N ILE G 147 31.48 -10.32 -46.28
CA ILE G 147 32.03 -9.81 -45.02
CA ILE G 147 32.01 -9.85 -45.01
C ILE G 147 31.04 -8.84 -44.43
N PRO G 148 30.68 -8.94 -43.15
CA PRO G 148 29.83 -7.90 -42.55
C PRO G 148 30.53 -6.56 -42.69
N ASP G 149 29.73 -5.51 -42.82
CA ASP G 149 30.30 -4.18 -42.85
C ASP G 149 30.54 -3.71 -41.43
N TYR G 150 31.79 -3.44 -41.09
CA TYR G 150 32.10 -2.91 -39.76
C TYR G 150 32.39 -1.41 -39.80
N ASP G 151 32.14 -0.76 -40.94
CA ASP G 151 32.47 0.66 -41.07
C ASP G 151 31.68 1.51 -40.08
N GLY G 152 30.38 1.26 -39.96
CA GLY G 152 29.59 1.99 -38.98
C GLY G 152 30.09 1.76 -37.56
N TYR G 153 30.40 0.50 -37.23
CA TYR G 153 30.96 0.22 -35.92
C TYR G 153 32.27 0.98 -35.71
N LEU G 154 33.16 0.96 -36.71
CA LEU G 154 34.46 1.59 -36.56
C LEU G 154 34.34 3.09 -36.38
N LYS G 155 33.31 3.70 -36.95
CA LYS G 155 33.07 5.14 -36.85
C LYS G 155 32.06 5.48 -35.76
N ARG G 156 31.74 4.54 -34.87
CA ARG G 156 30.71 4.76 -33.87
C ARG G 156 31.07 5.93 -32.97
N ASN G 157 30.04 6.59 -32.44
CA ASN G 157 30.26 7.62 -31.45
CA ASN G 157 30.24 7.63 -31.44
C ASN G 157 30.77 7.01 -30.15
N ILE G 158 31.73 7.67 -29.53
CA ILE G 158 32.33 7.20 -28.27
C ILE G 158 31.66 7.96 -27.14
N PRO G 159 31.06 7.28 -26.16
CA PRO G 159 30.32 7.99 -25.11
C PRO G 159 31.23 8.86 -24.26
N GLU G 160 30.61 9.88 -23.67
CA GLU G 160 31.34 10.84 -22.82
C GLU G 160 31.76 10.21 -21.50
N ALA G 161 31.05 9.17 -21.06
CA ALA G 161 31.32 8.52 -19.78
C ALA G 161 30.69 7.13 -19.80
N SER H 11 29.77 -46.27 -33.83
CA SER H 11 28.42 -46.37 -34.40
C SER H 11 28.18 -45.26 -35.42
N ILE H 12 27.29 -45.54 -36.37
CA ILE H 12 27.02 -44.69 -37.52
C ILE H 12 25.52 -44.43 -37.60
N ARG H 13 25.14 -43.17 -37.74
CA ARG H 13 23.77 -42.78 -38.06
CA ARG H 13 23.78 -42.78 -38.05
C ARG H 13 23.72 -42.31 -39.50
N THR H 14 22.75 -42.80 -40.25
CA THR H 14 22.59 -42.34 -41.63
C THR H 14 21.59 -41.19 -41.68
N LEU H 15 22.05 -40.02 -42.12
CA LEU H 15 21.13 -38.93 -42.36
C LEU H 15 20.29 -39.21 -43.60
N PRO H 16 18.99 -38.93 -43.56
CA PRO H 16 18.14 -39.18 -44.72
C PRO H 16 18.47 -38.23 -45.86
N GLU H 17 18.08 -38.64 -47.07
CA GLU H 17 18.31 -37.82 -48.26
C GLU H 17 17.65 -36.46 -48.14
N ARG H 18 16.37 -36.42 -47.75
CA ARG H 18 15.69 -35.18 -47.46
C ARG H 18 15.99 -34.81 -46.02
N LYS H 19 16.60 -33.65 -45.81
CA LYS H 19 17.05 -33.23 -44.48
C LYS H 19 15.99 -32.40 -43.78
N THR H 20 16.00 -32.44 -42.46
CA THR H 20 15.29 -31.46 -41.64
C THR H 20 16.33 -30.43 -41.19
N ILE H 21 16.09 -29.17 -41.57
CA ILE H 21 17.05 -28.08 -41.39
C ILE H 21 16.44 -27.06 -40.45
N ALA H 22 17.10 -26.82 -39.32
CA ALA H 22 16.69 -25.77 -38.40
C ALA H 22 17.30 -24.44 -38.86
N LEU H 23 16.50 -23.38 -38.83
CA LEU H 23 16.92 -22.04 -39.23
C LEU H 23 16.67 -21.11 -38.06
N VAL H 24 17.75 -20.52 -37.52
CA VAL H 24 17.67 -19.65 -36.34
C VAL H 24 18.60 -18.47 -36.56
N ALA H 25 18.16 -17.26 -36.17
CA ALA H 25 19.04 -16.10 -36.25
C ALA H 25 18.83 -15.18 -35.04
N HIS H 26 19.94 -14.67 -34.49
CA HIS H 26 19.87 -13.54 -33.57
C HIS H 26 19.25 -12.35 -34.31
N ASP H 27 18.69 -11.41 -33.53
CA ASP H 27 17.87 -10.34 -34.12
C ASP H 27 18.64 -9.55 -35.19
N HIS H 28 19.89 -9.16 -34.91
CA HIS H 28 20.66 -8.38 -35.87
C HIS H 28 21.17 -9.20 -37.04
N LYS H 29 20.91 -10.51 -37.05
CA LYS H 29 21.27 -11.37 -38.17
C LYS H 29 20.06 -11.92 -38.90
N LYS H 30 18.85 -11.56 -38.47
CA LYS H 30 17.65 -12.11 -39.08
C LYS H 30 17.52 -11.70 -40.55
N ASP H 31 17.78 -10.44 -40.86
CA ASP H 31 17.72 -10.05 -42.27
C ASP H 31 18.76 -10.79 -43.08
N ASP H 32 19.97 -10.97 -42.54
CA ASP H 32 20.98 -11.76 -43.24
C ASP H 32 20.49 -13.18 -43.52
N LEU H 33 19.87 -13.81 -42.53
CA LEU H 33 19.40 -15.18 -42.74
C LEU H 33 18.27 -15.22 -43.75
N VAL H 34 17.36 -14.25 -43.72
CA VAL H 34 16.28 -14.22 -44.70
C VAL H 34 16.85 -14.08 -46.11
N ARG H 35 17.81 -13.17 -46.28
CA ARG H 35 18.45 -13.00 -47.58
C ARG H 35 19.15 -14.28 -48.01
N TRP H 36 19.82 -14.96 -47.09
CA TRP H 36 20.49 -16.21 -47.42
C TRP H 36 19.50 -17.28 -47.85
N VAL H 37 18.39 -17.43 -47.12
CA VAL H 37 17.35 -18.39 -47.53
C VAL H 37 16.83 -18.03 -48.91
N GLN H 38 16.60 -16.73 -49.15
CA GLN H 38 16.06 -16.31 -50.44
C GLN H 38 17.03 -16.67 -51.56
N LYS H 39 18.32 -16.40 -51.34
CA LYS H 39 19.33 -16.68 -52.36
C LYS H 39 19.45 -18.18 -52.63
N HIS H 40 19.17 -19.02 -51.65
CA HIS H 40 19.32 -20.46 -51.84
C HIS H 40 17.98 -21.19 -51.84
N ALA H 41 16.88 -20.49 -52.10
CA ALA H 41 15.56 -21.10 -51.99
C ALA H 41 15.43 -22.32 -52.88
N GLY H 42 15.98 -22.24 -54.10
CA GLY H 42 15.90 -23.36 -55.04
C GLY H 42 16.43 -24.66 -54.45
N LYS H 43 17.51 -24.56 -53.68
CA LYS H 43 18.09 -25.73 -53.01
C LYS H 43 17.44 -26.06 -51.67
N LEU H 44 16.90 -25.07 -50.98
CA LEU H 44 16.40 -25.26 -49.61
C LEU H 44 14.97 -25.79 -49.50
N THR H 45 14.04 -25.36 -50.39
CA THR H 45 12.66 -25.66 -50.09
C THR H 45 12.29 -27.12 -50.28
N LYS H 46 13.14 -27.92 -50.94
CA LYS H 46 12.89 -29.35 -51.00
C LYS H 46 13.12 -30.03 -49.65
N HIS H 47 13.73 -29.36 -48.68
CA HIS H 47 13.98 -30.00 -47.40
C HIS H 47 12.91 -29.56 -46.40
N ASN H 48 12.92 -30.20 -45.25
CA ASN H 48 11.96 -29.94 -44.17
C ASN H 48 12.53 -28.82 -43.31
N LEU H 49 12.00 -27.60 -43.47
CA LEU H 49 12.56 -26.44 -42.79
C LEU H 49 11.77 -26.17 -41.51
N ILE H 50 12.50 -25.91 -40.43
CA ILE H 50 11.92 -25.60 -39.12
C ILE H 50 12.73 -24.45 -38.52
N ALA H 51 12.07 -23.61 -37.72
CA ALA H 51 12.72 -22.41 -37.21
C ALA H 51 12.12 -22.05 -35.85
N THR H 52 12.88 -21.27 -35.08
CA THR H 52 12.29 -20.61 -33.93
C THR H 52 11.21 -19.66 -34.42
N GLY H 53 10.36 -19.24 -33.48
CA GLY H 53 9.16 -18.49 -33.81
C GLY H 53 9.33 -17.23 -34.66
N THR H 54 10.18 -16.29 -34.24
CA THR H 54 10.27 -15.03 -34.97
C THR H 54 10.98 -15.22 -36.29
N THR H 55 12.12 -15.94 -36.27
CA THR H 55 12.85 -16.21 -37.50
C THR H 55 11.96 -16.90 -38.52
N GLY H 56 11.21 -17.91 -38.10
CA GLY H 56 10.33 -18.60 -39.03
C GLY H 56 9.21 -17.72 -39.57
N LYS H 57 8.62 -16.88 -38.70
CA LYS H 57 7.56 -15.99 -39.17
C LYS H 57 8.09 -15.03 -40.22
N LEU H 58 9.28 -14.49 -40.00
CA LEU H 58 9.88 -13.57 -40.95
C LEU H 58 10.15 -14.24 -42.29
N ILE H 59 10.67 -15.48 -42.27
CA ILE H 59 10.92 -16.19 -43.52
C ILE H 59 9.62 -16.41 -44.28
N GLU H 60 8.59 -16.89 -43.59
CA GLU H 60 7.32 -17.14 -44.26
C GLU H 60 6.72 -15.84 -44.80
N GLU H 61 6.76 -14.76 -44.00
CA GLU H 61 6.13 -13.51 -44.43
C GLU H 61 6.92 -12.86 -45.56
N ASP H 62 8.26 -12.84 -45.47
CA ASP H 62 9.03 -12.15 -46.50
C ASP H 62 9.15 -12.96 -47.78
N LEU H 63 9.24 -14.29 -47.67
CA LEU H 63 9.56 -15.12 -48.83
C LEU H 63 8.44 -16.05 -49.28
N GLY H 64 7.42 -16.27 -48.45
CA GLY H 64 6.42 -17.26 -48.83
C GLY H 64 6.95 -18.68 -48.87
N VAL H 65 8.07 -18.93 -48.20
CA VAL H 65 8.70 -20.24 -48.08
C VAL H 65 8.12 -20.96 -46.86
N GLU H 66 7.72 -22.20 -47.04
CA GLU H 66 7.10 -22.93 -45.93
C GLU H 66 8.15 -23.35 -44.89
N VAL H 67 7.91 -22.97 -43.64
CA VAL H 67 8.83 -23.28 -42.53
C VAL H 67 8.00 -23.59 -41.31
N LYS H 68 8.24 -24.75 -40.68
CA LYS H 68 7.57 -25.04 -39.41
C LYS H 68 8.19 -24.18 -38.30
N ARG H 69 7.35 -23.73 -37.37
CA ARG H 69 7.76 -22.79 -36.33
C ARG H 69 7.56 -23.41 -34.96
N VAL H 70 8.59 -23.38 -34.12
CA VAL H 70 8.39 -23.69 -32.71
C VAL H 70 8.28 -22.35 -31.98
N MET H 71 8.37 -22.36 -30.65
CA MET H 71 8.26 -21.12 -29.92
C MET H 71 9.45 -20.20 -30.22
N SER H 72 9.32 -18.94 -29.82
CA SER H 72 10.46 -18.05 -29.92
C SER H 72 11.62 -18.61 -29.12
N GLY H 73 12.83 -18.46 -29.67
CA GLY H 73 14.03 -19.02 -29.10
C GLY H 73 14.17 -18.88 -27.60
N PRO H 74 14.23 -17.63 -27.09
CA PRO H 74 14.40 -17.43 -25.64
C PRO H 74 13.17 -17.75 -24.82
N LEU H 75 12.02 -18.05 -25.44
CA LEU H 75 10.85 -18.47 -24.70
C LEU H 75 10.73 -19.99 -24.63
N GLY H 76 11.68 -20.73 -25.17
CA GLY H 76 11.64 -22.17 -25.11
C GLY H 76 11.92 -22.83 -26.46
N GLY H 77 11.86 -22.05 -27.53
CA GLY H 77 12.14 -22.59 -28.85
C GLY H 77 13.54 -23.16 -28.96
N ASP H 78 14.51 -22.54 -28.28
CA ASP H 78 15.86 -23.10 -28.25
C ASP H 78 15.83 -24.53 -27.73
N GLN H 79 15.10 -24.75 -26.63
CA GLN H 79 14.99 -26.07 -26.02
C GLN H 79 14.16 -27.01 -26.89
N GLN H 80 13.13 -26.50 -27.56
CA GLN H 80 12.36 -27.36 -28.44
C GLN H 80 13.22 -27.89 -29.58
N LEU H 81 13.98 -27.00 -30.23
CA LEU H 81 14.88 -27.46 -31.30
C LEU H 81 15.96 -28.38 -30.76
N GLY H 82 16.52 -28.04 -29.59
CA GLY H 82 17.52 -28.89 -28.98
C GLY H 82 16.99 -30.29 -28.68
N SER H 83 15.77 -30.38 -28.16
CA SER H 83 15.14 -31.69 -27.97
CA SER H 83 15.14 -31.69 -27.96
C SER H 83 15.08 -32.47 -29.27
N MET H 84 14.69 -31.80 -30.35
CA MET H 84 14.59 -32.50 -31.64
C MET H 84 15.96 -32.91 -32.15
N ILE H 85 16.98 -32.08 -31.94
CA ILE H 85 18.35 -32.48 -32.29
C ILE H 85 18.74 -33.75 -31.53
N ALA H 86 18.55 -33.74 -30.20
CA ALA H 86 18.89 -34.90 -29.39
C ALA H 86 18.06 -36.13 -29.77
N GLN H 87 16.83 -35.92 -30.26
CA GLN H 87 15.97 -37.02 -30.70
C GLN H 87 16.19 -37.36 -32.17
N ARG H 88 17.21 -36.79 -32.81
CA ARG H 88 17.54 -37.08 -34.21
C ARG H 88 16.41 -36.71 -35.17
N GLN H 89 15.65 -35.67 -34.83
CA GLN H 89 14.59 -35.19 -35.70
C GLN H 89 15.02 -33.99 -36.52
N ILE H 90 16.18 -33.42 -36.20
CA ILE H 90 16.78 -32.34 -36.98
CA ILE H 90 16.79 -32.34 -36.97
C ILE H 90 18.14 -32.84 -37.47
N ASP H 91 18.44 -32.62 -38.74
CA ASP H 91 19.67 -33.13 -39.33
C ASP H 91 20.74 -32.06 -39.52
N ILE H 92 20.34 -30.84 -39.80
CA ILE H 92 21.24 -29.72 -40.13
CA ILE H 92 21.26 -29.73 -40.08
C ILE H 92 20.77 -28.50 -39.35
N VAL H 93 21.70 -27.72 -38.83
CA VAL H 93 21.38 -26.50 -38.09
C VAL H 93 22.08 -25.33 -38.75
N ILE H 94 21.30 -24.31 -39.14
CA ILE H 94 21.83 -23.05 -39.62
C ILE H 94 21.47 -22.00 -38.58
N PHE H 95 22.46 -21.48 -37.88
CA PHE H 95 22.26 -20.60 -36.74
C PHE H 95 23.12 -19.36 -36.98
N PHE H 96 22.51 -18.29 -37.49
CA PHE H 96 23.27 -17.05 -37.70
C PHE H 96 23.26 -16.30 -36.37
N TRP H 97 24.30 -16.47 -35.57
CA TRP H 97 24.29 -15.68 -34.36
C TRP H 97 25.19 -14.46 -34.53
N ASP H 98 24.98 -13.50 -33.65
CA ASP H 98 25.52 -12.16 -33.78
C ASP H 98 26.73 -12.02 -32.87
N PRO H 99 27.95 -11.93 -33.41
CA PRO H 99 29.15 -11.87 -32.55
C PRO H 99 29.48 -10.48 -32.03
N MET H 100 28.70 -9.47 -32.40
CA MET H 100 28.99 -8.07 -32.06
C MET H 100 27.88 -7.40 -31.26
N GLU H 101 26.62 -7.66 -31.58
CA GLU H 101 25.53 -6.92 -30.98
C GLU H 101 24.44 -7.85 -30.49
N ALA H 102 24.83 -9.00 -29.94
CA ALA H 102 23.86 -9.92 -29.37
C ALA H 102 23.13 -9.23 -28.22
N GLN H 103 21.81 -9.31 -28.24
CA GLN H 103 20.93 -8.60 -27.32
C GLN H 103 20.65 -9.44 -26.08
N PRO H 104 20.17 -8.80 -25.00
CA PRO H 104 19.84 -9.59 -23.80
C PRO H 104 18.93 -10.78 -24.06
N HIS H 105 17.96 -10.68 -24.97
CA HIS H 105 17.04 -11.78 -25.21
C HIS H 105 17.48 -12.73 -26.32
N ASP H 106 18.60 -12.50 -26.99
CA ASP H 106 19.02 -13.39 -28.07
C ASP H 106 19.32 -14.78 -27.54
N SER H 107 18.98 -15.79 -28.34
CA SER H 107 19.22 -17.19 -27.98
C SER H 107 20.65 -17.41 -27.46
N ASP H 108 20.76 -18.19 -26.38
CA ASP H 108 22.09 -18.50 -25.83
CA ASP H 108 22.07 -18.53 -25.82
C ASP H 108 22.87 -19.36 -26.83
N VAL H 109 24.00 -18.80 -27.28
CA VAL H 109 24.81 -19.41 -28.34
C VAL H 109 25.41 -20.72 -27.86
N LYS H 110 26.12 -20.68 -26.72
CA LYS H 110 26.86 -21.85 -26.26
C LYS H 110 25.92 -23.03 -26.04
N ALA H 111 24.83 -22.82 -25.31
CA ALA H 111 23.91 -23.91 -25.00
C ALA H 111 23.33 -24.53 -26.27
N PHE H 112 23.07 -23.71 -27.28
CA PHE H 112 22.46 -24.24 -28.51
C PHE H 112 23.46 -25.06 -29.32
N ILE H 113 24.65 -24.50 -29.57
CA ILE H 113 25.56 -25.24 -30.43
CA ILE H 113 25.69 -25.16 -30.39
C ILE H 113 26.21 -26.42 -29.70
N ARG H 114 26.30 -26.39 -28.37
CA ARG H 114 26.93 -27.52 -27.68
CA ARG H 114 26.89 -27.51 -27.64
C ARG H 114 26.15 -28.81 -27.95
N LEU H 115 24.82 -28.73 -28.06
CA LEU H 115 24.05 -29.96 -28.26
C LEU H 115 24.25 -30.50 -29.67
N CYS H 116 24.42 -29.61 -30.66
CA CYS H 116 24.80 -30.06 -32.00
C CYS H 116 26.13 -30.80 -31.97
N VAL H 117 27.08 -30.31 -31.17
CA VAL H 117 28.36 -30.99 -31.06
C VAL H 117 28.20 -32.33 -30.34
N VAL H 118 27.36 -32.38 -29.30
CA VAL H 118 27.14 -33.65 -28.60
C VAL H 118 26.73 -34.76 -29.58
N TRP H 119 25.84 -34.43 -30.52
CA TRP H 119 25.28 -35.43 -31.42
C TRP H 119 25.86 -35.37 -32.84
N ASN H 120 26.99 -34.67 -33.03
CA ASN H 120 27.68 -34.61 -34.32
C ASN H 120 26.75 -34.18 -35.45
N THR H 121 26.07 -33.06 -35.24
CA THR H 121 25.16 -32.47 -36.21
C THR H 121 25.91 -31.48 -37.11
N PRO H 122 25.74 -31.54 -38.44
CA PRO H 122 26.29 -30.46 -39.28
C PRO H 122 25.68 -29.13 -38.89
N MET H 123 26.53 -28.15 -38.66
CA MET H 123 26.03 -26.88 -38.14
C MET H 123 26.83 -25.73 -38.71
N ALA H 124 26.12 -24.70 -39.15
CA ALA H 124 26.72 -23.48 -39.65
C ALA H 124 26.33 -22.32 -38.73
N CYS H 125 27.30 -21.48 -38.39
CA CYS H 125 27.04 -20.28 -37.59
C CYS H 125 27.19 -19.02 -38.39
N ASP H 126 27.52 -19.12 -39.68
CA ASP H 126 27.64 -17.95 -40.55
C ASP H 126 27.34 -18.40 -41.97
N SER H 127 27.22 -17.43 -42.88
CA SER H 127 26.76 -17.78 -44.22
C SER H 127 27.83 -18.51 -45.02
N ALA H 128 29.12 -18.28 -44.74
CA ALA H 128 30.15 -19.03 -45.46
C ALA H 128 30.08 -20.51 -45.11
N THR H 129 29.96 -20.83 -43.81
CA THR H 129 29.78 -22.23 -43.43
C THR H 129 28.51 -22.80 -44.03
N ALA H 130 27.41 -22.01 -44.02
CA ALA H 130 26.15 -22.49 -44.58
C ALA H 130 26.27 -22.77 -46.08
N ASP H 131 27.00 -21.91 -46.80
CA ASP H 131 27.25 -22.12 -48.22
C ASP H 131 28.02 -23.41 -48.46
N PHE H 132 29.04 -23.67 -47.64
CA PHE H 132 29.80 -24.91 -47.79
C PHE H 132 28.91 -26.12 -47.53
N ILE H 133 28.09 -26.05 -46.47
CA ILE H 133 27.20 -27.17 -46.15
C ILE H 133 26.19 -27.39 -47.28
N LEU H 134 25.55 -26.30 -47.74
CA LEU H 134 24.50 -26.44 -48.74
C LEU H 134 25.03 -26.90 -50.10
N SER H 135 26.28 -26.57 -50.40
CA SER H 135 26.90 -27.00 -51.65
C SER H 135 27.45 -28.42 -51.58
N SER H 136 27.42 -29.04 -50.41
CA SER H 136 27.97 -30.38 -50.29
C SER H 136 27.10 -31.37 -51.06
N PRO H 137 27.69 -32.32 -51.79
CA PRO H 137 26.88 -33.39 -52.40
C PRO H 137 26.10 -34.22 -51.38
N PHE H 138 26.52 -34.25 -50.10
CA PHE H 138 25.76 -34.94 -49.05
C PHE H 138 24.44 -34.26 -48.70
N MET H 139 24.26 -33.00 -49.14
CA MET H 139 23.01 -32.27 -48.88
C MET H 139 21.78 -33.07 -49.28
N GLU H 140 21.83 -33.75 -50.41
CA GLU H 140 20.66 -34.44 -50.93
C GLU H 140 20.84 -35.95 -50.93
N THR H 141 21.88 -36.47 -50.29
CA THR H 141 22.10 -37.91 -50.24
C THR H 141 22.16 -38.39 -48.80
N GLU H 142 22.24 -39.72 -48.63
CA GLU H 142 22.58 -40.22 -47.32
C GLU H 142 23.98 -39.73 -46.95
N TYR H 143 24.19 -39.57 -45.65
CA TYR H 143 25.50 -39.22 -45.11
C TYR H 143 25.70 -40.11 -43.90
N GLN H 144 26.86 -40.76 -43.81
CA GLN H 144 27.15 -41.66 -42.70
C GLN H 144 27.85 -40.85 -41.61
N ALA H 145 27.12 -40.58 -40.52
CA ALA H 145 27.58 -39.75 -39.42
C ALA H 145 28.04 -40.62 -38.27
N GLU H 146 29.22 -40.32 -37.75
CA GLU H 146 29.67 -40.98 -36.53
C GLU H 146 28.84 -40.49 -35.36
N ILE H 147 28.43 -41.42 -34.50
CA ILE H 147 27.72 -41.12 -33.26
C ILE H 147 28.74 -41.20 -32.12
N PRO H 148 28.92 -40.16 -31.32
CA PRO H 148 29.79 -40.30 -30.15
C PRO H 148 29.19 -41.35 -29.20
N ASP H 149 30.07 -42.13 -28.59
CA ASP H 149 29.67 -43.16 -27.63
C ASP H 149 29.54 -42.56 -26.23
N TYR H 150 28.32 -42.54 -25.69
CA TYR H 150 28.06 -42.06 -24.33
C TYR H 150 27.76 -43.18 -23.34
N ASP H 151 27.99 -44.43 -23.74
CA ASP H 151 27.61 -45.55 -22.87
C ASP H 151 28.35 -45.48 -21.54
N GLY H 152 29.66 -45.24 -21.57
CA GLY H 152 30.43 -45.13 -20.34
C GLY H 152 29.93 -44.01 -19.44
N TYR H 153 29.63 -42.85 -20.03
CA TYR H 153 29.08 -41.75 -19.26
C TYR H 153 27.76 -42.14 -18.60
N LEU H 154 26.87 -42.79 -19.35
CA LEU H 154 25.55 -43.13 -18.81
C LEU H 154 25.67 -44.12 -17.64
N LYS H 155 26.72 -44.95 -17.64
CA LYS H 155 26.94 -45.94 -16.60
C LYS H 155 27.99 -45.48 -15.58
N ARG H 156 28.32 -44.19 -15.54
CA ARG H 156 29.35 -43.70 -14.64
C ARG H 156 28.96 -43.97 -13.19
N ASN H 157 29.95 -43.95 -12.30
CA ASN H 157 29.68 -44.04 -10.88
CA ASN H 157 29.69 -44.04 -10.87
C ASN H 157 29.21 -42.69 -10.36
N ILE H 158 28.21 -42.72 -9.48
CA ILE H 158 27.66 -41.52 -8.88
C ILE H 158 28.29 -41.37 -7.50
N PRO H 159 28.97 -40.25 -7.21
CA PRO H 159 29.63 -40.10 -5.90
C PRO H 159 28.62 -40.06 -4.77
N GLU H 160 29.11 -40.38 -3.56
CA GLU H 160 28.27 -40.45 -2.37
C GLU H 160 27.93 -39.08 -1.79
N ALA H 161 28.65 -38.03 -2.20
CA ALA H 161 28.44 -36.67 -1.69
C ALA H 161 29.18 -35.67 -2.58
N SER I 11 -1.61 -11.74 -18.07
CA SER I 11 -1.94 -13.12 -18.41
C SER I 11 -1.73 -14.06 -17.21
N ILE I 12 -2.51 -15.14 -17.16
CA ILE I 12 -2.54 -16.06 -16.02
C ILE I 12 -2.39 -17.50 -16.52
N ARG I 13 -1.67 -18.31 -15.76
CA ARG I 13 -1.55 -19.74 -16.00
CA ARG I 13 -1.57 -19.74 -16.00
C ARG I 13 -1.98 -20.49 -14.75
N THR I 14 -2.79 -21.52 -14.93
CA THR I 14 -3.33 -22.29 -13.81
C THR I 14 -2.60 -23.62 -13.70
N LEU I 15 -1.91 -23.82 -12.59
CA LEU I 15 -1.35 -25.14 -12.30
C LEU I 15 -2.47 -26.08 -11.80
N PRO I 16 -2.51 -27.32 -12.29
CA PRO I 16 -3.56 -28.26 -11.84
C PRO I 16 -3.28 -28.76 -10.43
N GLU I 17 -4.30 -29.39 -9.84
CA GLU I 17 -4.18 -29.93 -8.49
C GLU I 17 -3.06 -30.95 -8.40
N ARG I 18 -3.08 -31.93 -9.29
CA ARG I 18 -2.02 -32.92 -9.38
C ARG I 18 -0.91 -32.34 -10.27
N LYS I 19 0.26 -32.13 -9.69
CA LYS I 19 1.36 -31.47 -10.37
C LYS I 19 2.20 -32.47 -11.14
N THR I 20 2.87 -31.97 -12.18
CA THR I 20 3.97 -32.70 -12.81
C THR I 20 5.25 -32.07 -12.29
N ILE I 21 6.08 -32.86 -11.62
CA ILE I 21 7.25 -32.36 -10.91
C ILE I 21 8.49 -32.92 -11.59
N ALA I 22 9.35 -32.04 -12.06
CA ALA I 22 10.64 -32.45 -12.61
C ALA I 22 11.66 -32.57 -11.48
N LEU I 23 12.46 -33.64 -11.53
CA LEU I 23 13.50 -33.91 -10.52
C LEU I 23 14.84 -34.04 -11.23
N VAL I 24 15.77 -33.15 -10.88
CA VAL I 24 17.07 -33.08 -11.54
C VAL I 24 18.12 -32.80 -10.47
N ALA I 25 19.28 -33.47 -10.56
CA ALA I 25 20.36 -33.17 -9.62
C ALA I 25 21.69 -33.27 -10.32
N HIS I 26 22.60 -32.33 -10.02
CA HIS I 26 24.00 -32.50 -10.37
C HIS I 26 24.56 -33.74 -9.67
N ASP I 27 25.65 -34.28 -10.23
CA ASP I 27 26.15 -35.59 -9.80
C ASP I 27 26.42 -35.64 -8.29
N HIS I 28 27.07 -34.60 -7.74
CA HIS I 28 27.41 -34.56 -6.32
C HIS I 28 26.22 -34.23 -5.44
N LYS I 29 25.06 -33.94 -6.02
CA LYS I 29 23.83 -33.72 -5.28
C LYS I 29 22.81 -34.81 -5.51
N LYS I 30 23.13 -35.84 -6.31
CA LYS I 30 22.12 -36.86 -6.63
C LYS I 30 21.68 -37.61 -5.38
N ASP I 31 22.62 -38.01 -4.53
CA ASP I 31 22.23 -38.73 -3.33
C ASP I 31 21.37 -37.85 -2.42
N ASP I 32 21.68 -36.56 -2.33
CA ASP I 32 20.84 -35.63 -1.58
C ASP I 32 19.41 -35.60 -2.13
N LEU I 33 19.26 -35.52 -3.45
CA LEU I 33 17.93 -35.51 -4.02
C LEU I 33 17.20 -36.82 -3.75
N VAL I 34 17.90 -37.95 -3.86
CA VAL I 34 17.26 -39.22 -3.57
C VAL I 34 16.78 -39.26 -2.12
N ARG I 35 17.59 -38.76 -1.18
CA ARG I 35 17.15 -38.73 0.21
C ARG I 35 15.94 -37.82 0.38
N TRP I 36 15.92 -36.68 -0.35
CA TRP I 36 14.78 -35.78 -0.27
C TRP I 36 13.51 -36.45 -0.81
N VAL I 37 13.62 -37.12 -1.96
CA VAL I 37 12.47 -37.86 -2.49
C VAL I 37 12.01 -38.92 -1.50
N GLN I 38 12.97 -39.66 -0.93
CA GLN I 38 12.65 -40.68 0.06
C GLN I 38 11.90 -40.09 1.24
N LYS I 39 12.41 -38.99 1.79
CA LYS I 39 11.75 -38.39 2.95
C LYS I 39 10.33 -37.93 2.63
N HIS I 40 10.07 -37.57 1.38
CA HIS I 40 8.76 -37.03 1.00
C HIS I 40 8.01 -37.96 0.06
N ALA I 41 8.31 -39.26 0.10
CA ALA I 41 7.76 -40.19 -0.88
C ALA I 41 6.24 -40.20 -0.84
N GLY I 42 5.67 -40.26 0.36
CA GLY I 42 4.21 -40.31 0.47
C GLY I 42 3.53 -39.13 -0.18
N LYS I 43 4.08 -37.94 0.00
CA LYS I 43 3.50 -36.74 -0.59
C LYS I 43 3.75 -36.68 -2.10
N LEU I 44 4.93 -37.14 -2.55
CA LEU I 44 5.34 -36.97 -3.94
C LEU I 44 4.63 -37.94 -4.88
N THR I 45 4.36 -39.16 -4.44
CA THR I 45 3.77 -40.12 -5.37
C THR I 45 2.32 -39.80 -5.72
N LYS I 46 1.69 -38.85 -5.06
CA LYS I 46 0.39 -38.39 -5.56
C LYS I 46 0.53 -37.52 -6.82
N HIS I 47 1.75 -37.13 -7.21
CA HIS I 47 1.97 -36.25 -8.35
C HIS I 47 2.70 -37.03 -9.43
N ASN I 48 2.82 -36.44 -10.61
CA ASN I 48 3.52 -37.06 -11.73
C ASN I 48 4.98 -36.66 -11.66
N LEU I 49 5.86 -37.65 -11.53
CA LEU I 49 7.29 -37.39 -11.40
C LEU I 49 7.99 -37.65 -12.71
N ILE I 50 8.90 -36.74 -13.08
CA ILE I 50 9.69 -36.88 -14.29
C ILE I 50 11.10 -36.41 -13.95
N ALA I 51 12.10 -37.02 -14.61
CA ALA I 51 13.48 -36.71 -14.27
C ALA I 51 14.39 -36.88 -15.48
N THR I 52 15.55 -36.23 -15.43
CA THR I 52 16.61 -36.56 -16.36
C THR I 52 17.02 -38.03 -16.18
N GLY I 53 17.71 -38.58 -17.19
CA GLY I 53 17.93 -40.03 -17.27
C GLY I 53 18.60 -40.64 -16.05
N THR I 54 19.76 -40.11 -15.65
CA THR I 54 20.51 -40.73 -14.55
C THR I 54 19.83 -40.50 -13.21
N THR I 55 19.40 -39.26 -12.97
CA THR I 55 18.70 -38.95 -11.72
C THR I 55 17.48 -39.86 -11.55
N GLY I 56 16.66 -39.98 -12.61
CA GLY I 56 15.49 -40.83 -12.53
C GLY I 56 15.82 -42.29 -12.34
N LYS I 57 16.87 -42.76 -13.01
CA LYS I 57 17.29 -44.16 -12.81
C LYS I 57 17.70 -44.39 -11.37
N LEU I 58 18.39 -43.43 -10.76
CA LEU I 58 18.86 -43.60 -9.40
C LEU I 58 17.70 -43.61 -8.41
N ILE I 59 16.70 -42.74 -8.63
CA ILE I 59 15.51 -42.73 -7.79
C ILE I 59 14.79 -44.08 -7.86
N GLU I 60 14.60 -44.59 -9.08
CA GLU I 60 13.87 -45.86 -9.21
C GLU I 60 14.67 -47.00 -8.60
N GLU I 61 15.98 -47.05 -8.86
CA GLU I 61 16.79 -48.13 -8.33
C GLU I 61 16.92 -48.05 -6.82
N ASP I 62 17.10 -46.86 -6.27
CA ASP I 62 17.30 -46.76 -4.82
C ASP I 62 15.98 -46.86 -4.05
N LEU I 63 14.88 -46.33 -4.60
CA LEU I 63 13.66 -46.19 -3.84
C LEU I 63 12.49 -47.01 -4.36
N GLY I 64 12.55 -47.51 -5.59
CA GLY I 64 11.38 -48.15 -6.16
C GLY I 64 10.24 -47.19 -6.46
N VAL I 65 10.53 -45.88 -6.51
CA VAL I 65 9.53 -44.87 -6.85
C VAL I 65 9.50 -44.68 -8.36
N GLU I 66 8.30 -44.66 -8.93
CA GLU I 66 8.12 -44.54 -10.37
C GLU I 66 8.39 -43.10 -10.82
N VAL I 67 9.34 -42.94 -11.74
CA VAL I 67 9.69 -41.64 -12.30
C VAL I 67 9.84 -41.83 -13.80
N LYS I 68 9.11 -41.03 -14.58
CA LYS I 68 9.34 -41.00 -16.02
C LYS I 68 10.70 -40.38 -16.30
N ARG I 69 11.44 -40.97 -17.23
CA ARG I 69 12.81 -40.56 -17.50
C ARG I 69 12.93 -40.02 -18.91
N VAL I 70 13.49 -38.81 -19.05
CA VAL I 70 13.93 -38.33 -20.36
C VAL I 70 15.41 -38.65 -20.51
N MET I 71 16.07 -38.08 -21.53
CA MET I 71 17.49 -38.35 -21.73
C MET I 71 18.31 -37.77 -20.58
N SER I 72 19.57 -38.20 -20.51
CA SER I 72 20.47 -37.60 -19.53
C SER I 72 20.56 -36.10 -19.80
N GLY I 73 20.61 -35.32 -18.72
CA GLY I 73 20.61 -33.87 -18.81
C GLY I 73 21.51 -33.28 -19.89
N PRO I 74 22.83 -33.49 -19.79
CA PRO I 74 23.74 -32.88 -20.78
C PRO I 74 23.67 -33.53 -22.17
N LEU I 75 22.93 -34.62 -22.34
CA LEU I 75 22.77 -35.21 -23.66
C LEU I 75 21.49 -34.74 -24.34
N GLY I 76 20.75 -33.83 -23.72
CA GLY I 76 19.51 -33.36 -24.30
C GLY I 76 18.35 -33.37 -23.33
N GLY I 77 18.51 -34.09 -22.21
CA GLY I 77 17.46 -34.15 -21.22
C GLY I 77 17.10 -32.78 -20.66
N ASP I 78 18.10 -31.90 -20.49
CA ASP I 78 17.83 -30.51 -20.08
C ASP I 78 16.85 -29.85 -21.05
N GLN I 79 17.08 -30.01 -22.35
CA GLN I 79 16.23 -29.37 -23.35
C GLN I 79 14.86 -30.04 -23.43
N GLN I 80 14.78 -31.35 -23.23
CA GLN I 80 13.49 -32.02 -23.21
C GLN I 80 12.63 -31.50 -22.06
N LEU I 81 13.20 -31.41 -20.85
CA LEU I 81 12.45 -30.87 -19.74
C LEU I 81 12.13 -29.40 -19.97
N GLY I 82 13.09 -28.64 -20.50
CA GLY I 82 12.84 -27.24 -20.80
C GLY I 82 11.70 -27.06 -21.78
N SER I 83 11.66 -27.90 -22.82
CA SER I 83 10.53 -27.86 -23.76
CA SER I 83 10.54 -27.84 -23.76
C SER I 83 9.21 -28.06 -23.06
N MET I 84 9.16 -29.03 -22.14
CA MET I 84 7.92 -29.32 -21.42
C MET I 84 7.55 -28.19 -20.49
N ILE I 85 8.55 -27.56 -19.84
CA ILE I 85 8.28 -26.37 -19.05
C ILE I 85 7.65 -25.28 -19.91
N ALA I 86 8.27 -25.00 -21.07
CA ALA I 86 7.74 -23.95 -21.94
C ALA I 86 6.37 -24.32 -22.50
N GLN I 87 6.07 -25.61 -22.63
CA GLN I 87 4.77 -26.08 -23.11
C GLN I 87 3.78 -26.31 -21.98
N ARG I 88 4.12 -25.89 -20.76
CA ARG I 88 3.25 -26.00 -19.59
C ARG I 88 2.89 -27.44 -19.29
N GLN I 89 3.79 -28.37 -19.57
CA GLN I 89 3.59 -29.76 -19.22
C GLN I 89 4.30 -30.13 -17.93
N ILE I 90 5.13 -29.24 -17.40
CA ILE I 90 5.77 -29.41 -16.11
C ILE I 90 5.36 -28.22 -15.25
N ASP I 91 4.96 -28.48 -14.01
CA ASP I 91 4.44 -27.45 -13.11
C ASP I 91 5.39 -27.01 -12.01
N ILE I 92 6.28 -27.90 -11.57
CA ILE I 92 7.21 -27.61 -10.49
CA ILE I 92 7.20 -27.64 -10.47
C ILE I 92 8.55 -28.23 -10.85
N VAL I 93 9.62 -27.51 -10.59
CA VAL I 93 10.97 -27.99 -10.91
C VAL I 93 11.77 -28.07 -9.62
N ILE I 94 12.31 -29.27 -9.34
CA ILE I 94 13.27 -29.48 -8.25
C ILE I 94 14.62 -29.79 -8.90
N PHE I 95 15.57 -28.87 -8.78
CA PHE I 95 16.87 -28.94 -9.46
C PHE I 95 17.95 -28.75 -8.38
N PHE I 96 18.53 -29.84 -7.86
CA PHE I 96 19.60 -29.71 -6.86
C PHE I 96 20.91 -29.51 -7.62
N TRP I 97 21.36 -28.27 -7.77
CA TRP I 97 22.63 -28.15 -8.45
C TRP I 97 23.76 -27.92 -7.45
N ASP I 98 24.98 -28.13 -7.94
CA ASP I 98 26.14 -28.23 -7.09
C ASP I 98 26.89 -26.91 -7.15
N PRO I 99 26.90 -26.11 -6.08
CA PRO I 99 27.55 -24.79 -6.14
C PRO I 99 29.05 -24.85 -5.90
N MET I 100 29.60 -26.03 -5.64
CA MET I 100 31.01 -26.18 -5.26
C MET I 100 31.82 -27.07 -6.19
N GLU I 101 31.29 -28.20 -6.62
CA GLU I 101 32.06 -29.16 -7.40
C GLU I 101 31.32 -29.57 -8.66
N ALA I 102 30.62 -28.62 -9.30
CA ALA I 102 29.93 -28.92 -10.54
C ALA I 102 30.94 -29.39 -11.58
N GLN I 103 30.63 -30.49 -12.25
CA GLN I 103 31.53 -31.18 -13.16
C GLN I 103 31.39 -30.65 -14.58
N PRO I 104 32.38 -30.92 -15.43
CA PRO I 104 32.27 -30.51 -16.86
C PRO I 104 30.98 -30.94 -17.54
N HIS I 105 30.45 -32.13 -17.23
CA HIS I 105 29.24 -32.60 -17.90
C HIS I 105 27.95 -32.27 -17.15
N ASP I 106 28.03 -31.62 -15.99
CA ASP I 106 26.81 -31.34 -15.24
C ASP I 106 25.91 -30.38 -16.00
N SER I 107 24.59 -30.60 -15.89
CA SER I 107 23.58 -29.77 -16.55
C SER I 107 23.84 -28.28 -16.34
N ASP I 108 23.77 -27.50 -17.44
CA ASP I 108 23.95 -26.05 -17.38
CA ASP I 108 23.98 -26.06 -17.34
C ASP I 108 22.91 -25.43 -16.47
N VAL I 109 23.36 -24.72 -15.43
CA VAL I 109 22.45 -24.20 -14.40
C VAL I 109 21.65 -23.02 -14.92
N LYS I 110 22.35 -21.99 -15.43
CA LYS I 110 21.68 -20.76 -15.81
C LYS I 110 20.61 -21.03 -16.87
N ALA I 111 20.98 -21.75 -17.93
CA ALA I 111 20.05 -22.01 -19.02
C ALA I 111 18.81 -22.76 -18.52
N PHE I 112 18.99 -23.67 -17.56
CA PHE I 112 17.84 -24.44 -17.09
C PHE I 112 16.88 -23.58 -16.26
N ILE I 113 17.41 -22.87 -15.26
CA ILE I 113 16.61 -22.04 -14.35
CA ILE I 113 16.53 -22.12 -14.38
C ILE I 113 15.95 -20.88 -15.09
N ARG I 114 16.65 -20.34 -16.09
CA ARG I 114 16.15 -19.15 -16.78
CA ARG I 114 16.12 -19.14 -16.72
C ARG I 114 14.77 -19.40 -17.38
N LEU I 115 14.57 -20.57 -17.96
CA LEU I 115 13.29 -20.87 -18.60
C LEU I 115 12.17 -21.00 -17.57
N CYS I 116 12.48 -21.51 -16.36
CA CYS I 116 11.50 -21.48 -15.28
C CYS I 116 11.09 -20.07 -14.92
N VAL I 117 12.05 -19.14 -14.90
CA VAL I 117 11.71 -17.75 -14.61
C VAL I 117 10.90 -17.16 -15.76
N VAL I 118 11.23 -17.52 -17.00
CA VAL I 118 10.50 -17.00 -18.16
C VAL I 118 9.02 -17.29 -18.01
N TRP I 119 8.66 -18.49 -17.57
CA TRP I 119 7.27 -18.90 -17.48
C TRP I 119 6.74 -18.89 -16.06
N ASN I 120 7.47 -18.30 -15.11
CA ASN I 120 7.05 -18.20 -13.71
C ASN I 120 6.66 -19.56 -13.14
N THR I 121 7.57 -20.52 -13.27
CA THR I 121 7.41 -21.88 -12.74
C THR I 121 7.96 -21.93 -11.31
N PRO I 122 7.23 -22.49 -10.34
CA PRO I 122 7.83 -22.73 -9.02
C PRO I 122 9.05 -23.63 -9.17
N MET I 123 10.16 -23.20 -8.59
CA MET I 123 11.41 -23.91 -8.80
C MET I 123 12.24 -23.86 -7.52
N ALA I 124 12.84 -25.00 -7.18
CA ALA I 124 13.74 -25.11 -6.05
C ALA I 124 15.12 -25.49 -6.54
N CYS I 125 16.15 -24.86 -5.98
CA CYS I 125 17.54 -25.18 -6.29
C CYS I 125 18.26 -25.83 -5.13
N ASP I 126 17.58 -26.00 -4.00
CA ASP I 126 18.17 -26.67 -2.85
C ASP I 126 17.01 -27.25 -2.05
N SER I 127 17.35 -28.06 -1.05
CA SER I 127 16.30 -28.81 -0.37
C SER I 127 15.47 -27.92 0.55
N ALA I 128 16.04 -26.83 1.06
CA ALA I 128 15.25 -25.91 1.87
C ALA I 128 14.16 -25.27 1.02
N THR I 129 14.51 -24.78 -0.18
CA THR I 129 13.47 -24.26 -1.06
C THR I 129 12.48 -25.36 -1.42
N ALA I 130 12.98 -26.58 -1.68
CA ALA I 130 12.09 -27.66 -2.07
C ALA I 130 11.12 -28.00 -0.94
N ASP I 131 11.62 -28.01 0.31
CA ASP I 131 10.75 -28.24 1.47
C ASP I 131 9.69 -27.15 1.59
N PHE I 132 10.06 -25.89 1.40
CA PHE I 132 9.06 -24.82 1.47
C PHE I 132 8.00 -24.99 0.38
N ILE I 133 8.44 -25.28 -0.85
CA ILE I 133 7.50 -25.46 -1.96
C ILE I 133 6.58 -26.64 -1.69
N LEU I 134 7.16 -27.78 -1.31
CA LEU I 134 6.37 -28.98 -1.12
C LEU I 134 5.37 -28.83 0.03
N SER I 135 5.69 -28.01 1.03
CA SER I 135 4.81 -27.80 2.17
C SER I 135 3.72 -26.77 1.89
N SER I 136 3.77 -26.09 0.74
CA SER I 136 2.78 -25.07 0.44
C SER I 136 1.41 -25.71 0.25
N PRO I 137 0.33 -25.07 0.73
CA PRO I 137 -1.02 -25.57 0.39
C PRO I 137 -1.29 -25.59 -1.09
N PHE I 138 -0.56 -24.78 -1.89
CA PHE I 138 -0.72 -24.80 -3.34
C PHE I 138 -0.26 -26.11 -3.97
N MET I 139 0.51 -26.94 -3.25
CA MET I 139 0.91 -28.23 -3.80
C MET I 139 -0.30 -29.04 -4.23
N GLU I 140 -1.38 -28.97 -3.48
CA GLU I 140 -2.52 -29.85 -3.70
C GLU I 140 -3.76 -29.13 -4.20
N THR I 141 -3.66 -27.84 -4.51
CA THR I 141 -4.78 -27.11 -5.11
C THR I 141 -4.33 -26.53 -6.43
N GLU I 142 -5.27 -25.93 -7.15
CA GLU I 142 -4.84 -25.12 -8.28
C GLU I 142 -4.07 -23.90 -7.78
N TYR I 143 -3.16 -23.41 -8.62
CA TYR I 143 -2.46 -22.16 -8.33
C TYR I 143 -2.45 -21.36 -9.62
N GLN I 144 -2.86 -20.10 -9.53
CA GLN I 144 -2.87 -19.21 -10.68
C GLN I 144 -1.59 -18.39 -10.67
N ALA I 145 -0.73 -18.65 -11.66
CA ALA I 145 0.57 -17.98 -11.80
C ALA I 145 0.43 -16.86 -12.84
N GLU I 146 0.83 -15.65 -12.45
CA GLU I 146 0.88 -14.54 -13.40
C GLU I 146 2.04 -14.74 -14.36
N ILE I 147 1.75 -14.76 -15.65
CA ILE I 147 2.86 -14.91 -16.59
CA ILE I 147 2.76 -14.94 -16.70
C ILE I 147 3.13 -13.57 -17.26
N PRO I 148 4.39 -13.27 -17.52
CA PRO I 148 4.71 -12.01 -18.22
C PRO I 148 4.06 -12.01 -19.59
N ASP I 149 3.69 -10.83 -20.04
CA ASP I 149 3.17 -10.68 -21.39
C ASP I 149 4.35 -10.60 -22.35
N TYR I 150 4.45 -11.57 -23.24
CA TYR I 150 5.51 -11.56 -24.25
C TYR I 150 5.00 -11.10 -25.61
N ASP I 151 3.77 -10.60 -25.67
CA ASP I 151 3.20 -10.18 -26.95
C ASP I 151 3.99 -9.04 -27.58
N GLY I 152 4.38 -8.05 -26.77
CA GLY I 152 5.24 -6.99 -27.29
C GLY I 152 6.56 -7.51 -27.80
N TYR I 153 7.19 -8.41 -27.05
CA TYR I 153 8.44 -9.01 -27.51
C TYR I 153 8.22 -9.76 -28.83
N LEU I 154 7.13 -10.53 -28.94
CA LEU I 154 6.91 -11.32 -30.14
C LEU I 154 6.70 -10.46 -31.39
N LYS I 155 6.15 -9.26 -31.21
CA LYS I 155 5.88 -8.33 -32.31
C LYS I 155 6.94 -7.24 -32.41
N ARG I 156 8.10 -7.42 -31.77
CA ARG I 156 9.13 -6.40 -31.75
C ARG I 156 9.62 -6.08 -33.15
N ASN I 157 10.15 -4.86 -33.31
CA ASN I 157 10.78 -4.47 -34.57
CA ASN I 157 10.75 -4.50 -34.58
C ASN I 157 12.06 -5.25 -34.79
N ILE I 158 12.27 -5.72 -36.01
CA ILE I 158 13.48 -6.47 -36.35
C ILE I 158 14.45 -5.50 -37.03
N PRO I 159 15.67 -5.35 -36.53
CA PRO I 159 16.60 -4.39 -37.15
C PRO I 159 16.98 -4.78 -38.57
N GLU I 160 17.23 -3.75 -39.39
CA GLU I 160 17.54 -3.96 -40.79
C GLU I 160 18.93 -4.56 -40.99
N ALA I 161 19.85 -4.34 -40.06
CA ALA I 161 21.19 -4.90 -40.14
C ALA I 161 21.76 -5.18 -38.74
N SER J 11 25.38 -31.27 9.14
CA SER J 11 25.21 -30.08 9.98
C SER J 11 23.88 -29.39 9.71
N ILE J 12 23.40 -28.61 10.69
CA ILE J 12 22.06 -28.02 10.63
C ILE J 12 22.12 -26.53 10.94
N ARG J 13 21.35 -25.74 10.19
CA ARG J 13 21.08 -24.35 10.54
CA ARG J 13 21.06 -24.35 10.51
C ARG J 13 19.58 -24.19 10.78
N THR J 14 19.25 -23.43 11.81
CA THR J 14 17.87 -23.21 12.21
C THR J 14 17.43 -21.82 11.79
N LEU J 15 16.43 -21.73 10.91
CA LEU J 15 15.84 -20.44 10.61
C LEU J 15 14.92 -20.04 11.77
N PRO J 16 14.98 -18.79 12.25
CA PRO J 16 14.08 -18.37 13.33
C PRO J 16 12.66 -18.20 12.82
N GLU J 17 11.74 -18.08 13.77
CA GLU J 17 10.32 -17.88 13.44
C GLU J 17 10.12 -16.59 12.66
N ARG J 18 10.71 -15.49 13.12
CA ARG J 18 10.66 -14.22 12.41
C ARG J 18 11.83 -14.18 11.45
N LYS J 19 11.53 -14.22 10.15
CA LYS J 19 12.57 -14.38 9.13
C LYS J 19 13.11 -13.02 8.73
N THR J 20 14.38 -13.01 8.31
CA THR J 20 14.94 -11.86 7.60
C THR J 20 14.92 -12.21 6.12
N ILE J 21 14.20 -11.40 5.33
CA ILE J 21 13.91 -11.67 3.93
C ILE J 21 14.59 -10.60 3.08
N ALA J 22 15.47 -11.04 2.18
CA ALA J 22 16.09 -10.14 1.23
C ALA J 22 15.19 -9.98 0.00
N LEU J 23 15.10 -8.74 -0.49
CA LEU J 23 14.28 -8.40 -1.65
C LEU J 23 15.19 -7.74 -2.68
N VAL J 24 15.33 -8.36 -3.85
CA VAL J 24 16.21 -7.86 -4.91
C VAL J 24 15.50 -8.08 -6.23
N ALA J 25 15.56 -7.09 -7.11
CA ALA J 25 14.98 -7.26 -8.44
C ALA J 25 15.86 -6.59 -9.48
N HIS J 26 16.05 -7.28 -10.62
CA HIS J 26 16.60 -6.62 -11.81
C HIS J 26 15.67 -5.48 -12.23
N ASP J 27 16.23 -4.52 -12.98
CA ASP J 27 15.51 -3.27 -13.25
C ASP J 27 14.15 -3.51 -13.89
N HIS J 28 14.06 -4.39 -14.89
CA HIS J 28 12.79 -4.64 -15.56
C HIS J 28 11.84 -5.51 -14.75
N LYS J 29 12.26 -5.98 -13.58
CA LYS J 29 11.42 -6.75 -12.67
C LYS J 29 11.11 -6.01 -11.37
N LYS J 30 11.58 -4.78 -11.21
CA LYS J 30 11.41 -4.05 -9.95
C LYS J 30 9.93 -3.78 -9.67
N ASP J 31 9.18 -3.34 -10.68
CA ASP J 31 7.74 -3.10 -10.46
C ASP J 31 7.01 -4.39 -10.12
N ASP J 32 7.38 -5.51 -10.76
CA ASP J 32 6.79 -6.78 -10.37
C ASP J 32 7.06 -7.09 -8.91
N LEU J 33 8.29 -6.86 -8.45
CA LEU J 33 8.61 -7.15 -7.06
C LEU J 33 7.83 -6.23 -6.13
N VAL J 34 7.72 -4.95 -6.49
CA VAL J 34 6.95 -4.04 -5.67
C VAL J 34 5.51 -4.52 -5.56
N ARG J 35 4.93 -4.95 -6.68
CA ARG J 35 3.56 -5.45 -6.64
C ARG J 35 3.45 -6.73 -5.80
N TRP J 36 4.48 -7.56 -5.82
CA TRP J 36 4.44 -8.76 -4.98
C TRP J 36 4.48 -8.37 -3.50
N VAL J 37 5.35 -7.43 -3.13
CA VAL J 37 5.39 -6.95 -1.76
C VAL J 37 4.04 -6.35 -1.36
N GLN J 38 3.46 -5.53 -2.25
CA GLN J 38 2.16 -4.95 -1.95
C GLN J 38 1.11 -6.02 -1.70
N LYS J 39 1.10 -7.06 -2.52
CA LYS J 39 0.12 -8.13 -2.41
C LYS J 39 0.28 -8.92 -1.12
N HIS J 40 1.50 -8.98 -0.58
CA HIS J 40 1.75 -9.77 0.61
C HIS J 40 2.14 -8.91 1.80
N ALA J 41 1.77 -7.62 1.77
CA ALA J 41 2.27 -6.68 2.75
C ALA J 41 1.94 -7.09 4.18
N GLY J 42 0.69 -7.52 4.42
CA GLY J 42 0.30 -7.91 5.78
C GLY J 42 1.16 -9.02 6.33
N LYS J 43 1.39 -10.06 5.52
CA LYS J 43 2.23 -11.17 5.95
C LYS J 43 3.66 -10.72 6.17
N LEU J 44 4.14 -9.81 5.33
CA LEU J 44 5.53 -9.41 5.38
C LEU J 44 5.82 -8.55 6.61
N THR J 45 4.79 -7.95 7.25
CA THR J 45 5.07 -7.11 8.42
C THR J 45 5.50 -7.94 9.62
N LYS J 46 5.27 -9.25 9.57
CA LYS J 46 5.76 -10.20 10.56
C LYS J 46 7.24 -10.52 10.42
N HIS J 47 7.90 -10.08 9.35
CA HIS J 47 9.29 -10.43 9.09
C HIS J 47 10.17 -9.19 8.94
N ASN J 48 11.48 -9.40 8.91
CA ASN J 48 12.44 -8.32 8.71
C ASN J 48 12.78 -8.24 7.22
N LEU J 49 12.62 -7.06 6.64
CA LEU J 49 12.85 -6.89 5.20
C LEU J 49 14.15 -6.12 4.96
N ILE J 50 14.93 -6.60 4.01
CA ILE J 50 16.18 -5.95 3.62
C ILE J 50 16.29 -6.03 2.10
N ALA J 51 16.93 -5.04 1.49
CA ALA J 51 16.97 -4.96 0.03
C ALA J 51 18.23 -4.26 -0.42
N THR J 52 18.61 -4.51 -1.68
CA THR J 52 19.60 -3.67 -2.33
C THR J 52 19.06 -2.24 -2.42
N GLY J 53 19.96 -1.29 -2.65
CA GLY J 53 19.64 0.13 -2.59
C GLY J 53 18.48 0.61 -3.43
N THR J 54 18.48 0.36 -4.75
CA THR J 54 17.42 0.91 -5.59
C THR J 54 16.11 0.18 -5.34
N THR J 55 16.14 -1.15 -5.29
CA THR J 55 14.95 -1.93 -5.00
C THR J 55 14.31 -1.50 -3.68
N GLY J 56 15.13 -1.34 -2.63
CA GLY J 56 14.58 -0.94 -1.34
C GLY J 56 13.99 0.46 -1.36
N LYS J 57 14.67 1.40 -2.04
CA LYS J 57 14.14 2.76 -2.13
C LYS J 57 12.82 2.78 -2.87
N LEU J 58 12.70 1.99 -3.94
CA LEU J 58 11.45 1.93 -4.67
C LEU J 58 10.32 1.37 -3.81
N ILE J 59 10.59 0.30 -3.06
CA ILE J 59 9.55 -0.27 -2.20
C ILE J 59 9.09 0.76 -1.18
N GLU J 60 10.01 1.46 -0.55
CA GLU J 60 9.62 2.46 0.43
C GLU J 60 8.84 3.60 -0.22
N GLU J 61 9.28 4.06 -1.39
CA GLU J 61 8.63 5.20 -2.03
C GLU J 61 7.23 4.84 -2.53
N ASP J 62 7.08 3.69 -3.16
CA ASP J 62 5.79 3.32 -3.75
C ASP J 62 4.79 2.81 -2.72
N LEU J 63 5.27 2.11 -1.68
CA LEU J 63 4.37 1.44 -0.76
C LEU J 63 4.40 1.98 0.64
N GLY J 64 5.44 2.75 1.01
CA GLY J 64 5.58 3.16 2.39
C GLY J 64 5.92 2.03 3.34
N VAL J 65 6.41 0.91 2.83
CA VAL J 65 6.84 -0.20 3.68
C VAL J 65 8.30 0.00 4.03
N GLU J 66 8.64 -0.10 5.32
CA GLU J 66 10.00 0.12 5.78
C GLU J 66 10.87 -1.07 5.40
N VAL J 67 11.98 -0.79 4.73
CA VAL J 67 12.90 -1.83 4.29
C VAL J 67 14.30 -1.34 4.60
N LYS J 68 15.10 -2.18 5.26
CA LYS J 68 16.52 -1.89 5.41
C LYS J 68 17.21 -2.01 4.04
N ARG J 69 18.08 -1.07 3.74
CA ARG J 69 18.75 -1.01 2.44
C ARG J 69 20.25 -1.16 2.62
N VAL J 70 20.87 -1.91 1.72
CA VAL J 70 22.32 -1.92 1.59
C VAL J 70 22.65 -1.11 0.34
N MET J 71 23.88 -1.18 -0.14
CA MET J 71 24.24 -0.47 -1.35
C MET J 71 23.51 -1.05 -2.56
N SER J 72 23.54 -0.31 -3.67
CA SER J 72 23.02 -0.85 -4.91
C SER J 72 23.77 -2.13 -5.26
N GLY J 73 23.02 -3.10 -5.80
CA GLY J 73 23.53 -4.43 -6.11
C GLY J 73 24.88 -4.46 -6.79
N PRO J 74 24.97 -3.87 -7.98
CA PRO J 74 26.23 -3.91 -8.75
C PRO J 74 27.31 -3.02 -8.18
N LEU J 75 27.02 -2.18 -7.19
CA LEU J 75 28.05 -1.37 -6.56
C LEU J 75 28.60 -2.03 -5.30
N GLY J 76 28.12 -3.24 -4.98
CA GLY J 76 28.59 -3.93 -3.79
C GLY J 76 27.46 -4.48 -2.95
N GLY J 77 26.23 -4.00 -3.21
CA GLY J 77 25.08 -4.51 -2.46
C GLY J 77 24.89 -6.01 -2.61
N ASP J 78 25.16 -6.55 -3.81
CA ASP J 78 25.08 -8.00 -3.98
C ASP J 78 25.97 -8.71 -2.96
N GLN J 79 27.19 -8.22 -2.80
CA GLN J 79 28.14 -8.83 -1.90
C GLN J 79 27.78 -8.60 -0.44
N GLN J 80 27.20 -7.44 -0.12
CA GLN J 80 26.77 -7.21 1.25
C GLN J 80 25.69 -8.20 1.65
N LEU J 81 24.68 -8.39 0.78
CA LEU J 81 23.66 -9.41 1.07
C LEU J 81 24.26 -10.81 1.07
N GLY J 82 25.17 -11.10 0.12
CA GLY J 82 25.81 -12.40 0.13
C GLY J 82 26.55 -12.68 1.43
N SER J 83 27.28 -11.67 1.93
CA SER J 83 27.96 -11.82 3.21
CA SER J 83 27.96 -11.82 3.21
C SER J 83 26.98 -12.13 4.32
N MET J 84 25.83 -11.47 4.32
CA MET J 84 24.84 -11.71 5.36
C MET J 84 24.23 -13.11 5.22
N ILE J 85 24.02 -13.56 3.98
CA ILE J 85 23.56 -14.94 3.79
C ILE J 85 24.58 -15.91 4.40
N ALA J 86 25.85 -15.75 4.06
CA ALA J 86 26.89 -16.64 4.57
C ALA J 86 27.04 -16.53 6.08
N GLN J 87 26.72 -15.38 6.66
CA GLN J 87 26.79 -15.19 8.10
C GLN J 87 25.48 -15.54 8.79
N ARG J 88 24.54 -16.14 8.07
CA ARG J 88 23.26 -16.58 8.60
C ARG J 88 22.42 -15.42 9.14
N GLN J 89 22.56 -14.24 8.56
CA GLN J 89 21.75 -13.09 8.96
C GLN J 89 20.57 -12.85 8.03
N ILE J 90 20.50 -13.56 6.91
CA ILE J 90 19.36 -13.52 6.02
C ILE J 90 18.83 -14.93 5.90
N ASP J 91 17.51 -15.09 6.06
CA ASP J 91 16.93 -16.43 6.09
C ASP J 91 16.24 -16.84 4.79
N ILE J 92 15.72 -15.88 4.02
CA ILE J 92 14.96 -16.12 2.81
C ILE J 92 15.36 -15.06 1.80
N VAL J 93 15.53 -15.47 0.54
CA VAL J 93 15.93 -14.53 -0.54
C VAL J 93 14.84 -14.52 -1.60
N ILE J 94 14.31 -13.33 -1.88
CA ILE J 94 13.40 -13.12 -3.00
C ILE J 94 14.16 -12.28 -4.04
N PHE J 95 14.50 -12.89 -5.17
CA PHE J 95 15.35 -12.26 -6.19
C PHE J 95 14.61 -12.38 -7.52
N PHE J 96 13.90 -11.33 -7.94
CA PHE J 96 13.19 -11.36 -9.22
C PHE J 96 14.19 -10.98 -10.30
N TRP J 97 14.81 -11.96 -10.93
CA TRP J 97 15.73 -11.54 -11.97
C TRP J 97 15.08 -11.68 -13.34
N ASP J 98 15.70 -11.01 -14.30
CA ASP J 98 15.09 -10.78 -15.60
C ASP J 98 15.69 -11.73 -16.62
N PRO J 99 14.94 -12.72 -17.11
CA PRO J 99 15.52 -13.70 -18.04
C PRO J 99 15.50 -13.26 -19.49
N MET J 100 14.98 -12.08 -19.79
CA MET J 100 14.83 -11.60 -21.15
C MET J 100 15.62 -10.33 -21.40
N GLU J 101 15.56 -9.35 -20.48
CA GLU J 101 16.14 -8.03 -20.74
C GLU J 101 17.09 -7.58 -19.63
N ALA J 102 17.82 -8.52 -19.02
CA ALA J 102 18.82 -8.15 -18.03
C ALA J 102 19.86 -7.20 -18.65
N GLN J 103 20.12 -6.12 -17.95
CA GLN J 103 20.95 -5.02 -18.39
C GLN J 103 22.40 -5.24 -18.00
N PRO J 104 23.33 -4.53 -18.64
CA PRO J 104 24.75 -4.66 -18.27
C PRO J 104 25.03 -4.49 -16.79
N HIS J 105 24.30 -3.62 -16.09
CA HIS J 105 24.55 -3.37 -14.68
C HIS J 105 23.70 -4.22 -13.74
N ASP J 106 22.80 -5.05 -14.26
CA ASP J 106 21.94 -5.83 -13.37
C ASP J 106 22.78 -6.83 -12.55
N SER J 107 22.38 -7.03 -11.29
CA SER J 107 23.08 -7.95 -10.38
C SER J 107 23.36 -9.30 -11.03
N ASP J 108 24.59 -9.79 -10.87
CA ASP J 108 24.97 -11.08 -11.44
CA ASP J 108 24.98 -11.08 -11.43
C ASP J 108 24.16 -12.20 -10.81
N VAL J 109 23.39 -12.91 -11.65
CA VAL J 109 22.43 -13.90 -11.18
C VAL J 109 23.13 -15.09 -10.54
N LYS J 110 24.02 -15.75 -11.30
CA LYS J 110 24.63 -16.99 -10.83
C LYS J 110 25.40 -16.76 -9.54
N ALA J 111 26.24 -15.73 -9.50
CA ALA J 111 27.04 -15.50 -8.31
C ALA J 111 26.14 -15.29 -7.08
N PHE J 112 24.98 -14.66 -7.27
CA PHE J 112 24.09 -14.40 -6.14
C PHE J 112 23.39 -15.68 -5.69
N ILE J 113 22.82 -16.44 -6.63
CA ILE J 113 22.06 -17.65 -6.32
CA ILE J 113 22.06 -17.59 -6.19
C ILE J 113 22.96 -18.74 -5.75
N ARG J 114 24.18 -18.82 -6.27
CA ARG J 114 25.09 -19.89 -5.87
CA ARG J 114 25.04 -19.93 -5.86
C ARG J 114 25.32 -19.89 -4.37
N LEU J 115 25.49 -18.69 -3.79
CA LEU J 115 25.73 -18.60 -2.36
C LEU J 115 24.51 -19.05 -1.55
N CYS J 116 23.29 -18.79 -2.05
CA CYS J 116 22.10 -19.33 -1.40
C CYS J 116 22.10 -20.86 -1.42
N VAL J 117 22.50 -21.46 -2.53
CA VAL J 117 22.57 -22.91 -2.60
C VAL J 117 23.68 -23.44 -1.67
N VAL J 118 24.80 -22.73 -1.57
CA VAL J 118 25.88 -23.17 -0.68
C VAL J 118 25.37 -23.37 0.74
N TRP J 119 24.55 -22.44 1.22
CA TRP J 119 24.09 -22.47 2.59
C TRP J 119 22.65 -22.96 2.72
N ASN J 120 22.09 -23.56 1.65
CA ASN J 120 20.74 -24.13 1.66
C ASN J 120 19.71 -23.12 2.17
N THR J 121 19.72 -21.94 1.60
CA THR J 121 18.82 -20.83 1.89
C THR J 121 17.58 -20.92 1.01
N PRO J 122 16.38 -20.84 1.57
CA PRO J 122 15.17 -20.74 0.73
C PRO J 122 15.28 -19.52 -0.19
N MET J 123 15.05 -19.74 -1.49
CA MET J 123 15.23 -18.65 -2.44
C MET J 123 14.21 -18.77 -3.56
N ALA J 124 13.59 -17.65 -3.92
CA ALA J 124 12.65 -17.55 -5.03
C ALA J 124 13.24 -16.63 -6.10
N CYS J 125 13.13 -17.04 -7.36
CA CYS J 125 13.57 -16.22 -8.49
C CYS J 125 12.42 -15.70 -9.33
N ASP J 126 11.19 -16.02 -8.96
CA ASP J 126 10.02 -15.52 -9.66
C ASP J 126 8.88 -15.48 -8.64
N SER J 127 7.75 -14.88 -9.03
CA SER J 127 6.69 -14.63 -8.07
C SER J 127 5.96 -15.91 -7.69
N ALA J 128 5.91 -16.90 -8.57
CA ALA J 128 5.26 -18.17 -8.23
C ALA J 128 6.03 -18.90 -7.13
N THR J 129 7.36 -19.00 -7.25
CA THR J 129 8.15 -19.59 -6.18
C THR J 129 8.00 -18.79 -4.89
N ALA J 130 8.00 -17.45 -5.02
CA ALA J 130 7.87 -16.60 -3.85
C ALA J 130 6.52 -16.82 -3.16
N ASP J 131 5.44 -17.00 -3.95
CA ASP J 131 4.13 -17.29 -3.38
C ASP J 131 4.13 -18.62 -2.63
N PHE J 132 4.74 -19.65 -3.23
CA PHE J 132 4.82 -20.96 -2.57
C PHE J 132 5.61 -20.85 -1.27
N ILE J 133 6.75 -20.15 -1.30
CA ILE J 133 7.56 -19.99 -0.08
C ILE J 133 6.74 -19.27 0.99
N LEU J 134 6.13 -18.15 0.61
CA LEU J 134 5.44 -17.34 1.60
C LEU J 134 4.23 -18.08 2.17
N SER J 135 3.64 -18.97 1.40
CA SER J 135 2.50 -19.73 1.90
C SER J 135 2.92 -20.94 2.73
N SER J 136 4.21 -21.22 2.83
CA SER J 136 4.64 -22.42 3.54
C SER J 136 4.35 -22.27 5.03
N PRO J 137 3.91 -23.34 5.70
CA PRO J 137 3.82 -23.28 7.18
C PRO J 137 5.15 -22.97 7.84
N PHE J 138 6.27 -23.23 7.16
CA PHE J 138 7.59 -22.89 7.71
C PHE J 138 7.85 -21.39 7.83
N MET J 139 7.06 -20.55 7.14
CA MET J 139 7.25 -19.10 7.26
C MET J 139 7.20 -18.65 8.71
N GLU J 140 6.34 -19.26 9.51
CA GLU J 140 6.07 -18.77 10.85
C GLU J 140 6.65 -19.66 11.93
N THR J 141 7.39 -20.69 11.56
CA THR J 141 8.01 -21.56 12.54
C THR J 141 9.52 -21.55 12.34
N GLU J 142 10.21 -22.18 13.27
CA GLU J 142 11.60 -22.50 13.01
C GLU J 142 11.63 -23.55 11.89
N TYR J 143 12.71 -23.54 11.14
CA TYR J 143 12.91 -24.54 10.09
C TYR J 143 14.36 -24.98 10.16
N GLN J 144 14.59 -26.28 10.21
CA GLN J 144 15.95 -26.81 10.24
C GLN J 144 16.39 -27.16 8.83
N ALA J 145 17.37 -26.42 8.33
CA ALA J 145 17.91 -26.63 7.00
C ALA J 145 19.18 -27.47 7.11
N GLU J 146 19.23 -28.57 6.36
CA GLU J 146 20.45 -29.35 6.28
C GLU J 146 21.50 -28.55 5.52
N ILE J 147 22.71 -28.49 6.06
CA ILE J 147 23.76 -27.81 5.32
CA ILE J 147 23.84 -27.77 5.45
C ILE J 147 24.85 -28.81 4.98
N PRO J 148 25.50 -28.66 3.83
CA PRO J 148 26.62 -29.54 3.52
C PRO J 148 27.70 -29.36 4.57
N ASP J 149 28.40 -30.44 4.89
CA ASP J 149 29.51 -30.32 5.81
C ASP J 149 30.71 -29.87 4.98
N TYR J 150 31.24 -28.67 5.26
CA TYR J 150 32.36 -28.14 4.50
C TYR J 150 33.68 -28.36 5.23
N ASP J 151 33.67 -29.15 6.31
CA ASP J 151 34.90 -29.41 7.06
C ASP J 151 35.94 -30.10 6.20
N GLY J 152 35.53 -31.10 5.42
CA GLY J 152 36.47 -31.76 4.51
C GLY J 152 37.03 -30.78 3.49
N TYR J 153 36.17 -29.95 2.92
CA TYR J 153 36.65 -28.94 1.99
C TYR J 153 37.63 -27.97 2.67
N LEU J 154 37.29 -27.51 3.89
CA LEU J 154 38.16 -26.54 4.58
C LEU J 154 39.52 -27.14 4.90
N LYS J 155 39.58 -28.45 5.10
CA LYS J 155 40.84 -29.12 5.44
C LYS J 155 41.49 -29.77 4.22
N ARG J 156 41.05 -29.43 3.01
CA ARG J 156 41.54 -30.09 1.80
C ARG J 156 43.06 -29.90 1.67
N ASN J 157 43.70 -30.86 1.01
CA ASN J 157 45.12 -30.72 0.71
CA ASN J 157 45.12 -30.73 0.70
C ASN J 157 45.32 -29.67 -0.38
N ILE J 158 46.32 -28.84 -0.21
CA ILE J 158 46.62 -27.76 -1.14
C ILE J 158 47.72 -28.26 -2.08
N PRO J 159 47.51 -28.22 -3.40
CA PRO J 159 48.55 -28.70 -4.33
C PRO J 159 49.80 -27.82 -4.31
N GLU J 160 50.90 -28.41 -4.80
CA GLU J 160 52.21 -27.78 -4.71
C GLU J 160 52.40 -26.64 -5.71
N ALA J 161 51.70 -26.67 -6.84
CA ALA J 161 51.79 -25.62 -7.84
C ALA J 161 50.61 -25.67 -8.80
N SER K 11 34.68 12.54 -7.91
CA SER K 11 34.94 12.31 -6.49
C SER K 11 36.29 11.65 -6.28
N ILE K 12 36.87 11.85 -5.09
CA ILE K 12 38.23 11.42 -4.79
C ILE K 12 38.25 10.64 -3.48
N ARG K 13 38.87 9.47 -3.50
CA ARG K 13 39.10 8.65 -2.32
CA ARG K 13 39.10 8.65 -2.32
C ARG K 13 40.57 8.62 -2.01
N THR K 14 40.92 8.79 -0.73
CA THR K 14 42.31 8.79 -0.31
C THR K 14 42.65 7.47 0.33
N LEU K 15 43.57 6.74 -0.27
CA LEU K 15 44.10 5.57 0.39
C LEU K 15 45.08 6.01 1.49
N PRO K 16 45.00 5.45 2.68
CA PRO K 16 45.91 5.86 3.76
C PRO K 16 47.32 5.33 3.52
N GLU K 17 48.27 5.91 4.27
CA GLU K 17 49.66 5.48 4.19
C GLU K 17 49.81 4.02 4.59
N ARG K 18 49.22 3.64 5.72
CA ARG K 18 49.13 2.25 6.11
C ARG K 18 47.89 1.64 5.43
N LYS K 19 48.10 0.70 4.52
CA LYS K 19 47.06 0.13 3.69
C LYS K 19 46.42 -1.08 4.36
N THR K 20 45.19 -1.38 3.98
CA THR K 20 44.59 -2.69 4.23
C THR K 20 44.65 -3.48 2.93
N ILE K 21 45.36 -4.62 2.95
CA ILE K 21 45.66 -5.41 1.77
C ILE K 21 44.94 -6.75 1.89
N ALA K 22 44.10 -7.07 0.91
CA ALA K 22 43.49 -8.38 0.82
C ALA K 22 44.41 -9.33 0.05
N LEU K 23 44.55 -10.56 0.55
CA LEU K 23 45.38 -11.61 -0.04
C LEU K 23 44.50 -12.82 -0.35
N VAL K 24 44.39 -13.19 -1.62
CA VAL K 24 43.51 -14.28 -2.04
C VAL K 24 44.21 -15.07 -3.13
N ALA K 25 44.11 -16.40 -3.08
CA ALA K 25 44.70 -17.21 -4.14
C ALA K 25 43.82 -18.41 -4.45
N HIS K 26 43.66 -18.71 -5.74
CA HIS K 26 43.16 -19.99 -6.18
C HIS K 26 44.08 -21.11 -5.68
N ASP K 27 43.52 -22.33 -5.61
CA ASP K 27 44.23 -23.44 -4.94
C ASP K 27 45.60 -23.67 -5.55
N HIS K 28 45.70 -23.70 -6.89
CA HIS K 28 46.99 -23.95 -7.54
C HIS K 28 47.92 -22.74 -7.52
N LYS K 29 47.49 -21.60 -6.97
CA LYS K 29 48.34 -20.42 -6.82
C LYS K 29 48.64 -20.10 -5.36
N LYS K 30 48.16 -20.89 -4.42
CA LYS K 30 48.35 -20.59 -3.01
C LYS K 30 49.82 -20.65 -2.62
N ASP K 31 50.54 -21.68 -3.07
CA ASP K 31 51.96 -21.76 -2.73
C ASP K 31 52.72 -20.58 -3.34
N ASP K 32 52.35 -20.19 -4.55
CA ASP K 32 52.94 -18.99 -5.18
C ASP K 32 52.68 -17.74 -4.33
N LEU K 33 51.44 -17.56 -3.87
CA LEU K 33 51.13 -16.39 -3.05
C LEU K 33 51.90 -16.42 -1.73
N VAL K 34 51.99 -17.60 -1.11
CA VAL K 34 52.72 -17.70 0.15
C VAL K 34 54.18 -17.32 -0.05
N ARG K 35 54.81 -17.83 -1.13
CA ARG K 35 56.18 -17.44 -1.44
C ARG K 35 56.29 -15.95 -1.67
N TRP K 36 55.34 -15.36 -2.39
CA TRP K 36 55.38 -13.93 -2.62
C TRP K 36 55.28 -13.16 -1.30
N VAL K 37 54.36 -13.56 -0.42
CA VAL K 37 54.25 -12.90 0.88
C VAL K 37 55.54 -13.03 1.66
N GLN K 38 56.16 -14.20 1.60
CA GLN K 38 57.40 -14.42 2.34
C GLN K 38 58.49 -13.47 1.86
N LYS K 39 58.65 -13.34 0.54
CA LYS K 39 59.71 -12.49 0.01
C LYS K 39 59.45 -11.01 0.29
N HIS K 40 58.19 -10.62 0.54
CA HIS K 40 57.86 -9.24 0.85
C HIS K 40 57.37 -9.05 2.28
N ALA K 41 57.73 -9.96 3.20
CA ALA K 41 57.15 -9.92 4.54
C ALA K 41 57.45 -8.59 5.24
N GLY K 42 58.68 -8.09 5.10
CA GLY K 42 59.03 -6.82 5.71
C GLY K 42 58.16 -5.67 5.23
N LYS K 43 57.89 -5.60 3.93
CA LYS K 43 57.04 -4.55 3.39
C LYS K 43 55.59 -4.75 3.82
N LEU K 44 55.12 -6.00 3.81
CA LEU K 44 53.70 -6.25 3.98
C LEU K 44 53.24 -6.05 5.42
N THR K 45 54.07 -6.45 6.39
CA THR K 45 53.63 -6.42 7.79
C THR K 45 53.54 -5.01 8.35
N LYS K 46 54.01 -4.00 7.60
CA LYS K 46 53.71 -2.62 7.91
C LYS K 46 52.24 -2.27 7.66
N HIS K 47 51.50 -3.14 6.98
CA HIS K 47 50.11 -2.87 6.62
C HIS K 47 49.21 -3.89 7.34
N ASN K 48 47.90 -3.65 7.27
CA ASN K 48 46.92 -4.62 7.76
C ASN K 48 46.63 -5.64 6.67
N LEU K 49 46.81 -6.92 7.00
CA LEU K 49 46.59 -8.00 6.05
C LEU K 49 45.29 -8.73 6.35
N ILE K 50 44.53 -9.03 5.30
CA ILE K 50 43.29 -9.79 5.45
C ILE K 50 43.22 -10.76 4.28
N ALA K 51 42.61 -11.93 4.53
CA ALA K 51 42.60 -12.97 3.51
C ALA K 51 41.34 -13.83 3.64
N THR K 52 41.01 -14.52 2.55
CA THR K 52 40.05 -15.61 2.63
C THR K 52 40.58 -16.70 3.57
N GLY K 53 39.66 -17.56 4.04
CA GLY K 53 39.98 -18.50 5.10
C GLY K 53 41.20 -19.39 4.86
N THR K 54 41.21 -20.10 3.73
CA THR K 54 42.28 -21.08 3.52
C THR K 54 43.61 -20.40 3.22
N THR K 55 43.59 -19.37 2.36
CA THR K 55 44.79 -18.60 2.04
C THR K 55 45.41 -18.01 3.30
N GLY K 56 44.58 -17.37 4.13
CA GLY K 56 45.09 -16.76 5.35
C GLY K 56 45.65 -17.79 6.32
N LYS K 57 44.96 -18.93 6.45
CA LYS K 57 45.47 -20.00 7.29
C LYS K 57 46.82 -20.52 6.78
N LEU K 58 46.95 -20.64 5.45
CA LEU K 58 48.20 -21.14 4.89
C LEU K 58 49.34 -20.16 5.16
N ILE K 59 49.07 -18.85 5.00
CA ILE K 59 50.09 -17.85 5.28
C ILE K 59 50.52 -17.88 6.74
N GLU K 60 49.54 -17.92 7.66
CA GLU K 60 49.85 -17.93 9.09
C GLU K 60 50.61 -19.19 9.49
N GLU K 61 50.19 -20.35 8.98
CA GLU K 61 50.86 -21.60 9.33
C GLU K 61 52.26 -21.68 8.72
N ASP K 62 52.42 -21.27 7.46
CA ASP K 62 53.71 -21.42 6.78
C ASP K 62 54.71 -20.34 7.19
N LEU K 63 54.24 -19.13 7.48
CA LEU K 63 55.12 -18.00 7.67
C LEU K 63 55.08 -17.39 9.06
N GLY K 64 54.05 -17.70 9.87
CA GLY K 64 53.90 -17.00 11.13
C GLY K 64 53.56 -15.54 10.98
N VAL K 65 53.09 -15.13 9.81
CA VAL K 65 52.66 -13.75 9.55
C VAL K 65 51.18 -13.61 9.89
N GLU K 66 50.85 -12.59 10.67
CA GLU K 66 49.48 -12.39 11.13
C GLU K 66 48.58 -11.87 10.02
N VAL K 67 47.48 -12.56 9.78
CA VAL K 67 46.51 -12.18 8.76
C VAL K 67 45.11 -12.37 9.34
N LYS K 68 44.26 -11.34 9.26
CA LYS K 68 42.86 -11.50 9.60
C LYS K 68 42.19 -12.40 8.55
N ARG K 69 41.40 -13.36 8.99
CA ARG K 69 40.79 -14.33 8.09
C ARG K 69 39.28 -14.13 8.03
N VAL K 70 38.73 -14.06 6.81
CA VAL K 70 37.28 -14.11 6.63
C VAL K 70 36.94 -15.54 6.24
N MET K 71 35.71 -15.80 5.78
CA MET K 71 35.35 -17.16 5.40
C MET K 71 36.13 -17.59 4.17
N SER K 72 36.11 -18.89 3.89
CA SER K 72 36.69 -19.36 2.63
C SER K 72 35.97 -18.70 1.47
N GLY K 73 36.74 -18.33 0.45
CA GLY K 73 36.25 -17.60 -0.71
C GLY K 73 34.90 -18.07 -1.24
N PRO K 74 34.82 -19.32 -1.70
CA PRO K 74 33.56 -19.82 -2.27
C PRO K 74 32.45 -20.09 -1.24
N LEU K 75 32.72 -20.01 0.06
CA LEU K 75 31.68 -20.15 1.05
C LEU K 75 31.11 -18.81 1.49
N GLY K 76 31.59 -17.70 0.91
CA GLY K 76 31.14 -16.37 1.27
C GLY K 76 32.27 -15.38 1.51
N GLY K 77 33.51 -15.89 1.64
CA GLY K 77 34.65 -15.01 1.84
C GLY K 77 34.84 -14.02 0.70
N ASP K 78 34.57 -14.45 -0.54
CA ASP K 78 34.60 -13.52 -1.67
C ASP K 78 33.69 -12.32 -1.42
N GLN K 79 32.47 -12.59 -0.96
CA GLN K 79 31.49 -11.52 -0.73
C GLN K 79 31.85 -10.68 0.48
N GLN K 80 32.44 -11.28 1.50
CA GLN K 80 32.88 -10.50 2.65
C GLN K 80 33.96 -9.51 2.25
N LEU K 81 34.97 -9.97 1.51
CA LEU K 81 35.99 -9.06 1.04
C LEU K 81 35.41 -8.03 0.06
N GLY K 82 34.52 -8.49 -0.82
CA GLY K 82 33.87 -7.56 -1.73
C GLY K 82 33.11 -6.47 -1.00
N SER K 83 32.37 -6.85 0.05
CA SER K 83 31.67 -5.87 0.88
CA SER K 83 31.67 -5.87 0.85
C SER K 83 32.64 -4.84 1.43
N MET K 84 33.80 -5.29 1.92
CA MET K 84 34.75 -4.38 2.52
C MET K 84 35.37 -3.47 1.48
N ILE K 85 35.63 -4.00 0.28
CA ILE K 85 36.10 -3.15 -0.81
C ILE K 85 35.09 -2.04 -1.09
N ALA K 86 33.83 -2.42 -1.27
CA ALA K 86 32.78 -1.45 -1.55
C ALA K 86 32.58 -0.45 -0.42
N GLN K 87 32.87 -0.86 0.82
CA GLN K 87 32.80 0.00 1.99
C GLN K 87 34.11 0.74 2.27
N ARG K 88 35.07 0.69 1.35
CA ARG K 88 36.34 1.41 1.45
C ARG K 88 37.16 0.97 2.67
N GLN K 89 37.01 -0.29 3.06
CA GLN K 89 37.79 -0.84 4.16
C GLN K 89 38.96 -1.68 3.69
N ILE K 90 39.08 -1.92 2.38
CA ILE K 90 40.25 -2.57 1.80
C ILE K 90 40.79 -1.62 0.75
N ASP K 91 42.10 -1.39 0.77
CA ASP K 91 42.75 -0.44 -0.13
C ASP K 91 43.49 -1.08 -1.28
N ILE K 92 44.00 -2.30 -1.10
CA ILE K 92 44.77 -2.98 -2.13
C ILE K 92 44.37 -4.45 -2.16
N VAL K 93 44.23 -5.02 -3.34
CA VAL K 93 43.82 -6.42 -3.50
C VAL K 93 44.91 -7.19 -4.25
N ILE K 94 45.42 -8.26 -3.65
CA ILE K 94 46.33 -9.19 -4.31
C ILE K 94 45.58 -10.50 -4.49
N PHE K 95 45.25 -10.83 -5.74
CA PHE K 95 44.38 -11.97 -6.05
C PHE K 95 45.12 -12.84 -7.07
N PHE K 96 45.81 -13.88 -6.60
CA PHE K 96 46.52 -14.77 -7.53
C PHE K 96 45.54 -15.83 -8.02
N TRP K 97 44.91 -15.59 -9.17
CA TRP K 97 44.01 -16.62 -9.69
C TRP K 97 44.68 -17.46 -10.77
N ASP K 98 44.06 -18.61 -11.04
CA ASP K 98 44.68 -19.65 -11.82
C ASP K 98 44.11 -19.63 -13.23
N PRO K 99 44.90 -19.24 -14.24
CA PRO K 99 44.36 -19.15 -15.61
C PRO K 99 44.35 -20.46 -16.38
N MET K 100 44.86 -21.55 -15.77
CA MET K 100 45.01 -22.84 -16.43
C MET K 100 44.23 -23.96 -15.77
N GLU K 101 44.31 -24.10 -14.45
CA GLU K 101 43.73 -25.26 -13.80
C GLU K 101 42.79 -24.83 -12.68
N ALA K 102 42.06 -23.73 -12.92
CA ALA K 102 41.06 -23.28 -11.96
C ALA K 102 40.04 -24.39 -11.73
N GLN K 103 39.79 -24.67 -10.48
CA GLN K 103 38.97 -25.78 -10.02
C GLN K 103 37.51 -25.36 -9.92
N PRO K 104 36.59 -26.33 -9.89
CA PRO K 104 35.16 -25.99 -9.75
C PRO K 104 34.83 -25.09 -8.58
N HIS K 105 35.51 -25.21 -7.44
CA HIS K 105 35.20 -24.39 -6.27
C HIS K 105 36.05 -23.12 -6.19
N ASP K 106 36.97 -22.87 -7.12
CA ASP K 106 37.81 -21.69 -7.00
C ASP K 106 36.98 -20.42 -7.13
N SER K 107 37.32 -19.40 -6.34
CA SER K 107 36.64 -18.11 -6.34
C SER K 107 36.38 -17.59 -7.75
N ASP K 108 35.16 -17.11 -8.02
CA ASP K 108 34.84 -16.63 -9.36
C ASP K 108 35.64 -15.37 -9.67
N VAL K 109 36.42 -15.43 -10.76
CA VAL K 109 37.39 -14.36 -11.06
C VAL K 109 36.68 -13.06 -11.43
N LYS K 110 35.77 -13.14 -12.40
CA LYS K 110 35.11 -11.95 -12.92
C LYS K 110 34.36 -11.21 -11.82
N ALA K 111 33.54 -11.93 -11.05
CA ALA K 111 32.75 -11.27 -10.02
C ALA K 111 33.64 -10.59 -8.99
N PHE K 112 34.77 -11.20 -8.65
CA PHE K 112 35.64 -10.62 -7.62
C PHE K 112 36.36 -9.36 -8.13
N ILE K 113 36.98 -9.45 -9.32
CA ILE K 113 37.74 -8.29 -9.77
CA ILE K 113 37.75 -8.34 -9.89
C ILE K 113 36.85 -7.17 -10.26
N ARG K 114 35.63 -7.46 -10.75
CA ARG K 114 34.75 -6.40 -11.23
CA ARG K 114 34.79 -6.36 -11.25
C ARG K 114 34.51 -5.35 -10.15
N LEU K 115 34.34 -5.80 -8.90
CA LEU K 115 34.06 -4.86 -7.81
C LEU K 115 35.28 -4.00 -7.48
N CYS K 116 36.50 -4.54 -7.62
CA CYS K 116 37.68 -3.68 -7.52
C CYS K 116 37.68 -2.58 -8.58
N VAL K 117 37.28 -2.92 -9.82
CA VAL K 117 37.23 -1.93 -10.88
C VAL K 117 36.13 -0.92 -10.61
N VAL K 118 34.99 -1.36 -10.05
CA VAL K 118 33.92 -0.41 -9.71
C VAL K 118 34.45 0.70 -8.82
N TRP K 119 35.26 0.35 -7.81
CA TRP K 119 35.73 1.32 -6.85
C TRP K 119 37.17 1.75 -7.10
N ASN K 120 37.71 1.44 -8.29
CA ASN K 120 39.06 1.87 -8.69
C ASN K 120 40.09 1.51 -7.61
N THR K 121 40.09 0.24 -7.24
CA THR K 121 40.99 -0.32 -6.24
C THR K 121 42.27 -0.81 -6.92
N PRO K 122 43.46 -0.45 -6.41
CA PRO K 122 44.68 -1.09 -6.91
C PRO K 122 44.59 -2.60 -6.70
N MET K 123 44.83 -3.35 -7.78
CA MET K 123 44.63 -4.78 -7.74
C MET K 123 45.67 -5.50 -8.59
N ALA K 124 46.25 -6.56 -8.03
CA ALA K 124 47.20 -7.40 -8.76
C ALA K 124 46.62 -8.81 -8.93
N CYS K 125 46.77 -9.38 -10.14
CA CYS K 125 46.34 -10.75 -10.39
C CYS K 125 47.50 -11.71 -10.61
N ASP K 126 48.73 -11.22 -10.53
CA ASP K 126 49.92 -12.04 -10.66
C ASP K 126 51.05 -11.34 -9.92
N SER K 127 52.17 -12.05 -9.75
CA SER K 127 53.22 -11.52 -8.89
C SER K 127 53.94 -10.34 -9.54
N ALA K 128 54.00 -10.28 -10.87
CA ALA K 128 54.64 -9.14 -11.51
C ALA K 128 53.86 -7.85 -11.24
N THR K 129 52.52 -7.88 -11.40
CA THR K 129 51.74 -6.71 -11.04
C THR K 129 51.88 -6.38 -9.55
N ALA K 130 51.89 -7.41 -8.69
CA ALA K 130 52.00 -7.19 -7.26
C ALA K 130 53.33 -6.54 -6.90
N ASP K 131 54.41 -6.98 -7.54
CA ASP K 131 55.73 -6.35 -7.34
C ASP K 131 55.73 -4.89 -7.78
N PHE K 132 55.12 -4.58 -8.93
CA PHE K 132 55.05 -3.18 -9.34
C PHE K 132 54.28 -2.33 -8.35
N ILE K 133 53.14 -2.84 -7.88
CA ILE K 133 52.33 -2.12 -6.90
C ILE K 133 53.13 -1.89 -5.63
N LEU K 134 53.76 -2.95 -5.12
CA LEU K 134 54.46 -2.86 -3.85
C LEU K 134 55.65 -1.92 -3.93
N SER K 135 56.26 -1.79 -5.12
CA SER K 135 57.40 -0.91 -5.29
C SER K 135 57.00 0.54 -5.51
N SER K 136 55.72 0.83 -5.70
CA SER K 136 55.30 2.20 -5.94
C SER K 136 55.49 3.05 -4.69
N PRO K 137 55.90 4.32 -4.83
CA PRO K 137 55.91 5.19 -3.63
C PRO K 137 54.53 5.33 -3.00
N PHE K 138 53.46 5.14 -3.77
CA PHE K 138 52.12 5.19 -3.20
C PHE K 138 51.87 4.06 -2.22
N MET K 139 52.68 3.00 -2.26
CA MET K 139 52.50 1.88 -1.33
C MET K 139 52.57 2.36 0.12
N GLU K 140 53.48 3.28 0.41
CA GLU K 140 53.72 3.73 1.78
C GLU K 140 53.34 5.19 1.97
N THR K 141 52.70 5.82 0.99
CA THR K 141 52.19 7.18 1.13
C THR K 141 50.69 7.16 0.88
N GLU K 142 50.05 8.32 1.08
CA GLU K 142 48.68 8.47 0.64
C GLU K 142 48.56 8.47 -0.89
N TYR K 143 47.43 7.99 -1.40
CA TYR K 143 47.13 8.02 -2.83
C TYR K 143 45.68 8.45 -3.02
N GLN K 144 45.47 9.43 -3.91
CA GLN K 144 44.14 9.95 -4.24
C GLN K 144 43.64 9.26 -5.51
N ALA K 145 42.60 8.44 -5.36
CA ALA K 145 42.02 7.65 -6.44
C ALA K 145 40.77 8.33 -6.96
N GLU K 146 40.69 8.49 -8.29
CA GLU K 146 39.47 9.00 -8.90
C GLU K 146 38.37 7.94 -8.84
N ILE K 147 37.26 8.25 -8.18
CA ILE K 147 36.09 7.38 -8.06
CA ILE K 147 36.18 7.27 -8.17
C ILE K 147 35.14 7.66 -9.20
N PRO K 148 34.62 6.67 -9.93
CA PRO K 148 33.59 6.97 -10.92
C PRO K 148 32.37 7.56 -10.24
N ASP K 149 31.69 8.45 -10.96
CA ASP K 149 30.44 8.99 -10.46
C ASP K 149 29.31 8.01 -10.75
N TYR K 150 28.67 7.50 -9.70
CA TYR K 150 27.54 6.60 -9.86
C TYR K 150 26.21 7.31 -9.60
N ASP K 151 26.24 8.63 -9.45
CA ASP K 151 25.03 9.38 -9.16
C ASP K 151 24.00 9.23 -10.27
N GLY K 152 24.42 9.31 -11.54
CA GLY K 152 23.48 9.11 -12.62
C GLY K 152 22.86 7.72 -12.58
N TYR K 153 23.68 6.70 -12.35
CA TYR K 153 23.17 5.35 -12.23
C TYR K 153 22.19 5.22 -11.06
N LEU K 154 22.52 5.81 -9.91
CA LEU K 154 21.68 5.66 -8.73
C LEU K 154 20.31 6.31 -8.92
N LYS K 155 20.24 7.37 -9.74
CA LYS K 155 18.99 8.06 -10.02
C LYS K 155 18.38 7.64 -11.35
N ARG K 156 18.83 6.52 -11.94
CA ARG K 156 18.36 6.13 -13.25
C ARG K 156 16.84 5.92 -13.24
N ASN K 157 16.24 6.00 -14.42
CA ASN K 157 14.81 5.75 -14.58
CA ASN K 157 14.82 5.75 -14.55
C ASN K 157 14.54 4.25 -14.53
N ILE K 158 13.56 3.86 -13.75
CA ILE K 158 13.19 2.45 -13.58
C ILE K 158 12.05 2.15 -14.55
N PRO K 159 12.19 1.15 -15.43
CA PRO K 159 11.13 0.85 -16.40
C PRO K 159 9.83 0.40 -15.74
N GLU K 160 8.73 0.57 -16.48
CA GLU K 160 7.44 0.09 -16.00
C GLU K 160 7.27 -1.42 -16.14
N ALA K 161 8.09 -2.05 -16.99
CA ALA K 161 8.04 -3.50 -17.23
C ALA K 161 9.29 -3.96 -17.98
N SER L 11 61.11 -20.73 -14.46
CA SER L 11 61.55 -20.00 -15.63
C SER L 11 61.31 -18.49 -15.45
N ILE L 12 62.08 -17.68 -16.17
CA ILE L 12 62.08 -16.23 -15.99
C ILE L 12 61.92 -15.53 -17.33
N ARG L 13 61.13 -14.45 -17.34
CA ARG L 13 61.10 -13.53 -18.47
CA ARG L 13 61.07 -13.52 -18.47
C ARG L 13 61.54 -12.16 -17.97
N THR L 14 62.45 -11.54 -18.72
CA THR L 14 62.99 -10.23 -18.37
C THR L 14 62.26 -9.16 -19.18
N LEU L 15 61.58 -8.24 -18.48
CA LEU L 15 61.04 -7.07 -19.15
C LEU L 15 62.16 -6.09 -19.44
N PRO L 16 62.27 -5.55 -20.66
CA PRO L 16 63.37 -4.62 -20.96
C PRO L 16 63.15 -3.27 -20.28
N GLU L 17 64.23 -2.47 -20.29
CA GLU L 17 64.18 -1.14 -19.67
C GLU L 17 63.15 -0.26 -20.36
N ARG L 18 63.16 -0.24 -21.69
CA ARG L 18 62.11 0.43 -22.46
C ARG L 18 60.98 -0.57 -22.70
N LYS L 19 59.79 -0.25 -22.18
CA LYS L 19 58.67 -1.19 -22.19
C LYS L 19 57.83 -0.98 -23.44
N THR L 20 57.14 -2.04 -23.83
CA THR L 20 56.04 -1.97 -24.79
C THR L 20 54.75 -2.08 -23.99
N ILE L 21 53.92 -1.04 -24.07
CA ILE L 21 52.75 -0.87 -23.23
C ILE L 21 51.51 -0.91 -24.11
N ALA L 22 50.60 -1.84 -23.83
CA ALA L 22 49.32 -1.90 -24.53
C ALA L 22 48.30 -1.01 -23.81
N LEU L 23 47.52 -0.28 -24.59
CA LEU L 23 46.49 0.64 -24.10
C LEU L 23 45.17 0.22 -24.71
N VAL L 24 44.20 -0.19 -23.87
CA VAL L 24 42.90 -0.69 -24.31
C VAL L 24 41.83 -0.19 -23.35
N ALA L 25 40.68 0.23 -23.87
CA ALA L 25 39.56 0.64 -23.04
C ALA L 25 38.24 0.19 -23.65
N HIS L 26 37.34 -0.30 -22.81
CA HIS L 26 35.94 -0.41 -23.20
C HIS L 26 35.38 0.97 -23.54
N ASP L 27 34.29 1.00 -24.32
CA ASP L 27 33.78 2.26 -24.87
C ASP L 27 33.49 3.29 -23.77
N HIS L 28 32.82 2.87 -22.70
CA HIS L 28 32.48 3.83 -21.66
C HIS L 28 33.67 4.22 -20.78
N LYS L 29 34.86 3.66 -21.03
CA LYS L 29 36.06 4.04 -20.32
C LYS L 29 37.08 4.70 -21.23
N LYS L 30 36.77 4.88 -22.52
CA LYS L 30 37.78 5.40 -23.45
C LYS L 30 38.19 6.82 -23.07
N ASP L 31 37.24 7.68 -22.74
CA ASP L 31 37.61 9.05 -22.35
C ASP L 31 38.47 9.04 -21.08
N ASP L 32 38.15 8.17 -20.12
CA ASP L 32 38.99 8.05 -18.92
C ASP L 32 40.41 7.64 -19.30
N LEU L 33 40.54 6.67 -20.20
CA LEU L 33 41.89 6.25 -20.59
C LEU L 33 42.61 7.38 -21.31
N VAL L 34 41.93 8.08 -22.22
CA VAL L 34 42.57 9.20 -22.90
C VAL L 34 43.04 10.23 -21.89
N ARG L 35 42.22 10.51 -20.87
CA ARG L 35 42.64 11.45 -19.84
C ARG L 35 43.86 10.95 -19.10
N TRP L 36 43.88 9.65 -18.78
CA TRP L 36 45.02 9.07 -18.07
C TRP L 36 46.29 9.14 -18.92
N VAL L 37 46.20 8.82 -20.21
CA VAL L 37 47.36 8.91 -21.10
C VAL L 37 47.91 10.33 -21.11
N GLN L 38 47.02 11.33 -21.24
CA GLN L 38 47.40 12.73 -21.24
CA GLN L 38 47.47 12.71 -21.27
C GLN L 38 48.11 13.09 -19.94
N LYS L 39 47.58 12.63 -18.81
CA LYS L 39 48.19 12.96 -17.53
C LYS L 39 49.58 12.34 -17.39
N HIS L 40 49.83 11.22 -18.06
CA HIS L 40 51.12 10.52 -18.00
C HIS L 40 51.87 10.56 -19.33
N ALA L 41 51.61 11.58 -20.15
CA ALA L 41 52.17 11.62 -21.51
C ALA L 41 53.68 11.60 -21.50
N GLY L 42 54.31 12.39 -20.63
CA GLY L 42 55.76 12.43 -20.57
C GLY L 42 56.35 11.06 -20.25
N LYS L 43 55.78 10.38 -19.28
CA LYS L 43 56.29 9.07 -18.90
C LYS L 43 56.00 8.04 -19.98
N LEU L 44 54.80 8.08 -20.57
CA LEU L 44 54.38 7.03 -21.49
C LEU L 44 55.13 7.12 -22.83
N THR L 45 55.38 8.32 -23.32
CA THR L 45 55.99 8.46 -24.65
C THR L 45 57.47 8.08 -24.65
N LYS L 46 58.09 7.82 -23.49
CA LYS L 46 59.41 7.19 -23.45
C LYS L 46 59.37 5.72 -23.83
N HIS L 47 58.19 5.12 -23.90
CA HIS L 47 58.03 3.70 -24.15
C HIS L 47 57.33 3.46 -25.48
N ASN L 48 57.33 2.20 -25.90
CA ASN L 48 56.64 1.78 -27.12
CA ASN L 48 56.63 1.77 -27.12
C ASN L 48 55.16 1.58 -26.78
N LEU L 49 54.29 2.36 -27.40
CA LEU L 49 52.85 2.30 -27.11
C LEU L 49 52.10 1.59 -28.24
N ILE L 50 51.17 0.73 -27.86
CA ILE L 50 50.34 0.02 -28.82
C ILE L 50 48.92 -0.05 -28.25
N ALA L 51 47.93 -0.05 -29.14
CA ALA L 51 46.53 0.00 -28.71
C ALA L 51 45.65 -0.75 -29.70
N THR L 52 44.47 -1.16 -29.22
CA THR L 52 43.43 -1.61 -30.13
C THR L 52 43.01 -0.45 -31.05
N GLY L 53 42.34 -0.80 -32.15
CA GLY L 53 42.11 0.17 -33.21
C GLY L 53 41.43 1.45 -32.78
N THR L 54 40.26 1.35 -32.12
CA THR L 54 39.49 2.55 -31.80
C THR L 54 40.16 3.34 -30.68
N THR L 55 40.60 2.67 -29.62
CA THR L 55 41.30 3.34 -28.53
C THR L 55 42.52 4.09 -29.05
N GLY L 56 43.31 3.44 -29.92
CA GLY L 56 44.49 4.10 -30.45
C GLY L 56 44.17 5.28 -31.34
N LYS L 57 43.14 5.16 -32.18
CA LYS L 57 42.71 6.28 -33.00
C LYS L 57 42.27 7.46 -32.15
N LEU L 58 41.54 7.19 -31.07
CA LEU L 58 41.08 8.25 -30.17
C LEU L 58 42.26 8.96 -29.48
N ILE L 59 43.24 8.18 -29.01
CA ILE L 59 44.41 8.79 -28.39
C ILE L 59 45.12 9.70 -29.40
N GLU L 60 45.26 9.23 -30.63
CA GLU L 60 45.97 10.04 -31.61
C GLU L 60 45.18 11.28 -31.98
N GLU L 61 43.86 11.15 -32.14
CA GLU L 61 43.06 12.30 -32.55
C GLU L 61 42.95 13.34 -31.43
N ASP L 62 42.78 12.88 -30.17
CA ASP L 62 42.60 13.80 -29.06
C ASP L 62 43.90 14.39 -28.54
N LEU L 63 44.97 13.60 -28.52
CA LEU L 63 46.23 14.01 -27.88
C LEU L 63 47.39 14.16 -28.84
N GLY L 64 47.31 13.62 -30.05
CA GLY L 64 48.46 13.62 -30.93
C GLY L 64 49.58 12.73 -30.44
N VAL L 65 49.28 11.82 -29.53
CA VAL L 65 50.29 10.89 -29.02
C VAL L 65 50.38 9.73 -29.98
N GLU L 66 51.61 9.41 -30.40
CA GLU L 66 51.86 8.35 -31.37
C GLU L 66 51.73 6.98 -30.70
N VAL L 67 50.85 6.14 -31.23
CA VAL L 67 50.59 4.80 -30.72
CA VAL L 67 50.63 4.79 -30.72
C VAL L 67 50.42 3.87 -31.92
N LYS L 68 51.03 2.69 -31.85
CA LYS L 68 50.79 1.69 -32.89
C LYS L 68 49.41 1.10 -32.69
N ARG L 69 48.73 0.77 -33.79
CA ARG L 69 47.36 0.28 -33.69
C ARG L 69 47.27 -1.11 -34.27
N VAL L 70 46.61 -2.02 -33.54
CA VAL L 70 46.16 -3.25 -34.15
C VAL L 70 44.69 -3.07 -34.52
N MET L 71 44.01 -4.15 -34.88
CA MET L 71 42.60 -4.05 -35.24
C MET L 71 41.78 -3.66 -34.02
N SER L 72 40.53 -3.28 -34.27
CA SER L 72 39.62 -3.07 -33.16
C SER L 72 39.51 -4.35 -32.34
N GLY L 73 39.46 -4.19 -31.01
CA GLY L 73 39.45 -5.31 -30.10
C GLY L 73 38.54 -6.48 -30.46
N PRO L 74 37.22 -6.24 -30.56
CA PRO L 74 36.29 -7.34 -30.89
C PRO L 74 36.37 -7.80 -32.33
N LEU L 75 37.13 -7.14 -33.20
CA LEU L 75 37.32 -7.61 -34.57
C LEU L 75 38.61 -8.41 -34.74
N GLY L 76 39.34 -8.65 -33.66
CA GLY L 76 40.58 -9.41 -33.71
C GLY L 76 41.73 -8.73 -33.00
N GLY L 77 41.57 -7.45 -32.67
CA GLY L 77 42.62 -6.73 -31.95
C GLY L 77 42.92 -7.35 -30.60
N ASP L 78 41.89 -7.86 -29.91
CA ASP L 78 42.11 -8.58 -28.66
C ASP L 78 43.09 -9.73 -28.88
N GLN L 79 42.88 -10.50 -29.95
CA GLN L 79 43.74 -11.64 -30.24
C GLN L 79 45.12 -11.22 -30.72
N GLN L 80 45.21 -10.13 -31.46
CA GLN L 80 46.52 -9.65 -31.88
C GLN L 80 47.37 -9.24 -30.68
N LEU L 81 46.78 -8.49 -29.76
CA LEU L 81 47.52 -8.13 -28.54
C LEU L 81 47.85 -9.37 -27.72
N GLY L 82 46.90 -10.31 -27.63
CA GLY L 82 47.15 -11.53 -26.88
C GLY L 82 48.33 -12.30 -27.44
N SER L 83 48.38 -12.43 -28.77
CA SER L 83 49.51 -13.09 -29.42
CA SER L 83 49.51 -13.09 -29.42
C SER L 83 50.83 -12.41 -29.06
N MET L 84 50.84 -11.07 -29.06
CA MET L 84 52.07 -10.36 -28.75
C MET L 84 52.46 -10.54 -27.28
N ILE L 85 51.46 -10.55 -26.38
CA ILE L 85 51.75 -10.88 -24.98
C ILE L 85 52.40 -12.26 -24.88
N ALA L 86 51.78 -13.25 -25.52
CA ALA L 86 52.31 -14.62 -25.46
C ALA L 86 53.68 -14.74 -26.11
N GLN L 87 53.97 -13.88 -27.08
CA GLN L 87 55.27 -13.86 -27.77
C GLN L 87 56.26 -12.93 -27.08
N ARG L 88 55.92 -12.41 -25.90
CA ARG L 88 56.78 -11.54 -25.10
C ARG L 88 57.16 -10.25 -25.84
N GLN L 89 56.24 -9.76 -26.66
CA GLN L 89 56.40 -8.50 -27.39
C GLN L 89 55.68 -7.34 -26.73
N ILE L 90 54.88 -7.60 -25.70
CA ILE L 90 54.22 -6.57 -24.90
C ILE L 90 54.59 -6.82 -23.44
N ASP L 91 55.01 -5.76 -22.74
CA ASP L 91 55.50 -5.91 -21.38
C ASP L 91 54.51 -5.48 -20.33
N ILE L 92 53.62 -4.53 -20.65
CA ILE L 92 52.67 -3.96 -19.71
CA ILE L 92 52.69 -3.92 -19.71
C ILE L 92 51.35 -3.75 -20.41
N VAL L 93 50.26 -4.10 -19.74
CA VAL L 93 48.92 -3.95 -20.30
C VAL L 93 48.12 -3.00 -19.42
N ILE L 94 47.62 -1.92 -20.03
CA ILE L 94 46.67 -1.01 -19.38
C ILE L 94 45.34 -1.21 -20.08
N PHE L 95 44.39 -1.80 -19.37
CA PHE L 95 43.10 -2.21 -19.91
C PHE L 95 42.00 -1.64 -19.03
N PHE L 96 41.40 -0.51 -19.41
CA PHE L 96 40.31 0.09 -18.61
C PHE L 96 39.02 -0.60 -19.04
N TRP L 97 38.59 -1.60 -18.31
CA TRP L 97 37.33 -2.17 -18.73
C TRP L 97 36.20 -1.64 -17.86
N ASP L 98 34.99 -1.81 -18.38
CA ASP L 98 33.80 -1.17 -17.86
C ASP L 98 33.03 -2.19 -17.03
N PRO L 99 32.97 -2.06 -15.70
CA PRO L 99 32.29 -3.06 -14.86
C PRO L 99 30.78 -2.85 -14.76
N MET L 100 30.24 -1.81 -15.38
CA MET L 100 28.85 -1.43 -15.22
C MET L 100 28.07 -1.46 -16.52
N GLU L 101 28.65 -0.96 -17.61
CA GLU L 101 27.90 -0.78 -18.84
C GLU L 101 28.64 -1.38 -20.03
N ALA L 102 29.37 -2.47 -19.80
CA ALA L 102 30.09 -3.12 -20.90
C ALA L 102 29.07 -3.50 -21.97
N GLN L 103 29.38 -3.13 -23.20
CA GLN L 103 28.47 -3.25 -24.33
C GLN L 103 28.60 -4.62 -24.98
N PRO L 104 27.61 -5.02 -25.81
CA PRO L 104 27.73 -6.32 -26.50
C PRO L 104 29.05 -6.50 -27.26
N HIS L 105 29.57 -5.44 -27.88
CA HIS L 105 30.81 -5.55 -28.66
C HIS L 105 32.06 -5.25 -27.86
N ASP L 106 31.98 -4.92 -26.57
CA ASP L 106 33.19 -4.61 -25.82
C ASP L 106 34.08 -5.85 -25.69
N SER L 107 35.41 -5.63 -25.76
CA SER L 107 36.39 -6.71 -25.63
C SER L 107 36.08 -7.64 -24.45
N ASP L 108 36.21 -8.95 -24.67
CA ASP L 108 35.95 -9.90 -23.59
CA ASP L 108 35.96 -9.91 -23.60
C ASP L 108 37.02 -9.76 -22.52
N VAL L 109 36.57 -9.46 -21.30
CA VAL L 109 37.49 -9.16 -20.20
C VAL L 109 38.28 -10.39 -19.79
N LYS L 110 37.58 -11.50 -19.49
CA LYS L 110 38.24 -12.67 -18.93
C LYS L 110 39.30 -13.20 -19.89
N ALA L 111 38.92 -13.42 -21.15
CA ALA L 111 39.86 -14.00 -22.12
C ALA L 111 41.09 -13.12 -22.33
N PHE L 112 40.93 -11.80 -22.26
CA PHE L 112 42.06 -10.90 -22.47
C PHE L 112 43.02 -10.91 -21.27
N ILE L 113 42.48 -10.80 -20.06
CA ILE L 113 43.40 -10.68 -18.94
CA ILE L 113 43.31 -10.70 -18.85
C ILE L 113 43.98 -12.03 -18.54
N ARG L 114 43.33 -13.15 -18.89
CA ARG L 114 43.86 -14.47 -18.56
CA ARG L 114 43.89 -14.44 -18.50
C ARG L 114 45.27 -14.67 -19.11
N LEU L 115 45.49 -14.19 -20.33
CA LEU L 115 46.79 -14.43 -20.97
C LEU L 115 47.89 -13.63 -20.28
N CYS L 116 47.58 -12.43 -19.76
CA CYS L 116 48.54 -11.70 -18.93
C CYS L 116 48.89 -12.49 -17.67
N VAL L 117 47.90 -13.13 -17.05
CA VAL L 117 48.18 -13.94 -15.86
C VAL L 117 48.99 -15.16 -16.24
N VAL L 118 48.71 -15.76 -17.39
CA VAL L 118 49.49 -16.92 -17.85
C VAL L 118 50.98 -16.60 -17.92
N TRP L 119 51.31 -15.42 -18.45
CA TRP L 119 52.70 -15.06 -18.67
C TRP L 119 53.24 -14.07 -17.63
N ASN L 120 52.51 -13.88 -16.53
CA ASN L 120 52.90 -12.98 -15.44
C ASN L 120 53.29 -11.59 -15.96
N THR L 121 52.39 -11.00 -16.76
CA THR L 121 52.56 -9.66 -17.33
C THR L 121 51.97 -8.62 -16.37
N PRO L 122 52.70 -7.54 -16.04
CA PRO L 122 52.07 -6.45 -15.28
C PRO L 122 50.85 -5.93 -16.02
N MET L 123 49.73 -5.84 -15.32
CA MET L 123 48.48 -5.47 -15.95
C MET L 123 47.64 -4.63 -15.01
N ALA L 124 47.07 -3.54 -15.54
CA ALA L 124 46.14 -2.68 -14.81
C ALA L 124 44.76 -2.74 -15.44
N CYS L 125 43.72 -2.85 -14.61
CA CYS L 125 42.34 -2.84 -15.07
C CYS L 125 41.60 -1.58 -14.71
N ASP L 126 42.25 -0.65 -14.00
CA ASP L 126 41.66 0.62 -13.62
C ASP L 126 42.80 1.61 -13.45
N SER L 127 42.45 2.89 -13.27
CA SER L 127 43.47 3.93 -13.26
C SER L 127 44.32 3.92 -11.98
N ALA L 128 43.77 3.46 -10.86
CA ALA L 128 44.60 3.39 -9.64
C ALA L 128 45.71 2.36 -9.81
N THR L 129 45.38 1.15 -10.31
CA THR L 129 46.43 0.17 -10.59
C THR L 129 47.42 0.72 -11.62
N ALA L 130 46.90 1.38 -12.65
CA ALA L 130 47.78 1.94 -13.67
C ALA L 130 48.70 3.00 -13.08
N ASP L 131 48.18 3.84 -12.18
CA ASP L 131 49.01 4.84 -11.50
C ASP L 131 50.11 4.17 -10.67
N PHE L 132 49.78 3.09 -9.95
CA PHE L 132 50.78 2.37 -9.16
C PHE L 132 51.84 1.75 -10.08
N ILE L 133 51.41 1.13 -11.18
CA ILE L 133 52.37 0.50 -12.10
C ILE L 133 53.31 1.56 -12.67
N LEU L 134 52.74 2.66 -13.17
CA LEU L 134 53.54 3.64 -13.86
C LEU L 134 54.50 4.36 -12.92
N SER L 135 54.17 4.43 -11.63
CA SER L 135 55.05 5.03 -10.64
C SER L 135 56.10 4.07 -10.13
N SER L 136 56.05 2.80 -10.55
CA SER L 136 57.06 1.86 -10.09
C SER L 136 58.42 2.23 -10.68
N PRO L 137 59.49 2.12 -9.90
CA PRO L 137 60.83 2.26 -10.49
C PRO L 137 61.13 1.22 -11.54
N PHE L 138 60.41 0.08 -11.54
CA PHE L 138 60.64 -0.93 -12.55
C PHE L 138 60.22 -0.45 -13.95
N MET L 139 59.46 0.64 -14.05
CA MET L 139 59.15 1.20 -15.36
C MET L 139 60.42 1.49 -16.15
N GLU L 140 61.48 1.93 -15.45
CA GLU L 140 62.69 2.42 -16.10
C GLU L 140 63.86 1.45 -15.95
N THR L 141 63.65 0.29 -15.33
CA THR L 141 64.70 -0.72 -15.19
C THR L 141 64.21 -2.01 -15.83
N GLU L 142 65.11 -2.99 -15.89
CA GLU L 142 64.65 -4.34 -16.15
C GLU L 142 63.81 -4.83 -14.98
N TYR L 143 62.94 -5.79 -15.26
CA TYR L 143 62.21 -6.50 -14.21
C TYR L 143 62.16 -7.97 -14.58
N GLN L 144 62.54 -8.84 -13.65
CA GLN L 144 62.54 -10.28 -13.87
C GLN L 144 61.23 -10.85 -13.36
N ALA L 145 60.39 -11.35 -14.27
CA ALA L 145 59.09 -11.91 -13.94
C ALA L 145 59.22 -13.43 -13.88
N GLU L 146 58.85 -14.02 -12.75
CA GLU L 146 58.79 -15.46 -12.66
C GLU L 146 57.62 -15.98 -13.47
N ILE L 147 57.86 -17.02 -14.27
CA ILE L 147 56.85 -17.64 -15.15
CA ILE L 147 56.72 -17.56 -15.00
C ILE L 147 56.49 -19.01 -14.60
N PRO L 148 55.22 -19.43 -14.57
CA PRO L 148 54.91 -20.84 -14.29
C PRO L 148 55.65 -21.74 -15.26
N ASP L 149 56.02 -22.92 -14.80
CA ASP L 149 56.63 -23.92 -15.65
C ASP L 149 55.50 -24.63 -16.38
N TYR L 150 55.47 -24.52 -17.71
CA TYR L 150 54.44 -25.19 -18.51
C TYR L 150 54.96 -26.44 -19.19
N ASP L 151 56.18 -26.88 -18.87
CA ASP L 151 56.74 -28.05 -19.52
C ASP L 151 55.92 -29.30 -19.21
N GLY L 152 55.51 -29.47 -17.95
CA GLY L 152 54.66 -30.59 -17.61
C GLY L 152 53.34 -30.56 -18.37
N TYR L 153 52.72 -29.37 -18.44
CA TYR L 153 51.49 -29.23 -19.22
C TYR L 153 51.74 -29.58 -20.68
N LEU L 154 52.85 -29.12 -21.26
CA LEU L 154 53.11 -29.38 -22.68
C LEU L 154 53.32 -30.85 -22.98
N LYS L 155 53.84 -31.61 -22.01
CA LYS L 155 54.11 -33.03 -22.18
C LYS L 155 53.02 -33.92 -21.58
N ARG L 156 51.85 -33.34 -21.28
CA ARG L 156 50.79 -34.08 -20.60
C ARG L 156 50.33 -35.28 -21.41
N ASN L 157 49.83 -36.30 -20.71
CA ASN L 157 49.21 -37.45 -21.38
CA ASN L 157 49.21 -37.45 -21.38
C ASN L 157 47.91 -37.02 -22.04
N ILE L 158 47.69 -37.47 -23.26
CA ILE L 158 46.48 -37.13 -24.01
C ILE L 158 45.52 -38.31 -23.87
N PRO L 159 44.31 -38.10 -23.37
CA PRO L 159 43.39 -39.23 -23.17
C PRO L 159 43.02 -39.89 -24.50
N GLU L 160 42.70 -41.19 -24.42
CA GLU L 160 42.40 -41.96 -25.62
C GLU L 160 40.98 -41.71 -26.14
N ALA L 161 40.09 -41.17 -25.32
CA ALA L 161 38.71 -40.91 -25.72
C ALA L 161 38.09 -39.80 -24.89
#